data_4FFG
#
_entry.id   4FFG
#
_cell.length_a   81.864
_cell.length_b   161.910
_cell.length_c   263.059
_cell.angle_alpha   90.000
_cell.angle_beta   90.000
_cell.angle_gamma   90.000
#
_symmetry.space_group_name_H-M   'P 21 21 21'
#
loop_
_entity.id
_entity.type
_entity.pdbx_description
1 polymer 'Levan fructotransferase'
2 branched beta-D-fructofuranose-(2-6)-beta-D-fructofuranose
3 non-polymer (1R,4R,5S,6S,7R,10R,11S,12S)-1,7-bis(hydroxymethyl)-2,8,13,14-tetraoxatricyclo[8.2.1.1~4,7~]tetradecane-5,6,11,12-tetrol
4 water water
#
_entity_poly.entity_id   1
_entity_poly.type   'polypeptide(L)'
_entity_poly.pdbx_seq_one_letter_code
;MAVYHMTPPSGWLCDPQRPVTTHGAYQLYYLHSDQNNGPGGWDHASTTDGVAFTHHGTVMPLRPDFPVWSGSAVVDTANT
AGFGAGAVVALATQPTDGVRKYQEQYLYWSTDGGFTFTALPDPVIVNTDGRAATTPAEIENAEWFRDPKIHWDTARGEWV
CVIGRLRYAAFYTSPNLRDWTLRRNFDYPNHALGGIECPDLFEITADDGTRHWVLAASMDAYGIGLPMTYAYWTGTWDGE
QFHADDLTPQWLDWGWDWYAAVTWPSIDAPETKRLAIAWMNNWKYAARDVPTDASDGYNGQNSIVRELRLARQPGGWYTL
LSTPVAALTNYVTATTTLPDRTVDGSAVLPWNGRAYEIELDIAWDTATNVGISVGRSPDGTRHTNIGKYGADLYVDRGPS
DLAGYSLAPYSRAAAPIDPGARSVHLRILVDTQSVEVFVNAGHTVLSQQVHFAEGDTGISLYTDGGPAHFTGIVVREIGQ
AILEHHHHHHHH
;
_entity_poly.pdbx_strand_id   A,B,C,D
#
# COMPACT_ATOMS: atom_id res chain seq x y z
N ALA A 2 1.42 -1.52 5.13
CA ALA A 2 1.04 -0.89 6.44
C ALA A 2 1.22 0.63 6.37
N VAL A 3 0.15 1.36 6.65
CA VAL A 3 0.17 2.80 6.62
C VAL A 3 0.98 3.43 7.76
N TYR A 4 0.79 2.94 8.98
CA TYR A 4 1.51 3.52 10.11
C TYR A 4 2.22 2.55 11.04
N HIS A 5 2.60 1.39 10.51
CA HIS A 5 3.34 0.40 11.30
C HIS A 5 4.67 0.22 10.60
N MET A 6 5.74 0.04 11.36
CA MET A 6 7.04 -0.14 10.77
C MET A 6 7.18 -1.47 10.06
N THR A 7 7.67 -1.42 8.83
CA THR A 7 7.92 -2.62 8.02
C THR A 7 9.31 -2.43 7.45
N PRO A 8 10.03 -3.54 7.20
CA PRO A 8 11.38 -3.40 6.64
C PRO A 8 11.27 -3.08 5.15
N PRO A 9 12.20 -2.29 4.61
CA PRO A 9 12.16 -1.94 3.19
C PRO A 9 11.93 -3.16 2.31
N SER A 10 12.60 -4.26 2.66
CA SER A 10 12.46 -5.50 1.92
C SER A 10 12.94 -6.63 2.81
N GLY A 11 12.56 -7.86 2.46
CA GLY A 11 12.99 -8.99 3.24
C GLY A 11 12.17 -9.37 4.45
N TRP A 12 12.77 -10.20 5.29
CA TRP A 12 12.16 -10.73 6.50
C TRP A 12 12.51 -9.97 7.78
N LEU A 13 11.46 -9.55 8.49
CA LEU A 13 11.59 -8.83 9.74
C LEU A 13 11.36 -9.77 10.91
N CYS A 14 12.11 -9.59 11.99
CA CYS A 14 11.96 -10.43 13.16
C CYS A 14 12.19 -9.62 14.43
N ASP A 15 12.53 -10.29 15.53
CA ASP A 15 12.76 -9.67 16.83
C ASP A 15 13.29 -8.23 16.87
N PRO A 16 12.64 -7.36 17.64
CA PRO A 16 13.11 -5.98 17.75
C PRO A 16 14.12 -5.98 18.88
N GLN A 17 14.99 -4.98 18.91
CA GLN A 17 16.00 -4.89 19.94
C GLN A 17 15.83 -3.57 20.69
N ARG A 18 16.09 -3.58 22.00
CA ARG A 18 15.97 -2.40 22.84
C ARG A 18 16.56 -1.16 22.18
N PRO A 19 15.71 -0.18 21.86
CA PRO A 19 16.17 1.06 21.22
C PRO A 19 17.08 1.84 22.17
N VAL A 20 18.03 2.59 21.61
CA VAL A 20 18.91 3.42 22.41
C VAL A 20 18.65 4.85 21.96
N THR A 21 18.80 5.82 22.85
CA THR A 21 18.55 7.18 22.44
C THR A 21 19.85 7.96 22.25
N THR A 22 20.07 8.40 21.02
CA THR A 22 21.26 9.15 20.62
C THR A 22 20.87 10.08 19.48
N HIS A 23 21.60 11.17 19.33
CA HIS A 23 21.32 12.14 18.27
C HIS A 23 19.87 12.59 18.36
N GLY A 24 19.37 12.71 19.59
CA GLY A 24 18.00 13.13 19.77
C GLY A 24 16.99 12.27 19.05
N ALA A 25 17.15 10.96 19.15
CA ALA A 25 16.22 10.03 18.50
C ALA A 25 16.37 8.64 19.11
N TYR A 26 15.45 7.76 18.77
CA TYR A 26 15.52 6.41 19.27
C TYR A 26 16.10 5.55 18.16
N GLN A 27 17.20 4.86 18.44
CA GLN A 27 17.82 4.01 17.46
C GLN A 27 17.27 2.60 17.69
N LEU A 28 16.46 2.13 16.75
CA LEU A 28 15.86 0.81 16.85
C LEU A 28 16.58 -0.21 16.00
N TYR A 29 16.92 -1.34 16.60
CA TYR A 29 17.58 -2.40 15.87
C TYR A 29 16.59 -3.55 15.81
N TYR A 30 16.70 -4.38 14.78
CA TYR A 30 15.81 -5.51 14.63
C TYR A 30 16.43 -6.58 13.77
N LEU A 31 16.05 -7.83 14.02
CA LEU A 31 16.56 -8.94 13.24
C LEU A 31 15.99 -8.87 11.84
N HIS A 32 16.85 -9.03 10.84
CA HIS A 32 16.42 -8.98 9.45
C HIS A 32 17.19 -10.00 8.61
N SER A 33 16.48 -10.67 7.72
CA SER A 33 17.08 -11.68 6.84
C SER A 33 16.62 -11.41 5.41
N ASP A 34 17.33 -11.95 4.43
CA ASP A 34 16.93 -11.74 3.06
C ASP A 34 15.86 -12.75 2.68
N GLN A 35 15.88 -13.91 3.32
CA GLN A 35 14.91 -14.97 3.07
C GLN A 35 14.03 -15.15 4.31
N ASN A 36 12.75 -15.43 4.10
CA ASN A 36 11.85 -15.61 5.23
C ASN A 36 12.36 -16.70 6.15
N ASN A 37 12.50 -16.34 7.42
CA ASN A 37 13.00 -17.25 8.45
C ASN A 37 14.39 -17.78 8.11
N GLY A 38 15.13 -17.01 7.34
CA GLY A 38 16.47 -17.43 6.97
C GLY A 38 17.48 -16.80 7.91
N PRO A 39 18.78 -17.09 7.75
CA PRO A 39 19.81 -16.50 8.61
C PRO A 39 19.97 -15.03 8.29
N GLY A 40 20.28 -14.22 9.31
CA GLY A 40 20.44 -12.80 9.08
C GLY A 40 21.17 -12.12 10.22
N GLY A 41 20.86 -10.83 10.44
CA GLY A 41 21.51 -10.10 11.52
C GLY A 41 20.69 -8.92 12.01
N TRP A 42 21.38 -7.87 12.44
CA TRP A 42 20.74 -6.68 12.96
C TRP A 42 20.66 -5.53 11.96
N ASP A 43 19.48 -4.96 11.79
CA ASP A 43 19.31 -3.82 10.90
C ASP A 43 19.00 -2.60 11.77
N HIS A 44 19.15 -1.42 11.18
CA HIS A 44 18.96 -0.18 11.91
C HIS A 44 17.88 0.75 11.37
N ALA A 45 17.11 1.32 12.28
CA ALA A 45 16.06 2.27 11.94
C ALA A 45 15.97 3.24 13.09
N SER A 46 15.75 4.51 12.79
CA SER A 46 15.63 5.51 13.83
C SER A 46 14.28 6.22 13.76
N THR A 47 13.82 6.69 14.92
CA THR A 47 12.56 7.39 15.01
C THR A 47 12.67 8.46 16.07
N THR A 48 12.10 9.62 15.81
CA THR A 48 12.14 10.71 16.79
C THR A 48 10.85 10.79 17.59
N ASP A 49 9.77 10.22 17.06
CA ASP A 49 8.49 10.27 17.77
C ASP A 49 7.89 8.91 18.10
N GLY A 50 8.50 7.83 17.61
CA GLY A 50 7.98 6.51 17.90
C GLY A 50 6.91 6.04 16.92
N VAL A 51 6.67 6.83 15.88
CA VAL A 51 5.68 6.49 14.87
C VAL A 51 6.33 6.28 13.50
N ALA A 52 7.05 7.29 13.03
CA ALA A 52 7.72 7.22 11.74
C ALA A 52 9.15 6.73 11.91
N PHE A 53 9.56 5.79 11.06
CA PHE A 53 10.89 5.21 11.10
C PHE A 53 11.72 5.45 9.85
N THR A 54 13.01 5.72 10.04
CA THR A 54 13.93 5.94 8.94
C THR A 54 14.91 4.77 8.96
N HIS A 55 14.85 3.91 7.96
CA HIS A 55 15.73 2.76 7.92
C HIS A 55 17.12 3.11 7.42
N HIS A 56 18.13 2.50 8.03
CA HIS A 56 19.52 2.75 7.69
C HIS A 56 20.32 1.54 7.23
N GLY A 57 19.67 0.38 7.15
CA GLY A 57 20.37 -0.80 6.69
C GLY A 57 20.98 -1.66 7.79
N THR A 58 21.89 -2.53 7.38
CA THR A 58 22.55 -3.45 8.30
C THR A 58 23.69 -2.82 9.10
N VAL A 59 23.73 -3.13 10.39
CA VAL A 59 24.77 -2.63 11.29
C VAL A 59 25.57 -3.81 11.82
N MET A 60 24.90 -4.94 12.00
CA MET A 60 25.55 -6.16 12.48
C MET A 60 25.14 -7.27 11.52
N PRO A 61 25.86 -7.37 10.40
CA PRO A 61 25.66 -8.33 9.32
C PRO A 61 25.81 -9.80 9.62
N LEU A 62 25.10 -10.60 8.83
CA LEU A 62 25.16 -12.04 8.92
C LEU A 62 26.52 -12.38 8.30
N ARG A 63 27.19 -13.38 8.87
CA ARG A 63 28.46 -13.80 8.33
C ARG A 63 28.42 -15.31 8.16
N PRO A 64 29.16 -15.85 7.18
CA PRO A 64 29.19 -17.29 6.91
C PRO A 64 29.01 -18.14 8.15
N ASP A 65 27.90 -18.89 8.20
CA ASP A 65 27.62 -19.75 9.34
C ASP A 65 27.76 -19.04 10.67
N PHE A 66 27.51 -17.73 10.66
CA PHE A 66 27.62 -16.94 11.87
C PHE A 66 26.54 -15.86 11.87
N PRO A 67 25.27 -16.25 12.08
CA PRO A 67 24.17 -15.29 12.10
C PRO A 67 24.11 -14.54 13.42
N VAL A 68 23.44 -13.41 13.43
CA VAL A 68 23.31 -12.63 14.65
C VAL A 68 21.88 -12.79 15.16
N TRP A 69 21.74 -13.26 16.40
CA TRP A 69 20.44 -13.43 16.99
C TRP A 69 20.16 -12.23 17.88
N SER A 70 19.07 -12.29 18.66
CA SER A 70 18.71 -11.17 19.52
C SER A 70 19.62 -10.93 20.71
N GLY A 71 19.55 -9.70 21.22
CA GLY A 71 20.34 -9.28 22.37
C GLY A 71 19.79 -7.95 22.85
N SER A 72 20.65 -6.96 23.01
CA SER A 72 20.22 -5.63 23.44
C SER A 72 21.40 -4.66 23.37
N ALA A 73 21.10 -3.36 23.33
CA ALA A 73 22.13 -2.33 23.25
C ALA A 73 21.92 -1.24 24.28
N VAL A 74 23.03 -0.74 24.84
CA VAL A 74 23.00 0.30 25.86
C VAL A 74 24.03 1.39 25.57
N VAL A 75 23.78 2.58 26.08
CA VAL A 75 24.70 3.70 25.90
C VAL A 75 25.64 3.78 27.11
N ASP A 76 26.93 3.52 26.89
CA ASP A 76 27.88 3.56 27.98
C ASP A 76 28.31 4.99 28.23
N THR A 77 27.45 5.76 28.87
CA THR A 77 27.72 7.17 29.15
C THR A 77 29.02 7.41 29.91
N ALA A 78 29.22 6.66 30.99
CA ALA A 78 30.41 6.83 31.81
C ALA A 78 31.65 6.13 31.27
N ASN A 79 31.55 5.55 30.08
CA ASN A 79 32.67 4.85 29.47
C ASN A 79 33.19 3.75 30.38
N THR A 80 32.28 2.98 30.96
CA THR A 80 32.62 1.89 31.86
C THR A 80 33.32 0.74 31.14
N ALA A 81 32.98 0.55 29.88
CA ALA A 81 33.56 -0.53 29.09
C ALA A 81 34.89 -0.15 28.45
N GLY A 82 35.18 1.14 28.41
CA GLY A 82 36.44 1.59 27.86
C GLY A 82 36.49 1.79 26.35
N PHE A 83 35.34 1.96 25.71
CA PHE A 83 35.31 2.17 24.27
C PHE A 83 35.05 3.64 23.99
N GLY A 84 35.07 4.43 25.05
CA GLY A 84 34.82 5.86 24.93
C GLY A 84 33.48 6.22 25.54
N ALA A 85 33.43 7.36 26.22
CA ALA A 85 32.20 7.80 26.85
C ALA A 85 31.11 8.04 25.81
N GLY A 86 29.89 7.61 26.13
CA GLY A 86 28.77 7.79 25.22
C GLY A 86 28.70 6.76 24.11
N ALA A 87 29.57 5.75 24.19
CA ALA A 87 29.62 4.70 23.18
C ALA A 87 28.43 3.75 23.30
N VAL A 88 27.93 3.27 22.16
CA VAL A 88 26.83 2.33 22.18
C VAL A 88 27.41 0.93 22.17
N VAL A 89 27.06 0.13 23.17
CA VAL A 89 27.54 -1.22 23.28
C VAL A 89 26.39 -2.20 23.18
N ALA A 90 26.57 -3.25 22.40
CA ALA A 90 25.51 -4.24 22.25
C ALA A 90 26.02 -5.65 22.43
N LEU A 91 25.18 -6.52 22.99
CA LEU A 91 25.52 -7.91 23.17
C LEU A 91 24.48 -8.68 22.38
N ALA A 92 24.91 -9.76 21.73
CA ALA A 92 23.98 -10.55 20.95
C ALA A 92 24.45 -11.99 20.92
N THR A 93 23.48 -12.90 20.82
CA THR A 93 23.78 -14.32 20.78
C THR A 93 24.10 -14.75 19.35
N GLN A 94 25.13 -15.57 19.21
CA GLN A 94 25.53 -16.07 17.90
C GLN A 94 26.01 -17.50 18.05
N PRO A 95 25.67 -18.38 17.11
CA PRO A 95 26.12 -19.77 17.22
C PRO A 95 27.56 -19.93 16.74
N THR A 96 28.50 -19.94 17.69
CA THR A 96 29.92 -20.09 17.37
C THR A 96 30.13 -21.35 16.55
N ASP A 97 30.97 -21.26 15.52
CA ASP A 97 31.24 -22.39 14.64
C ASP A 97 29.94 -22.91 14.05
N GLY A 98 28.93 -22.05 13.99
CA GLY A 98 27.65 -22.47 13.46
C GLY A 98 27.02 -23.57 14.30
N VAL A 99 27.59 -23.84 15.47
CA VAL A 99 27.09 -24.87 16.35
C VAL A 99 26.02 -24.28 17.26
N ARG A 100 24.82 -24.88 17.23
CA ARG A 100 23.73 -24.39 18.04
C ARG A 100 24.01 -24.48 19.53
N LYS A 101 24.63 -25.57 19.98
CA LYS A 101 24.93 -25.73 21.38
C LYS A 101 26.06 -24.83 21.87
N TYR A 102 26.62 -24.05 20.94
CA TYR A 102 27.70 -23.12 21.26
C TYR A 102 27.20 -21.67 21.23
N GLN A 103 25.89 -21.49 21.18
CA GLN A 103 25.36 -20.13 21.14
C GLN A 103 25.79 -19.40 22.41
N GLU A 104 26.41 -18.24 22.22
CA GLU A 104 26.88 -17.45 23.34
C GLU A 104 26.83 -15.96 23.03
N GLN A 105 27.22 -15.13 23.99
CA GLN A 105 27.13 -13.70 23.84
C GLN A 105 28.33 -12.95 23.31
N TYR A 106 28.14 -12.30 22.17
CA TYR A 106 29.18 -11.52 21.52
C TYR A 106 28.91 -10.02 21.68
N LEU A 107 29.97 -9.27 21.91
CA LEU A 107 29.86 -7.83 22.09
C LEU A 107 30.24 -7.05 20.84
N TYR A 108 29.44 -6.04 20.53
CA TYR A 108 29.66 -5.16 19.39
C TYR A 108 29.61 -3.76 19.97
N TRP A 109 30.37 -2.81 19.41
CA TRP A 109 30.33 -1.46 19.92
C TRP A 109 30.39 -0.40 18.83
N SER A 110 29.81 0.75 19.12
CA SER A 110 29.77 1.86 18.18
C SER A 110 30.18 3.15 18.85
N THR A 111 30.87 4.01 18.12
CA THR A 111 31.31 5.29 18.67
C THR A 111 30.72 6.44 17.85
N ASP A 112 29.65 6.16 17.12
CA ASP A 112 29.00 7.19 16.32
C ASP A 112 27.49 7.19 16.54
N GLY A 113 27.10 7.08 17.80
CA GLY A 113 25.68 7.09 18.13
C GLY A 113 24.93 5.83 17.79
N GLY A 114 25.63 4.81 17.28
CA GLY A 114 24.98 3.57 16.96
C GLY A 114 24.63 3.37 15.50
N PHE A 115 25.42 3.94 14.59
CA PHE A 115 25.18 3.79 13.17
C PHE A 115 26.11 2.77 12.52
N THR A 116 27.26 2.54 13.14
CA THR A 116 28.23 1.56 12.64
C THR A 116 28.82 0.85 13.84
N PHE A 117 28.95 -0.46 13.74
CA PHE A 117 29.46 -1.26 14.84
C PHE A 117 30.71 -2.07 14.50
N THR A 118 31.56 -2.25 15.50
CA THR A 118 32.77 -3.04 15.38
C THR A 118 32.58 -4.24 16.30
N ALA A 119 32.98 -5.42 15.85
CA ALA A 119 32.81 -6.62 16.64
C ALA A 119 34.00 -6.97 17.51
N LEU A 120 33.72 -7.40 18.73
CA LEU A 120 34.77 -7.82 19.65
C LEU A 120 34.87 -9.31 19.37
N PRO A 121 35.93 -9.71 18.68
CA PRO A 121 36.20 -11.11 18.30
C PRO A 121 35.88 -12.22 19.30
N ASP A 122 36.15 -12.00 20.58
CA ASP A 122 35.88 -13.02 21.59
C ASP A 122 34.62 -12.77 22.41
N PRO A 123 33.75 -13.78 22.53
CA PRO A 123 32.50 -13.65 23.29
C PRO A 123 32.73 -13.29 24.77
N VAL A 124 31.96 -12.32 25.25
CA VAL A 124 32.06 -11.85 26.64
C VAL A 124 31.40 -12.79 27.66
N ILE A 125 30.48 -13.62 27.20
CA ILE A 125 29.82 -14.58 28.07
C ILE A 125 29.80 -15.88 27.26
N VAL A 126 30.62 -16.83 27.69
CA VAL A 126 30.76 -18.11 27.00
C VAL A 126 29.82 -19.22 27.44
N ASN A 127 29.30 -19.95 26.47
CA ASN A 127 28.40 -21.05 26.73
C ASN A 127 29.21 -22.28 27.11
N THR A 128 29.56 -22.38 28.39
CA THR A 128 30.35 -23.50 28.87
C THR A 128 29.56 -24.80 28.94
N ASP A 129 28.24 -24.71 29.02
CA ASP A 129 27.40 -25.91 29.06
C ASP A 129 27.49 -26.62 27.71
N GLY A 130 27.62 -25.84 26.65
CA GLY A 130 27.70 -26.41 25.32
C GLY A 130 28.96 -27.20 25.05
N ARG A 131 30.03 -26.88 25.77
CA ARG A 131 31.29 -27.59 25.57
C ARG A 131 31.39 -28.83 26.43
N ALA A 132 30.66 -28.86 27.54
CA ALA A 132 30.69 -30.01 28.45
C ALA A 132 29.47 -30.91 28.30
N ALA A 133 28.51 -30.48 27.50
CA ALA A 133 27.28 -31.26 27.29
C ALA A 133 27.59 -32.60 26.65
N THR A 134 26.68 -33.55 26.83
CA THR A 134 26.84 -34.88 26.26
C THR A 134 25.50 -35.62 26.14
N THR A 135 24.73 -35.65 27.22
CA THR A 135 23.42 -36.32 27.21
C THR A 135 22.43 -35.46 26.43
N PRO A 136 21.32 -36.06 25.97
CA PRO A 136 20.31 -35.29 25.22
C PRO A 136 19.80 -34.08 25.99
N ALA A 137 19.66 -34.22 27.30
CA ALA A 137 19.18 -33.12 28.13
C ALA A 137 20.20 -31.98 28.19
N GLU A 138 21.46 -32.32 28.40
CA GLU A 138 22.51 -31.31 28.47
C GLU A 138 22.58 -30.50 27.18
N ILE A 139 22.45 -31.18 26.04
CA ILE A 139 22.50 -30.53 24.74
C ILE A 139 21.34 -29.54 24.60
N GLU A 140 20.13 -30.00 24.92
CA GLU A 140 18.94 -29.18 24.83
C GLU A 140 19.08 -27.93 25.69
N ASN A 141 19.68 -28.09 26.87
CA ASN A 141 19.89 -26.99 27.79
C ASN A 141 20.93 -26.02 27.27
N ALA A 142 21.96 -26.56 26.63
CA ALA A 142 23.01 -25.72 26.08
C ALA A 142 22.52 -25.02 24.82
N GLU A 143 21.47 -25.55 24.20
CA GLU A 143 20.94 -24.95 23.00
C GLU A 143 19.89 -23.86 23.27
N TRP A 144 19.81 -23.44 24.53
CA TRP A 144 18.89 -22.37 24.93
C TRP A 144 19.64 -21.48 25.92
N PHE A 145 20.44 -20.58 25.36
CA PHE A 145 21.26 -19.65 26.13
C PHE A 145 21.37 -18.40 25.25
N ARG A 146 20.29 -17.64 25.17
CA ARG A 146 20.26 -16.47 24.28
C ARG A 146 19.48 -15.23 24.73
N ASP A 147 19.52 -14.21 23.86
CA ASP A 147 18.84 -12.94 24.01
C ASP A 147 19.19 -12.13 25.26
N PRO A 148 20.44 -11.71 25.39
CA PRO A 148 20.85 -10.93 26.56
C PRO A 148 20.30 -9.50 26.62
N LYS A 149 19.73 -9.17 27.77
CA LYS A 149 19.16 -7.85 28.02
C LYS A 149 20.00 -7.16 29.10
N ILE A 150 20.62 -6.05 28.73
CA ILE A 150 21.49 -5.30 29.63
C ILE A 150 20.74 -4.20 30.34
N HIS A 151 21.07 -4.00 31.60
CA HIS A 151 20.44 -2.97 32.42
C HIS A 151 21.42 -2.41 33.42
N TRP A 152 21.42 -1.09 33.58
CA TRP A 152 22.32 -0.49 34.54
C TRP A 152 21.66 -0.39 35.92
N ASP A 153 22.17 -1.19 36.85
CA ASP A 153 21.67 -1.21 38.22
C ASP A 153 22.27 -0.01 38.92
N THR A 154 21.60 1.12 38.80
CA THR A 154 22.06 2.37 39.39
C THR A 154 22.42 2.28 40.86
N ALA A 155 21.60 1.56 41.62
CA ALA A 155 21.81 1.41 43.05
C ALA A 155 23.12 0.74 43.42
N ARG A 156 23.58 -0.18 42.59
CA ARG A 156 24.83 -0.90 42.86
C ARG A 156 26.00 -0.44 42.00
N GLY A 157 25.73 0.46 41.05
CA GLY A 157 26.79 0.97 40.19
C GLY A 157 27.45 -0.10 39.34
N GLU A 158 26.65 -0.99 38.76
CA GLU A 158 27.20 -2.06 37.93
C GLU A 158 26.16 -2.49 36.91
N TRP A 159 26.60 -3.28 35.93
CA TRP A 159 25.69 -3.77 34.90
C TRP A 159 25.16 -5.14 35.25
N VAL A 160 23.90 -5.37 34.90
CA VAL A 160 23.25 -6.66 35.14
C VAL A 160 22.63 -7.10 33.82
N CYS A 161 22.84 -8.36 33.47
CA CYS A 161 22.34 -8.90 32.21
C CYS A 161 21.54 -10.18 32.45
N VAL A 162 20.38 -10.28 31.83
CA VAL A 162 19.56 -11.48 31.98
C VAL A 162 19.55 -12.22 30.66
N ILE A 163 19.71 -13.54 30.71
CA ILE A 163 19.75 -14.35 29.51
C ILE A 163 18.68 -15.43 29.56
N GLY A 164 17.95 -15.56 28.47
CA GLY A 164 16.89 -16.55 28.41
C GLY A 164 17.40 -17.97 28.29
N ARG A 165 16.75 -18.90 28.98
CA ARG A 165 17.13 -20.30 28.93
C ARG A 165 15.86 -21.14 28.89
N LEU A 166 16.01 -22.46 28.94
CA LEU A 166 14.84 -23.33 28.88
C LEU A 166 14.06 -23.36 30.20
N ARG A 167 12.92 -22.66 30.22
CA ARG A 167 12.06 -22.59 31.39
C ARG A 167 12.69 -21.95 32.63
N TYR A 168 13.67 -21.09 32.40
CA TYR A 168 14.33 -20.38 33.50
C TYR A 168 15.20 -19.26 32.94
N ALA A 169 15.58 -18.32 33.80
CA ALA A 169 16.40 -17.21 33.36
C ALA A 169 17.73 -17.17 34.11
N ALA A 170 18.78 -16.75 33.44
CA ALA A 170 20.11 -16.67 34.04
C ALA A 170 20.53 -15.22 34.14
N PHE A 171 21.29 -14.90 35.19
CA PHE A 171 21.76 -13.54 35.42
C PHE A 171 23.28 -13.41 35.56
N TYR A 172 23.80 -12.28 35.10
CA TYR A 172 25.23 -11.98 35.15
C TYR A 172 25.43 -10.51 35.51
N THR A 173 26.49 -10.20 36.25
CA THR A 173 26.80 -8.82 36.60
C THR A 173 28.17 -8.46 36.06
N SER A 174 28.40 -7.17 35.81
CA SER A 174 29.68 -6.71 35.27
C SER A 174 29.91 -5.22 35.46
N PRO A 175 31.16 -4.82 35.65
CA PRO A 175 31.47 -3.40 35.84
C PRO A 175 31.88 -2.72 34.53
N ASN A 176 32.14 -3.52 33.50
CA ASN A 176 32.60 -2.97 32.23
C ASN A 176 31.95 -3.55 30.98
N LEU A 177 30.89 -4.34 31.16
CA LEU A 177 30.18 -4.98 30.04
C LEU A 177 31.02 -6.05 29.35
N ARG A 178 32.26 -6.22 29.80
CA ARG A 178 33.15 -7.22 29.21
C ARG A 178 33.38 -8.43 30.12
N ASP A 179 33.62 -8.18 31.39
CA ASP A 179 33.86 -9.26 32.34
C ASP A 179 32.61 -9.53 33.16
N TRP A 180 31.96 -10.65 32.89
CA TRP A 180 30.73 -11.00 33.59
C TRP A 180 30.85 -12.10 34.63
N THR A 181 30.05 -11.98 35.68
CA THR A 181 30.04 -12.94 36.77
C THR A 181 28.64 -13.57 36.91
N LEU A 182 28.59 -14.90 36.88
CA LEU A 182 27.36 -15.64 36.99
C LEU A 182 26.65 -15.42 38.32
N ARG A 183 25.32 -15.32 38.27
CA ARG A 183 24.52 -15.12 39.47
C ARG A 183 23.49 -16.24 39.64
N ARG A 184 22.47 -15.99 40.45
CA ARG A 184 21.45 -17.01 40.68
C ARG A 184 20.32 -16.95 39.67
N ASN A 185 19.91 -18.11 39.18
CA ASN A 185 18.85 -18.21 38.19
C ASN A 185 17.49 -17.81 38.75
N PHE A 186 16.56 -17.55 37.83
CA PHE A 186 15.20 -17.22 38.24
C PHE A 186 14.35 -18.38 37.78
N ASP A 187 13.68 -19.03 38.72
CA ASP A 187 12.81 -20.15 38.39
C ASP A 187 11.37 -19.83 38.73
N TYR A 188 10.46 -20.31 37.90
CA TYR A 188 9.04 -20.11 38.10
C TYR A 188 8.37 -21.47 38.00
N PRO A 189 7.35 -21.72 38.83
CA PRO A 189 6.58 -22.97 38.92
C PRO A 189 5.68 -23.49 37.80
N ASN A 190 5.21 -22.64 36.90
CA ASN A 190 4.30 -23.15 35.88
C ASN A 190 4.91 -23.21 34.47
N HIS A 191 5.77 -24.20 34.25
CA HIS A 191 6.45 -24.38 32.96
C HIS A 191 5.53 -24.56 31.75
N ALA A 192 4.23 -24.73 31.99
CA ALA A 192 3.29 -24.86 30.88
C ALA A 192 3.18 -23.45 30.28
N LEU A 193 3.74 -22.48 31.00
CA LEU A 193 3.77 -21.08 30.58
C LEU A 193 4.89 -21.04 29.57
N GLY A 194 5.73 -22.07 29.65
CA GLY A 194 6.88 -22.22 28.78
C GLY A 194 7.71 -20.96 28.73
N GLY A 195 8.51 -20.86 27.68
CA GLY A 195 9.30 -19.66 27.48
C GLY A 195 10.67 -19.36 28.01
N ILE A 196 10.89 -18.06 27.94
CA ILE A 196 12.06 -17.29 28.30
C ILE A 196 12.92 -17.00 27.08
N GLU A 197 12.36 -16.18 26.20
CA GLU A 197 13.03 -15.72 25.01
C GLU A 197 12.90 -14.21 25.11
N CYS A 198 13.92 -13.50 24.68
CA CYS A 198 13.90 -12.05 24.72
C CYS A 198 13.48 -11.53 26.10
N PRO A 199 14.23 -11.91 27.14
CA PRO A 199 13.86 -11.44 28.49
C PRO A 199 14.04 -9.94 28.59
N ASP A 200 13.41 -9.34 29.59
CA ASP A 200 13.52 -7.91 29.79
C ASP A 200 13.73 -7.71 31.28
N LEU A 201 14.52 -6.71 31.61
CA LEU A 201 14.81 -6.40 33.01
C LEU A 201 14.95 -4.90 33.09
N PHE A 202 14.18 -4.26 33.96
CA PHE A 202 14.27 -2.82 34.09
C PHE A 202 13.69 -2.30 35.41
N GLU A 203 13.93 -1.02 35.66
CA GLU A 203 13.44 -0.34 36.84
C GLU A 203 12.44 0.74 36.43
N ILE A 204 11.38 0.88 37.20
CA ILE A 204 10.37 1.88 36.89
C ILE A 204 9.71 2.40 38.17
N THR A 205 9.37 3.67 38.18
CA THR A 205 8.72 4.29 39.31
C THR A 205 7.21 4.26 39.10
N ALA A 206 6.48 3.78 40.10
CA ALA A 206 5.02 3.70 40.02
C ALA A 206 4.36 5.05 40.24
N ASP A 207 3.04 5.10 40.09
CA ASP A 207 2.31 6.35 40.27
C ASP A 207 2.27 6.83 41.71
N ASP A 208 2.74 5.99 42.63
CA ASP A 208 2.79 6.39 44.03
C ASP A 208 4.20 6.82 44.38
N GLY A 209 5.07 6.84 43.38
CA GLY A 209 6.44 7.23 43.61
C GLY A 209 7.40 6.12 44.00
N THR A 210 6.89 4.93 44.28
CA THR A 210 7.78 3.83 44.66
C THR A 210 8.52 3.24 43.46
N ARG A 211 9.74 2.79 43.71
CA ARG A 211 10.62 2.23 42.68
C ARG A 211 10.47 0.71 42.65
N HIS A 212 10.41 0.15 41.45
CA HIS A 212 10.24 -1.29 41.30
C HIS A 212 11.04 -1.89 40.15
N TRP A 213 11.37 -3.18 40.29
CA TRP A 213 12.07 -3.91 39.26
C TRP A 213 11.06 -4.78 38.50
N VAL A 214 11.30 -4.99 37.22
CA VAL A 214 10.42 -5.83 36.43
C VAL A 214 11.23 -6.78 35.57
N LEU A 215 10.87 -8.06 35.63
CA LEU A 215 11.49 -9.09 34.83
C LEU A 215 10.39 -9.63 33.95
N ALA A 216 10.64 -9.67 32.64
CA ALA A 216 9.64 -10.14 31.70
C ALA A 216 10.25 -10.97 30.59
N ALA A 217 9.40 -11.56 29.76
CA ALA A 217 9.89 -12.38 28.66
C ALA A 217 8.77 -12.80 27.71
N SER A 218 9.16 -13.24 26.52
CA SER A 218 8.20 -13.73 25.54
C SER A 218 7.90 -15.17 25.93
N MET A 219 6.63 -15.52 25.95
CA MET A 219 6.19 -16.85 26.36
C MET A 219 5.34 -17.62 25.36
N ASP A 220 4.92 -18.80 25.78
CA ASP A 220 4.06 -19.67 24.98
C ASP A 220 3.18 -20.50 25.91
N ALA A 221 2.08 -19.90 26.36
CA ALA A 221 1.17 -20.57 27.27
C ALA A 221 -0.14 -21.02 26.62
N TYR A 222 -0.14 -21.09 25.28
CA TYR A 222 -1.33 -21.48 24.54
C TYR A 222 -1.95 -22.76 25.10
N GLY A 223 -1.10 -23.68 25.54
CA GLY A 223 -1.57 -24.94 26.09
C GLY A 223 -2.51 -24.82 27.26
N ILE A 224 -2.26 -23.85 28.13
CA ILE A 224 -3.12 -23.67 29.28
C ILE A 224 -4.01 -22.45 29.15
N GLY A 225 -4.33 -22.11 27.91
CA GLY A 225 -5.21 -20.98 27.64
C GLY A 225 -4.70 -19.59 27.95
N LEU A 226 -3.38 -19.41 27.97
CA LEU A 226 -2.82 -18.09 28.23
C LEU A 226 -2.08 -17.63 26.98
N PRO A 227 -1.72 -16.34 26.91
CA PRO A 227 -1.02 -15.78 25.74
C PRO A 227 0.33 -16.37 25.35
N MET A 228 0.79 -15.97 24.16
CA MET A 228 2.06 -16.39 23.62
C MET A 228 2.74 -15.05 23.35
N THR A 229 2.57 -14.12 24.28
CA THR A 229 3.13 -12.78 24.13
C THR A 229 4.19 -12.39 25.14
N TYR A 230 3.88 -11.41 26.00
CA TYR A 230 4.84 -10.90 26.97
C TYR A 230 4.31 -10.98 28.41
N ALA A 231 4.98 -11.79 29.24
CA ALA A 231 4.58 -11.96 30.64
C ALA A 231 5.65 -11.33 31.53
N TYR A 232 5.22 -10.72 32.63
CA TYR A 232 6.18 -10.08 33.51
C TYR A 232 5.94 -10.30 34.99
N TRP A 233 7.03 -10.25 35.74
CA TRP A 233 7.01 -10.41 37.19
C TRP A 233 7.58 -9.13 37.80
N THR A 234 6.82 -8.44 38.64
CA THR A 234 7.38 -7.26 39.28
C THR A 234 8.17 -7.84 40.45
N GLY A 235 9.14 -7.09 40.96
CA GLY A 235 9.91 -7.58 42.08
C GLY A 235 11.14 -6.74 42.34
N THR A 236 12.23 -7.40 42.70
CA THR A 236 13.47 -6.68 42.97
C THR A 236 14.71 -7.52 42.71
N TRP A 237 15.77 -6.84 42.29
CA TRP A 237 17.05 -7.49 42.00
C TRP A 237 18.05 -6.96 43.02
N ASP A 238 18.62 -7.85 43.83
CA ASP A 238 19.57 -7.46 44.86
C ASP A 238 21.04 -7.58 44.48
N GLY A 239 21.31 -8.00 43.25
CA GLY A 239 22.69 -8.15 42.82
C GLY A 239 23.11 -9.60 42.74
N GLU A 240 22.29 -10.47 43.31
CA GLU A 240 22.57 -11.90 43.30
C GLU A 240 21.42 -12.67 42.68
N GLN A 241 20.20 -12.24 42.94
CA GLN A 241 19.04 -12.91 42.38
C GLN A 241 17.82 -12.00 42.29
N PHE A 242 16.83 -12.43 41.52
CA PHE A 242 15.60 -11.66 41.36
C PHE A 242 14.51 -12.24 42.26
N HIS A 243 13.89 -11.35 43.03
CA HIS A 243 12.81 -11.75 43.94
C HIS A 243 11.48 -11.28 43.38
N ALA A 244 10.69 -12.19 42.85
CA ALA A 244 9.39 -11.84 42.30
C ALA A 244 8.37 -11.63 43.40
N ASP A 245 7.55 -10.59 43.27
CA ASP A 245 6.52 -10.31 44.27
C ASP A 245 5.50 -11.44 44.24
N ASP A 246 5.31 -12.03 43.05
CA ASP A 246 4.35 -13.12 42.85
C ASP A 246 4.87 -13.97 41.70
N LEU A 247 5.02 -15.28 41.92
CA LEU A 247 5.55 -16.16 40.88
C LEU A 247 4.63 -16.35 39.67
N THR A 248 3.35 -16.02 39.83
CA THR A 248 2.39 -16.10 38.72
C THR A 248 2.51 -14.76 37.99
N PRO A 249 3.07 -14.79 36.77
CA PRO A 249 3.26 -13.58 35.97
C PRO A 249 1.99 -12.88 35.47
N GLN A 250 2.14 -11.61 35.12
CA GLN A 250 1.05 -10.82 34.59
C GLN A 250 1.26 -10.70 33.08
N TRP A 251 0.22 -10.38 32.33
CA TRP A 251 0.38 -10.29 30.89
C TRP A 251 0.17 -8.91 30.30
N LEU A 252 1.01 -8.59 29.31
CA LEU A 252 0.97 -7.30 28.65
C LEU A 252 0.11 -7.30 27.38
N ASP A 253 -0.14 -8.47 26.80
CA ASP A 253 -0.97 -8.54 25.61
C ASP A 253 -1.68 -9.88 25.55
N TRP A 254 -2.94 -9.89 25.12
CA TRP A 254 -3.71 -11.12 25.02
C TRP A 254 -4.02 -11.49 23.57
N GLY A 255 -3.45 -10.74 22.63
CA GLY A 255 -3.65 -11.01 21.23
C GLY A 255 -2.77 -12.14 20.72
N TRP A 256 -2.82 -12.39 19.41
CA TRP A 256 -2.02 -13.45 18.80
C TRP A 256 -0.61 -13.03 18.41
N ASP A 257 -0.45 -11.76 18.03
CA ASP A 257 0.84 -11.27 17.55
C ASP A 257 1.46 -10.07 18.25
N TRP A 258 2.24 -10.34 19.28
CA TRP A 258 2.95 -9.32 20.02
C TRP A 258 4.08 -10.11 20.66
N TYR A 259 5.02 -10.53 19.82
CA TYR A 259 6.13 -11.35 20.28
C TYR A 259 7.48 -10.67 20.33
N ALA A 260 8.37 -11.20 21.15
CA ALA A 260 9.72 -10.68 21.32
C ALA A 260 9.73 -9.19 21.66
N ALA A 261 8.65 -8.71 22.29
CA ALA A 261 8.54 -7.31 22.67
C ALA A 261 9.72 -6.80 23.47
N VAL A 262 10.01 -5.52 23.36
CA VAL A 262 11.08 -4.91 24.13
C VAL A 262 10.62 -3.54 24.63
N THR A 263 11.17 -3.11 25.77
CA THR A 263 10.80 -1.82 26.34
C THR A 263 12.04 -0.95 26.50
N TRP A 264 11.83 0.36 26.55
CA TRP A 264 12.93 1.30 26.72
C TRP A 264 12.40 2.60 27.30
N PRO A 265 13.24 3.31 28.06
CA PRO A 265 12.87 4.58 28.70
C PRO A 265 12.46 5.66 27.70
N SER A 266 11.40 6.39 28.03
CA SER A 266 10.96 7.48 27.18
C SER A 266 11.98 8.59 27.37
N ILE A 267 12.18 9.41 26.35
CA ILE A 267 13.13 10.49 26.43
C ILE A 267 12.65 11.58 27.39
N ASP A 268 11.34 11.75 27.49
CA ASP A 268 10.75 12.77 28.34
C ASP A 268 10.53 12.44 29.82
N ALA A 269 10.41 11.16 30.16
CA ALA A 269 10.21 10.74 31.55
C ALA A 269 10.68 9.30 31.68
N PRO A 270 12.00 9.09 31.56
CA PRO A 270 12.62 7.77 31.65
C PRO A 270 12.34 6.93 32.88
N GLU A 271 12.00 7.56 33.99
CA GLU A 271 11.74 6.84 35.23
C GLU A 271 10.29 6.35 35.40
N THR A 272 9.35 7.08 34.84
CA THR A 272 7.94 6.72 34.99
C THR A 272 7.25 6.22 33.73
N LYS A 273 7.76 6.64 32.58
CA LYS A 273 7.17 6.25 31.32
C LYS A 273 8.11 5.50 30.39
N ARG A 274 7.77 4.27 30.07
CA ARG A 274 8.59 3.49 29.15
C ARG A 274 7.83 3.32 27.84
N LEU A 275 8.57 3.10 26.77
CA LEU A 275 7.96 2.87 25.45
C LEU A 275 8.18 1.39 25.12
N ALA A 276 7.29 0.81 24.33
CA ALA A 276 7.44 -0.59 23.99
C ALA A 276 6.97 -0.89 22.58
N ILE A 277 7.65 -1.83 21.94
CA ILE A 277 7.29 -2.26 20.61
C ILE A 277 7.54 -3.76 20.50
N ALA A 278 6.80 -4.43 19.63
CA ALA A 278 6.95 -5.87 19.46
C ALA A 278 6.79 -6.31 18.01
N TRP A 279 7.26 -7.51 17.72
CA TRP A 279 7.16 -8.09 16.40
C TRP A 279 5.73 -8.63 16.29
N MET A 280 4.99 -8.20 15.29
CA MET A 280 3.62 -8.69 15.13
C MET A 280 3.58 -10.01 14.36
N ASN A 281 3.93 -11.09 15.05
CA ASN A 281 3.91 -12.41 14.46
C ASN A 281 3.87 -13.44 15.57
N ASN A 282 3.74 -14.70 15.19
CA ASN A 282 3.69 -15.80 16.13
C ASN A 282 4.38 -16.97 15.45
N TRP A 283 5.25 -17.67 16.16
CA TRP A 283 5.97 -18.78 15.54
C TRP A 283 5.09 -19.97 15.15
N LYS A 284 3.84 -19.96 15.57
CA LYS A 284 2.94 -21.03 15.20
C LYS A 284 2.76 -20.95 13.69
N TYR A 285 3.09 -19.80 13.09
CA TYR A 285 2.94 -19.64 11.66
C TYR A 285 3.82 -18.61 10.98
N ALA A 286 4.73 -17.98 11.72
CA ALA A 286 5.60 -16.95 11.16
C ALA A 286 6.39 -17.42 9.93
N ALA A 287 6.80 -18.68 9.92
CA ALA A 287 7.58 -19.22 8.81
C ALA A 287 6.69 -19.55 7.61
N ARG A 288 6.45 -18.55 6.76
CA ARG A 288 5.61 -18.71 5.59
C ARG A 288 5.62 -17.40 4.82
N ASP A 289 4.99 -17.40 3.64
CA ASP A 289 4.88 -16.20 2.84
C ASP A 289 3.61 -15.47 3.27
N VAL A 290 3.62 -14.15 3.19
CA VAL A 290 2.44 -13.37 3.56
C VAL A 290 2.13 -12.50 2.36
N PRO A 291 0.91 -11.95 2.29
CA PRO A 291 0.52 -11.12 1.15
C PRO A 291 1.59 -10.11 0.70
N THR A 292 2.23 -9.45 1.66
CA THR A 292 3.23 -8.45 1.32
C THR A 292 4.46 -9.00 0.62
N ASP A 293 4.67 -10.32 0.69
CA ASP A 293 5.82 -10.91 0.02
C ASP A 293 5.62 -10.73 -1.49
N ALA A 294 4.43 -11.07 -1.97
CA ALA A 294 4.13 -10.97 -3.39
C ALA A 294 3.95 -9.52 -3.84
N SER A 295 3.24 -8.73 -3.05
CA SER A 295 2.96 -7.34 -3.40
C SER A 295 4.13 -6.37 -3.26
N ASP A 296 4.89 -6.49 -2.18
CA ASP A 296 5.99 -5.55 -1.95
C ASP A 296 7.32 -6.19 -1.57
N GLY A 297 7.40 -7.51 -1.63
CA GLY A 297 8.64 -8.18 -1.31
C GLY A 297 9.20 -7.98 0.09
N TYR A 298 8.36 -8.18 1.11
CA TYR A 298 8.79 -8.05 2.48
C TYR A 298 7.81 -8.82 3.36
N ASN A 299 8.31 -9.32 4.48
CA ASN A 299 7.49 -10.11 5.38
C ASN A 299 7.65 -9.66 6.83
N GLY A 300 6.56 -9.19 7.43
CA GLY A 300 6.60 -8.77 8.82
C GLY A 300 6.53 -7.30 9.13
N GLN A 301 5.83 -6.97 10.22
CA GLN A 301 5.72 -5.58 10.68
C GLN A 301 5.75 -5.58 12.19
N ASN A 302 6.15 -4.45 12.77
CA ASN A 302 6.18 -4.30 14.23
C ASN A 302 4.84 -3.72 14.66
N SER A 303 4.56 -3.80 15.95
CA SER A 303 3.30 -3.29 16.49
C SER A 303 3.37 -1.79 16.58
N ILE A 304 2.28 -1.18 17.05
CA ILE A 304 2.30 0.26 17.23
C ILE A 304 3.20 0.40 18.47
N VAL A 305 3.80 1.56 18.67
CA VAL A 305 4.62 1.74 19.86
C VAL A 305 3.64 2.14 20.95
N ARG A 306 3.80 1.58 22.15
CA ARG A 306 2.92 1.89 23.25
C ARG A 306 3.66 2.49 24.45
N GLU A 307 2.93 3.20 25.28
CA GLU A 307 3.52 3.80 26.46
C GLU A 307 3.14 2.93 27.65
N LEU A 308 4.05 2.75 28.58
CA LEU A 308 3.79 1.95 29.76
C LEU A 308 4.03 2.73 31.04
N ARG A 309 3.17 2.50 32.02
CA ARG A 309 3.30 3.13 33.32
C ARG A 309 2.90 2.07 34.35
N LEU A 310 3.47 2.16 35.55
CA LEU A 310 3.17 1.19 36.60
C LEU A 310 2.20 1.81 37.61
N ALA A 311 1.06 1.16 37.82
CA ALA A 311 0.06 1.66 38.74
C ALA A 311 -0.16 0.77 39.96
N ARG A 312 -0.23 1.38 41.13
CA ARG A 312 -0.46 0.66 42.38
C ARG A 312 -1.89 0.17 42.42
N GLN A 313 -2.07 -1.02 42.97
CA GLN A 313 -3.38 -1.66 43.10
C GLN A 313 -3.64 -1.92 44.58
N PRO A 314 -4.91 -2.05 44.97
CA PRO A 314 -5.24 -2.31 46.37
C PRO A 314 -4.52 -3.56 46.83
N GLY A 315 -3.92 -3.50 48.01
CA GLY A 315 -3.21 -4.66 48.51
C GLY A 315 -1.71 -4.53 48.33
N GLY A 316 -1.27 -3.41 47.78
CA GLY A 316 0.15 -3.19 47.60
C GLY A 316 0.82 -3.82 46.41
N TRP A 317 0.06 -4.30 45.43
CA TRP A 317 0.70 -4.85 44.25
C TRP A 317 0.68 -3.85 43.11
N TYR A 318 1.48 -4.09 42.08
CA TYR A 318 1.56 -3.18 40.94
C TYR A 318 1.32 -3.85 39.59
N THR A 319 0.76 -3.08 38.67
CA THR A 319 0.45 -3.59 37.34
C THR A 319 0.81 -2.56 36.28
N LEU A 320 1.03 -3.04 35.06
CA LEU A 320 1.37 -2.15 33.96
C LEU A 320 0.12 -1.74 33.16
N LEU A 321 0.11 -0.51 32.68
CA LEU A 321 -1.00 0.00 31.89
C LEU A 321 -0.45 0.43 30.54
N SER A 322 -1.18 0.15 29.47
CA SER A 322 -0.76 0.49 28.11
C SER A 322 -1.64 1.53 27.42
N THR A 323 -1.05 2.25 26.49
CA THR A 323 -1.77 3.23 25.69
C THR A 323 -0.91 3.54 24.45
N PRO A 324 -1.55 3.74 23.29
CA PRO A 324 -0.79 4.06 22.09
C PRO A 324 0.09 5.27 22.30
N VAL A 325 1.26 5.29 21.66
CA VAL A 325 2.17 6.41 21.78
C VAL A 325 1.44 7.70 21.40
N ALA A 326 1.56 8.71 22.26
CA ALA A 326 0.91 10.00 22.09
C ALA A 326 1.05 10.66 20.72
N ALA A 327 2.26 10.62 20.17
CA ALA A 327 2.51 11.25 18.88
C ALA A 327 1.65 10.76 17.72
N LEU A 328 1.01 9.60 17.85
CA LEU A 328 0.20 9.10 16.73
C LEU A 328 -0.88 10.12 16.39
N THR A 329 -1.21 10.97 17.36
CA THR A 329 -2.20 12.01 17.18
C THR A 329 -1.77 12.95 16.06
N ASN A 330 -0.47 13.09 15.84
CA ASN A 330 0.06 13.96 14.81
C ASN A 330 -0.14 13.43 13.38
N TYR A 331 -0.52 12.16 13.26
CA TYR A 331 -0.72 11.57 11.93
C TYR A 331 -2.19 11.45 11.56
N VAL A 332 -3.07 12.02 12.38
CA VAL A 332 -4.50 11.99 12.11
C VAL A 332 -4.81 13.00 11.00
N THR A 333 -5.39 12.52 9.92
CA THR A 333 -5.72 13.38 8.81
C THR A 333 -7.18 13.81 8.79
N ALA A 334 -8.03 13.10 9.54
CA ALA A 334 -9.44 13.43 9.59
C ALA A 334 -10.10 12.78 10.80
N THR A 335 -11.09 13.47 11.37
CA THR A 335 -11.81 12.98 12.55
C THR A 335 -13.30 12.95 12.29
N THR A 336 -13.88 11.75 12.34
CA THR A 336 -15.31 11.60 12.10
C THR A 336 -16.07 11.10 13.32
N THR A 337 -17.14 11.80 13.67
CA THR A 337 -17.97 11.38 14.80
C THR A 337 -19.31 10.95 14.21
N LEU A 338 -19.84 9.84 14.72
CA LEU A 338 -21.13 9.33 14.29
C LEU A 338 -22.09 9.41 15.47
N PRO A 339 -23.39 9.61 15.19
CA PRO A 339 -24.41 9.72 16.24
C PRO A 339 -24.57 8.47 17.10
N ASP A 340 -24.91 8.66 18.37
CA ASP A 340 -25.12 7.52 19.26
C ASP A 340 -26.27 6.75 18.64
N ARG A 341 -26.37 5.46 18.96
CA ARG A 341 -27.44 4.66 18.39
C ARG A 341 -27.64 3.37 19.16
N THR A 342 -28.87 2.89 19.15
CA THR A 342 -29.18 1.65 19.84
C THR A 342 -29.30 0.57 18.77
N VAL A 343 -28.60 -0.53 18.98
CA VAL A 343 -28.62 -1.63 18.04
C VAL A 343 -29.15 -2.90 18.69
N ASP A 344 -30.00 -3.60 17.95
CA ASP A 344 -30.55 -4.86 18.42
C ASP A 344 -30.52 -5.74 17.17
N GLY A 345 -29.41 -6.43 17.00
CA GLY A 345 -29.23 -7.28 15.85
C GLY A 345 -27.94 -6.84 15.19
N SER A 346 -28.04 -6.02 14.15
CA SER A 346 -26.85 -5.54 13.46
C SER A 346 -27.10 -4.25 12.74
N ALA A 347 -26.03 -3.48 12.52
CA ALA A 347 -26.14 -2.22 11.82
C ALA A 347 -24.78 -1.87 11.24
N VAL A 348 -24.78 -1.44 9.98
CA VAL A 348 -23.55 -1.05 9.29
C VAL A 348 -23.40 0.46 9.42
N LEU A 349 -22.21 0.90 9.85
CA LEU A 349 -21.97 2.32 10.02
C LEU A 349 -21.66 2.96 8.68
N PRO A 350 -22.09 4.22 8.50
CA PRO A 350 -21.84 4.93 7.24
C PRO A 350 -20.42 5.49 7.18
N TRP A 351 -19.43 4.61 7.24
CA TRP A 351 -18.03 5.02 7.18
C TRP A 351 -17.21 3.87 6.62
N ASN A 352 -16.14 4.19 5.90
CA ASN A 352 -15.28 3.19 5.30
C ASN A 352 -13.83 3.66 5.28
N GLY A 353 -12.90 2.74 5.53
CA GLY A 353 -11.49 3.08 5.54
C GLY A 353 -10.63 1.87 5.84
N ARG A 354 -9.31 2.03 5.83
CA ARG A 354 -8.41 0.92 6.10
C ARG A 354 -7.34 1.23 7.13
N ALA A 355 -7.08 2.51 7.38
CA ALA A 355 -6.06 2.90 8.33
C ALA A 355 -6.63 3.94 9.26
N TYR A 356 -6.94 3.55 10.49
CA TYR A 356 -7.56 4.49 11.41
C TYR A 356 -7.63 3.96 12.83
N GLU A 357 -8.04 4.85 13.74
CA GLU A 357 -8.25 4.49 15.12
C GLU A 357 -9.71 4.80 15.40
N ILE A 358 -10.43 3.85 16.00
CA ILE A 358 -11.83 4.10 16.32
C ILE A 358 -12.06 3.85 17.81
N GLU A 359 -12.73 4.80 18.45
CA GLU A 359 -13.05 4.68 19.88
C GLU A 359 -14.56 4.67 20.05
N LEU A 360 -15.03 3.90 21.02
CA LEU A 360 -16.45 3.83 21.27
C LEU A 360 -16.76 3.24 22.63
N ASP A 361 -18.00 3.43 23.06
CA ASP A 361 -18.47 2.91 24.33
C ASP A 361 -19.67 2.04 23.99
N ILE A 362 -19.77 0.89 24.64
CA ILE A 362 -20.90 0.01 24.41
C ILE A 362 -21.50 -0.29 25.78
N ALA A 363 -22.81 -0.14 25.89
CA ALA A 363 -23.52 -0.40 27.14
C ALA A 363 -24.71 -1.28 26.83
N TRP A 364 -25.00 -2.22 27.72
CA TRP A 364 -26.11 -3.13 27.49
C TRP A 364 -26.65 -3.71 28.80
N ASP A 365 -27.62 -4.60 28.67
CA ASP A 365 -28.24 -5.22 29.83
C ASP A 365 -28.30 -6.73 29.66
N THR A 366 -29.36 -7.20 29.03
CA THR A 366 -29.60 -8.62 28.82
C THR A 366 -28.83 -9.25 27.65
N ALA A 367 -28.30 -8.45 26.75
CA ALA A 367 -27.56 -8.99 25.60
C ALA A 367 -26.47 -9.95 26.07
N THR A 368 -26.35 -11.11 25.44
CA THR A 368 -25.31 -12.05 25.86
C THR A 368 -24.08 -11.88 24.98
N ASN A 369 -24.17 -11.00 24.00
CA ASN A 369 -23.06 -10.75 23.10
C ASN A 369 -23.23 -9.37 22.47
N VAL A 370 -22.18 -8.55 22.53
CA VAL A 370 -22.18 -7.22 21.95
C VAL A 370 -20.81 -7.01 21.32
N GLY A 371 -20.75 -6.24 20.24
CA GLY A 371 -19.46 -6.01 19.60
C GLY A 371 -19.49 -5.14 18.37
N ILE A 372 -18.32 -5.02 17.75
CA ILE A 372 -18.15 -4.22 16.55
C ILE A 372 -17.29 -5.00 15.55
N SER A 373 -17.62 -4.88 14.26
CA SER A 373 -16.86 -5.55 13.21
C SER A 373 -16.08 -4.52 12.42
N VAL A 374 -14.79 -4.77 12.22
CA VAL A 374 -13.95 -3.86 11.45
C VAL A 374 -13.43 -4.63 10.23
N GLY A 375 -13.00 -3.92 9.20
CA GLY A 375 -12.50 -4.57 8.00
C GLY A 375 -13.62 -5.37 7.37
N ARG A 376 -14.84 -4.84 7.42
CA ARG A 376 -15.99 -5.52 6.89
C ARG A 376 -16.18 -5.30 5.39
N SER A 377 -16.22 -6.40 4.64
CA SER A 377 -16.41 -6.32 3.20
C SER A 377 -17.91 -6.17 2.93
N PRO A 378 -18.26 -5.42 1.89
CA PRO A 378 -19.69 -5.26 1.60
C PRO A 378 -20.41 -6.55 1.24
N ASP A 379 -19.67 -7.59 0.82
CA ASP A 379 -20.34 -8.84 0.48
C ASP A 379 -20.76 -9.57 1.75
N GLY A 380 -20.38 -8.99 2.88
CA GLY A 380 -20.71 -9.51 4.20
C GLY A 380 -19.99 -10.75 4.69
N THR A 381 -19.00 -11.22 3.93
CA THR A 381 -18.28 -12.43 4.31
C THR A 381 -17.00 -12.21 5.11
N ARG A 382 -16.39 -11.05 4.97
CA ARG A 382 -15.15 -10.76 5.67
C ARG A 382 -15.27 -9.66 6.71
N HIS A 383 -14.68 -9.91 7.87
CA HIS A 383 -14.70 -8.95 8.98
C HIS A 383 -14.09 -9.57 10.22
N THR A 384 -13.51 -8.72 11.05
CA THR A 384 -12.90 -9.15 12.30
C THR A 384 -13.78 -8.61 13.41
N ASN A 385 -14.15 -9.47 14.35
CA ASN A 385 -15.04 -9.06 15.43
C ASN A 385 -14.39 -8.81 16.78
N ILE A 386 -14.71 -7.66 17.37
CA ILE A 386 -14.21 -7.28 18.69
C ILE A 386 -15.45 -7.11 19.55
N GLY A 387 -15.54 -7.87 20.64
CA GLY A 387 -16.72 -7.74 21.49
C GLY A 387 -16.61 -8.35 22.87
N LYS A 388 -17.74 -8.36 23.58
CA LYS A 388 -17.80 -8.88 24.93
C LYS A 388 -18.76 -10.07 24.99
N TYR A 389 -18.27 -11.18 25.51
CA TYR A 389 -19.06 -12.41 25.64
C TYR A 389 -18.55 -13.17 26.86
N GLY A 390 -19.46 -13.53 27.76
CA GLY A 390 -19.08 -14.24 28.96
C GLY A 390 -18.09 -13.38 29.72
N ALA A 391 -16.94 -13.95 30.07
CA ALA A 391 -15.91 -13.21 30.79
C ALA A 391 -14.79 -12.86 29.81
N ASP A 392 -15.12 -12.76 28.53
CA ASP A 392 -14.11 -12.45 27.53
C ASP A 392 -14.34 -11.17 26.75
N LEU A 393 -13.26 -10.45 26.51
CA LEU A 393 -13.37 -9.32 25.61
C LEU A 393 -12.53 -9.98 24.52
N TYR A 394 -13.20 -10.41 23.46
CA TYR A 394 -12.55 -11.12 22.38
C TYR A 394 -12.31 -10.33 21.10
N VAL A 395 -11.43 -10.89 20.27
CA VAL A 395 -11.09 -10.35 18.97
C VAL A 395 -11.01 -11.58 18.09
N ASP A 396 -12.03 -11.77 17.25
CA ASP A 396 -12.09 -12.93 16.38
C ASP A 396 -11.78 -12.53 14.94
N ARG A 397 -10.61 -12.92 14.47
CA ARG A 397 -10.18 -12.61 13.12
C ARG A 397 -10.57 -13.71 12.13
N GLY A 398 -11.19 -14.77 12.63
CA GLY A 398 -11.60 -15.89 11.79
C GLY A 398 -12.27 -15.52 10.48
N PRO A 399 -13.32 -14.70 10.51
CA PRO A 399 -14.00 -14.31 9.26
C PRO A 399 -13.13 -13.51 8.29
N SER A 400 -11.90 -13.21 8.70
CA SER A 400 -10.99 -12.47 7.84
C SER A 400 -9.92 -13.36 7.23
N ASP A 401 -9.98 -14.65 7.55
CA ASP A 401 -8.99 -15.59 7.01
C ASP A 401 -8.96 -15.42 5.50
N LEU A 402 -7.78 -15.29 4.95
CA LEU A 402 -7.62 -15.08 3.52
C LEU A 402 -7.06 -16.31 2.79
N ALA A 403 -7.72 -16.70 1.71
CA ALA A 403 -7.29 -17.86 0.94
C ALA A 403 -5.81 -17.76 0.58
N GLY A 404 -5.07 -18.81 0.89
CA GLY A 404 -3.64 -18.84 0.61
C GLY A 404 -2.80 -18.32 1.76
N TYR A 405 -3.45 -17.64 2.71
CA TYR A 405 -2.75 -17.07 3.85
C TYR A 405 -3.57 -17.21 5.12
N SER A 406 -4.39 -18.25 5.20
CA SER A 406 -5.24 -18.47 6.35
C SER A 406 -4.48 -18.60 7.65
N LEU A 407 -5.00 -17.95 8.69
CA LEU A 407 -4.40 -17.98 10.02
C LEU A 407 -5.09 -19.00 10.92
N ALA A 408 -6.05 -19.72 10.36
CA ALA A 408 -6.78 -20.75 11.10
C ALA A 408 -5.75 -21.72 11.67
N PRO A 409 -6.00 -22.30 12.85
CA PRO A 409 -7.15 -22.16 13.75
C PRO A 409 -7.00 -21.08 14.82
N TYR A 410 -6.01 -20.21 14.63
CA TYR A 410 -5.75 -19.14 15.59
C TYR A 410 -6.61 -17.94 15.22
N SER A 411 -7.90 -18.06 15.51
CA SER A 411 -8.88 -17.04 15.18
C SER A 411 -9.38 -16.16 16.31
N ARG A 412 -9.93 -16.79 17.34
CA ARG A 412 -10.51 -16.07 18.46
C ARG A 412 -9.59 -15.82 19.65
N ALA A 413 -9.12 -14.59 19.78
CA ALA A 413 -8.26 -14.22 20.90
C ALA A 413 -9.17 -13.59 21.95
N ALA A 414 -8.79 -13.70 23.22
CA ALA A 414 -9.61 -13.13 24.28
C ALA A 414 -8.83 -12.64 25.49
N ALA A 415 -9.27 -11.51 26.03
CA ALA A 415 -8.66 -10.96 27.22
C ALA A 415 -9.73 -11.08 28.29
N PRO A 416 -9.33 -11.25 29.55
CA PRO A 416 -10.31 -11.36 30.63
C PRO A 416 -10.99 -10.04 30.92
N ILE A 417 -12.28 -10.11 31.18
CA ILE A 417 -13.07 -8.93 31.52
C ILE A 417 -14.14 -9.40 32.52
N ASP A 418 -14.42 -8.59 33.53
CA ASP A 418 -15.41 -8.95 34.55
C ASP A 418 -16.71 -9.40 33.90
N PRO A 419 -17.22 -10.58 34.28
CA PRO A 419 -18.46 -11.11 33.72
C PRO A 419 -19.61 -10.15 33.97
N GLY A 420 -19.56 -9.46 35.12
CA GLY A 420 -20.59 -8.52 35.48
C GLY A 420 -20.57 -7.22 34.70
N ALA A 421 -19.60 -7.06 33.82
CA ALA A 421 -19.49 -5.84 33.03
C ALA A 421 -20.67 -5.73 32.05
N ARG A 422 -21.29 -4.56 32.04
CA ARG A 422 -22.43 -4.32 31.14
C ARG A 422 -22.16 -3.06 30.35
N SER A 423 -20.90 -2.63 30.37
CA SER A 423 -20.45 -1.43 29.68
C SER A 423 -18.96 -1.61 29.43
N VAL A 424 -18.45 -1.03 28.35
CA VAL A 424 -17.03 -1.18 28.03
C VAL A 424 -16.58 -0.10 27.06
N HIS A 425 -15.33 0.34 27.20
CA HIS A 425 -14.79 1.34 26.30
C HIS A 425 -13.72 0.67 25.44
N LEU A 426 -13.75 0.91 24.14
CA LEU A 426 -12.77 0.31 23.25
C LEU A 426 -12.05 1.36 22.43
N ARG A 427 -10.76 1.12 22.23
CA ARG A 427 -9.92 1.99 21.43
C ARG A 427 -9.29 1.01 20.46
N ILE A 428 -9.65 1.13 19.18
CA ILE A 428 -9.16 0.18 18.19
C ILE A 428 -8.35 0.76 17.04
N LEU A 429 -7.13 0.28 16.91
CA LEU A 429 -6.25 0.70 15.82
C LEU A 429 -6.29 -0.31 14.71
N VAL A 430 -6.72 0.14 13.54
CA VAL A 430 -6.82 -0.69 12.36
C VAL A 430 -5.86 -0.22 11.28
N ASP A 431 -5.10 -1.14 10.70
CA ASP A 431 -4.19 -0.81 9.61
C ASP A 431 -4.42 -1.91 8.55
N THR A 432 -3.71 -1.84 7.43
CA THR A 432 -3.95 -2.81 6.36
C THR A 432 -3.61 -4.26 6.65
N GLN A 433 -2.79 -4.53 7.66
CA GLN A 433 -2.45 -5.90 7.99
C GLN A 433 -2.50 -6.13 9.50
N SER A 434 -3.27 -5.30 10.21
CA SER A 434 -3.35 -5.46 11.66
C SER A 434 -4.56 -4.84 12.37
N VAL A 435 -4.78 -5.33 13.58
CA VAL A 435 -5.84 -4.87 14.46
C VAL A 435 -5.30 -4.92 15.89
N GLU A 436 -5.30 -3.78 16.56
CA GLU A 436 -4.82 -3.70 17.93
C GLU A 436 -5.92 -3.07 18.79
N VAL A 437 -6.35 -3.82 19.81
CA VAL A 437 -7.42 -3.38 20.70
C VAL A 437 -6.94 -3.03 22.11
N PHE A 438 -7.18 -1.78 22.50
CA PHE A 438 -6.83 -1.32 23.85
C PHE A 438 -8.15 -1.20 24.59
N VAL A 439 -8.36 -2.11 25.53
CA VAL A 439 -9.58 -2.15 26.30
C VAL A 439 -9.57 -1.22 27.50
N ASN A 440 -10.70 -0.54 27.71
CA ASN A 440 -10.87 0.36 28.83
C ASN A 440 -9.69 1.27 29.14
N ALA A 441 -9.10 1.09 30.31
CA ALA A 441 -7.99 1.95 30.72
C ALA A 441 -6.62 1.44 30.26
N GLY A 442 -6.62 0.42 29.42
CA GLY A 442 -5.36 -0.11 28.93
C GLY A 442 -4.72 -1.23 29.73
N HIS A 443 -5.45 -1.80 30.69
CA HIS A 443 -4.87 -2.89 31.46
C HIS A 443 -4.74 -4.13 30.57
N THR A 444 -5.67 -4.27 29.62
CA THR A 444 -5.63 -5.38 28.69
C THR A 444 -5.57 -4.86 27.26
N VAL A 445 -4.73 -5.52 26.46
CA VAL A 445 -4.54 -5.19 25.06
C VAL A 445 -4.50 -6.50 24.27
N LEU A 446 -5.00 -6.45 23.05
CA LEU A 446 -4.98 -7.60 22.15
C LEU A 446 -4.47 -7.13 20.80
N SER A 447 -3.31 -7.65 20.40
CA SER A 447 -2.71 -7.29 19.13
C SER A 447 -2.66 -8.51 18.21
N GLN A 448 -3.07 -8.33 16.97
CA GLN A 448 -3.11 -9.41 16.00
C GLN A 448 -2.92 -8.90 14.59
N GLN A 449 -2.24 -9.70 13.77
CA GLN A 449 -2.09 -9.31 12.39
C GLN A 449 -3.35 -9.87 11.75
N VAL A 450 -3.85 -9.18 10.72
CA VAL A 450 -5.03 -9.60 10.02
C VAL A 450 -4.82 -9.29 8.54
N HIS A 451 -4.97 -10.29 7.69
CA HIS A 451 -4.78 -10.08 6.26
C HIS A 451 -6.04 -9.55 5.59
N PHE A 452 -6.27 -8.24 5.73
CA PHE A 452 -7.42 -7.58 5.16
C PHE A 452 -7.32 -7.48 3.64
N ALA A 453 -8.44 -7.67 2.96
CA ALA A 453 -8.47 -7.58 1.51
C ALA A 453 -8.72 -6.12 1.17
N GLU A 454 -8.40 -5.72 -0.05
CA GLU A 454 -8.56 -4.35 -0.48
C GLU A 454 -9.93 -3.77 -0.13
N GLY A 455 -10.98 -4.58 -0.31
CA GLY A 455 -12.33 -4.11 -0.03
C GLY A 455 -12.86 -4.28 1.39
N ASP A 456 -12.00 -4.72 2.31
CA ASP A 456 -12.43 -4.90 3.70
C ASP A 456 -12.30 -3.54 4.38
N THR A 457 -13.26 -2.67 4.14
CA THR A 457 -13.22 -1.31 4.67
C THR A 457 -14.38 -0.91 5.56
N GLY A 458 -15.41 -1.74 5.64
CA GLY A 458 -16.57 -1.40 6.43
C GLY A 458 -16.45 -1.59 7.93
N ILE A 459 -17.46 -1.12 8.64
CA ILE A 459 -17.56 -1.23 10.09
C ILE A 459 -19.01 -1.47 10.44
N SER A 460 -19.28 -2.50 11.24
CA SER A 460 -20.66 -2.78 11.65
C SER A 460 -20.75 -3.01 13.17
N LEU A 461 -21.97 -2.95 13.69
CA LEU A 461 -22.22 -3.12 15.12
C LEU A 461 -23.21 -4.26 15.30
N TYR A 462 -23.06 -5.06 16.35
CA TYR A 462 -23.97 -6.18 16.55
C TYR A 462 -24.19 -6.55 18.01
N THR A 463 -25.29 -7.24 18.25
CA THR A 463 -25.67 -7.68 19.59
C THR A 463 -26.50 -8.94 19.45
N ASP A 464 -26.41 -9.84 20.43
CA ASP A 464 -27.19 -11.07 20.44
C ASP A 464 -27.93 -11.15 21.77
N GLY A 465 -29.24 -11.33 21.69
CA GLY A 465 -30.04 -11.46 22.90
C GLY A 465 -30.49 -10.19 23.60
N GLY A 466 -30.43 -9.05 22.92
CA GLY A 466 -30.86 -7.82 23.54
C GLY A 466 -30.23 -6.60 22.90
N PRO A 467 -30.79 -5.40 23.10
CA PRO A 467 -30.22 -4.20 22.49
C PRO A 467 -29.02 -3.67 23.24
N ALA A 468 -28.23 -2.85 22.57
CA ALA A 468 -27.06 -2.24 23.18
C ALA A 468 -26.98 -0.79 22.72
N HIS A 469 -26.40 0.05 23.56
CA HIS A 469 -26.25 1.46 23.23
C HIS A 469 -24.80 1.76 22.88
N PHE A 470 -24.56 2.13 21.62
CA PHE A 470 -23.21 2.46 21.14
C PHE A 470 -23.04 3.97 21.10
N THR A 471 -22.14 4.50 21.94
CA THR A 471 -21.93 5.95 22.00
C THR A 471 -20.46 6.38 21.93
N GLY A 472 -20.25 7.69 21.86
CA GLY A 472 -18.91 8.24 21.80
C GLY A 472 -18.11 7.71 20.62
N ILE A 473 -18.79 7.41 19.52
CA ILE A 473 -18.14 6.87 18.35
C ILE A 473 -17.33 7.93 17.62
N VAL A 474 -16.02 7.75 17.59
CA VAL A 474 -15.16 8.69 16.90
C VAL A 474 -14.15 7.89 16.10
N VAL A 475 -14.01 8.24 14.83
CA VAL A 475 -13.08 7.54 13.95
C VAL A 475 -12.03 8.52 13.48
N ARG A 476 -10.77 8.24 13.78
CA ARG A 476 -9.68 9.11 13.38
C ARG A 476 -8.85 8.43 12.29
N GLU A 477 -8.96 8.94 11.08
CA GLU A 477 -8.21 8.38 9.97
C GLU A 477 -6.75 8.73 10.13
N ILE A 478 -5.89 7.78 9.76
CA ILE A 478 -4.45 7.95 9.89
C ILE A 478 -3.70 7.75 8.59
N GLY A 479 -2.81 8.68 8.28
CA GLY A 479 -2.01 8.58 7.07
C GLY A 479 -0.58 8.83 7.47
N GLN A 480 0.15 9.61 6.68
CA GLN A 480 1.52 9.95 7.02
C GLN A 480 1.60 11.47 6.99
N ALA A 481 2.23 12.05 8.01
CA ALA A 481 2.37 13.50 8.11
C ALA A 481 3.08 13.87 9.40
N ALA B 2 54.05 18.38 4.09
CA ALA B 2 54.42 18.02 2.69
C ALA B 2 53.43 18.62 1.69
N VAL B 3 53.96 19.21 0.64
CA VAL B 3 53.13 19.83 -0.40
C VAL B 3 52.51 18.86 -1.39
N TYR B 4 53.25 17.86 -1.82
CA TYR B 4 52.70 16.91 -2.79
C TYR B 4 52.97 15.45 -2.51
N HIS B 5 53.09 15.12 -1.23
CA HIS B 5 53.32 13.74 -0.78
C HIS B 5 52.19 13.41 0.19
N MET B 6 51.68 12.18 0.12
CA MET B 6 50.60 11.81 1.00
C MET B 6 51.01 11.70 2.46
N THR B 7 50.13 12.16 3.34
CA THR B 7 50.35 12.10 4.77
C THR B 7 48.98 11.90 5.42
N PRO B 8 48.93 11.19 6.56
CA PRO B 8 47.63 10.97 7.21
C PRO B 8 47.14 12.27 7.83
N PRO B 9 45.82 12.48 7.86
CA PRO B 9 45.33 13.72 8.46
C PRO B 9 45.95 13.94 9.83
N SER B 10 46.13 12.85 10.57
CA SER B 10 46.74 12.90 11.89
C SER B 10 47.23 11.51 12.31
N GLY B 11 48.09 11.48 13.32
CA GLY B 11 48.60 10.22 13.80
C GLY B 11 49.83 9.65 13.10
N TRP B 12 50.04 8.36 13.31
CA TRP B 12 51.17 7.63 12.77
C TRP B 12 50.87 6.82 11.52
N LEU B 13 51.67 7.07 10.47
CA LEU B 13 51.54 6.37 9.19
C LEU B 13 52.53 5.23 9.11
N CYS B 14 52.14 4.15 8.45
CA CYS B 14 53.01 2.99 8.29
C CYS B 14 52.77 2.32 6.93
N ASP B 15 53.06 1.02 6.83
CA ASP B 15 52.92 0.25 5.59
C ASP B 15 51.69 0.52 4.74
N PRO B 16 51.89 0.81 3.44
CA PRO B 16 50.74 1.06 2.57
C PRO B 16 50.35 -0.33 2.07
N GLN B 17 49.12 -0.48 1.59
CA GLN B 17 48.67 -1.78 1.10
C GLN B 17 48.34 -1.62 -0.38
N ARG B 18 48.50 -2.71 -1.13
CA ARG B 18 48.23 -2.73 -2.57
C ARG B 18 46.87 -2.12 -2.91
N PRO B 19 46.86 -0.99 -3.63
CA PRO B 19 45.63 -0.32 -4.03
C PRO B 19 44.75 -1.15 -4.96
N VAL B 20 43.43 -1.06 -4.77
CA VAL B 20 42.49 -1.77 -5.63
C VAL B 20 41.87 -0.69 -6.53
N THR B 21 41.36 -1.08 -7.69
CA THR B 21 40.77 -0.12 -8.61
C THR B 21 39.24 -0.20 -8.68
N THR B 22 38.57 0.69 -7.96
CA THR B 22 37.10 0.74 -7.93
C THR B 22 36.62 2.17 -8.00
N HIS B 23 35.39 2.35 -8.49
CA HIS B 23 34.78 3.67 -8.62
C HIS B 23 35.65 4.64 -9.41
N GLY B 24 36.34 4.11 -10.42
CA GLY B 24 37.19 4.95 -11.25
C GLY B 24 38.29 5.67 -10.49
N ALA B 25 38.91 4.96 -9.56
CA ALA B 25 39.99 5.55 -8.76
C ALA B 25 40.72 4.43 -8.06
N TYR B 26 41.91 4.74 -7.54
CA TYR B 26 42.68 3.74 -6.82
C TYR B 26 42.35 3.89 -5.34
N GLN B 27 42.00 2.78 -4.70
CA GLN B 27 41.68 2.80 -3.29
C GLN B 27 42.91 2.33 -2.52
N LEU B 28 43.62 3.28 -1.92
CA LEU B 28 44.82 2.99 -1.15
C LEU B 28 44.50 2.76 0.32
N TYR B 29 45.11 1.73 0.89
CA TYR B 29 44.93 1.43 2.29
C TYR B 29 46.32 1.55 2.89
N TYR B 30 46.39 1.84 4.17
CA TYR B 30 47.69 1.97 4.82
C TYR B 30 47.55 1.82 6.32
N LEU B 31 48.59 1.25 6.94
CA LEU B 31 48.59 1.07 8.37
C LEU B 31 48.63 2.43 9.05
N HIS B 32 47.82 2.58 10.08
CA HIS B 32 47.74 3.83 10.82
C HIS B 32 47.52 3.53 12.29
N SER B 33 48.05 4.38 13.15
CA SER B 33 47.90 4.23 14.59
C SER B 33 47.75 5.62 15.18
N ASP B 34 47.11 5.74 16.34
CA ASP B 34 46.94 7.06 16.94
C ASP B 34 48.22 7.47 17.66
N GLN B 35 49.03 6.49 18.05
CA GLN B 35 50.29 6.77 18.71
C GLN B 35 51.44 6.27 17.84
N ASN B 36 52.56 6.96 17.89
CA ASN B 36 53.72 6.57 17.10
C ASN B 36 54.19 5.16 17.44
N ASN B 37 54.20 4.30 16.42
CA ASN B 37 54.60 2.91 16.56
C ASN B 37 53.72 2.16 17.55
N GLY B 38 52.47 2.60 17.67
CA GLY B 38 51.53 1.94 18.56
C GLY B 38 50.64 0.98 17.79
N PRO B 39 49.74 0.27 18.46
CA PRO B 39 48.87 -0.67 17.74
C PRO B 39 47.89 0.07 16.82
N GLY B 40 47.57 -0.52 15.68
CA GLY B 40 46.67 0.16 14.77
C GLY B 40 45.94 -0.75 13.80
N GLY B 41 45.46 -0.17 12.70
CA GLY B 41 44.76 -0.93 11.70
C GLY B 41 44.92 -0.30 10.33
N TRP B 42 44.02 -0.64 9.42
CA TRP B 42 44.04 -0.10 8.06
C TRP B 42 43.17 1.14 7.90
N ASP B 43 43.73 2.19 7.32
CA ASP B 43 42.99 3.39 7.04
C ASP B 43 42.84 3.41 5.53
N HIS B 44 41.95 4.24 5.01
CA HIS B 44 41.68 4.29 3.58
C HIS B 44 41.82 5.68 2.97
N ALA B 45 42.35 5.70 1.75
CA ALA B 45 42.52 6.93 1.00
C ALA B 45 42.32 6.57 -0.46
N SER B 46 41.78 7.49 -1.23
CA SER B 46 41.57 7.22 -2.64
C SER B 46 42.19 8.34 -3.47
N THR B 47 42.60 8.00 -4.68
CA THR B 47 43.21 8.95 -5.59
C THR B 47 42.86 8.56 -7.03
N THR B 48 42.63 9.56 -7.87
CA THR B 48 42.28 9.30 -9.25
C THR B 48 43.48 9.46 -10.17
N ASP B 49 44.44 10.29 -9.77
CA ASP B 49 45.61 10.51 -10.62
C ASP B 49 46.90 10.00 -10.00
N GLY B 50 46.81 9.53 -8.76
CA GLY B 50 48.00 9.02 -8.07
C GLY B 50 48.87 10.09 -7.44
N VAL B 51 48.34 11.31 -7.36
CA VAL B 51 49.07 12.42 -6.76
C VAL B 51 48.26 13.01 -5.62
N ALA B 52 47.00 13.32 -5.89
CA ALA B 52 46.12 13.88 -4.89
C ALA B 52 45.35 12.78 -4.19
N PHE B 53 45.30 12.83 -2.86
CA PHE B 53 44.60 11.82 -2.09
C PHE B 53 43.45 12.40 -1.27
N THR B 54 42.47 11.56 -1.00
CA THR B 54 41.33 11.95 -0.18
C THR B 54 41.20 10.84 0.84
N HIS B 55 41.33 11.19 2.12
CA HIS B 55 41.24 10.20 3.18
C HIS B 55 39.82 9.92 3.63
N HIS B 56 39.57 8.65 3.97
CA HIS B 56 38.24 8.22 4.38
C HIS B 56 38.20 7.57 5.76
N GLY B 57 39.31 7.65 6.49
CA GLY B 57 39.32 7.05 7.81
C GLY B 57 39.58 5.56 7.86
N THR B 58 39.23 4.95 8.98
CA THR B 58 39.46 3.52 9.20
C THR B 58 38.46 2.62 8.50
N VAL B 59 38.93 1.48 8.03
CA VAL B 59 38.09 0.50 7.34
C VAL B 59 38.24 -0.85 8.02
N MET B 60 39.40 -1.06 8.65
CA MET B 60 39.70 -2.29 9.37
C MET B 60 40.42 -1.81 10.61
N PRO B 61 39.66 -1.44 11.64
CA PRO B 61 40.09 -0.94 12.93
C PRO B 61 40.83 -1.87 13.87
N LEU B 62 41.59 -1.26 14.76
CA LEU B 62 42.34 -1.97 15.78
C LEU B 62 41.29 -2.43 16.78
N ARG B 63 41.50 -3.59 17.36
CA ARG B 63 40.57 -4.11 18.35
C ARG B 63 41.39 -4.61 19.54
N PRO B 64 40.83 -4.55 20.76
CA PRO B 64 41.50 -4.98 21.98
C PRO B 64 42.43 -6.17 21.81
N ASP B 65 43.72 -5.93 22.01
CA ASP B 65 44.75 -6.96 21.88
C ASP B 65 44.66 -7.65 20.52
N PHE B 66 44.22 -6.90 19.52
CA PHE B 66 44.06 -7.48 18.19
C PHE B 66 44.28 -6.43 17.10
N PRO B 67 45.54 -6.07 16.85
CA PRO B 67 45.87 -5.07 15.83
C PRO B 67 45.81 -5.69 14.43
N VAL B 68 45.72 -4.85 13.41
CA VAL B 68 45.69 -5.31 12.03
C VAL B 68 47.03 -4.95 11.40
N TRP B 69 47.70 -5.95 10.84
CA TRP B 69 48.98 -5.70 10.20
C TRP B 69 48.83 -5.67 8.69
N SER B 70 49.95 -5.75 7.97
CA SER B 70 49.91 -5.70 6.51
C SER B 70 49.34 -6.94 5.85
N GLY B 71 48.97 -6.77 4.59
CA GLY B 71 48.40 -7.84 3.79
C GLY B 71 48.20 -7.28 2.40
N SER B 72 47.04 -7.53 1.82
CA SER B 72 46.75 -7.01 0.49
C SER B 72 45.27 -7.18 0.18
N ALA B 73 44.81 -6.48 -0.85
CA ALA B 73 43.41 -6.55 -1.24
C ALA B 73 43.27 -6.67 -2.75
N VAL B 74 42.21 -7.34 -3.19
CA VAL B 74 41.94 -7.52 -4.60
C VAL B 74 40.45 -7.41 -4.87
N VAL B 75 40.09 -7.25 -6.13
CA VAL B 75 38.69 -7.18 -6.52
C VAL B 75 38.33 -8.53 -7.10
N ASP B 76 37.39 -9.22 -6.46
CA ASP B 76 36.96 -10.53 -6.91
C ASP B 76 35.88 -10.34 -7.98
N THR B 77 36.28 -9.76 -9.09
CA THR B 77 35.37 -9.46 -10.20
C THR B 77 34.53 -10.63 -10.68
N ALA B 78 35.01 -11.86 -10.50
CA ALA B 78 34.24 -13.03 -10.94
C ALA B 78 33.58 -13.77 -9.78
N ASN B 79 33.51 -13.13 -8.62
CA ASN B 79 32.87 -13.72 -7.44
C ASN B 79 33.29 -15.17 -7.16
N THR B 80 34.60 -15.38 -7.07
CA THR B 80 35.14 -16.72 -6.80
C THR B 80 35.10 -17.01 -5.29
N ALA B 81 35.05 -15.96 -4.48
CA ALA B 81 35.01 -16.11 -3.03
C ALA B 81 33.58 -16.32 -2.56
N GLY B 82 32.62 -15.82 -3.34
CA GLY B 82 31.23 -15.97 -2.99
C GLY B 82 30.65 -14.84 -2.15
N PHE B 83 31.39 -13.76 -2.02
CA PHE B 83 30.92 -12.62 -1.25
C PHE B 83 30.23 -11.65 -2.19
N GLY B 84 30.16 -12.03 -3.47
CA GLY B 84 29.53 -11.18 -4.46
C GLY B 84 30.49 -10.74 -5.55
N ALA B 85 30.02 -10.74 -6.79
CA ALA B 85 30.85 -10.33 -7.91
C ALA B 85 31.31 -8.89 -7.73
N GLY B 86 32.61 -8.66 -7.87
CA GLY B 86 33.13 -7.32 -7.73
C GLY B 86 33.45 -6.94 -6.29
N ALA B 87 33.25 -7.86 -5.37
CA ALA B 87 33.53 -7.59 -3.97
C ALA B 87 35.03 -7.40 -3.79
N VAL B 88 35.41 -6.57 -2.82
CA VAL B 88 36.81 -6.32 -2.52
C VAL B 88 37.20 -7.19 -1.33
N VAL B 89 38.09 -8.14 -1.57
CA VAL B 89 38.55 -9.05 -0.52
C VAL B 89 40.00 -8.76 -0.15
N ALA B 90 40.22 -8.50 1.13
CA ALA B 90 41.54 -8.20 1.63
C ALA B 90 41.97 -9.27 2.63
N LEU B 91 43.25 -9.62 2.60
CA LEU B 91 43.80 -10.59 3.54
C LEU B 91 44.85 -9.82 4.34
N ALA B 92 44.81 -9.95 5.66
CA ALA B 92 45.75 -9.24 6.51
C ALA B 92 46.17 -10.07 7.71
N THR B 93 47.39 -9.84 8.17
CA THR B 93 47.94 -10.57 9.30
C THR B 93 47.53 -9.94 10.62
N GLN B 94 47.16 -10.79 11.56
CA GLN B 94 46.77 -10.37 12.90
C GLN B 94 47.21 -11.37 13.96
N PRO B 95 47.75 -10.87 15.08
CA PRO B 95 48.20 -11.76 16.15
C PRO B 95 47.02 -12.29 16.96
N THR B 96 46.60 -13.51 16.64
CA THR B 96 45.49 -14.15 17.33
C THR B 96 45.76 -14.23 18.83
N ASP B 97 44.75 -13.87 19.62
CA ASP B 97 44.86 -13.88 21.07
C ASP B 97 45.95 -12.91 21.51
N GLY B 98 46.39 -12.07 20.58
CA GLY B 98 47.43 -11.10 20.89
C GLY B 98 48.82 -11.73 20.98
N VAL B 99 48.91 -13.00 20.59
CA VAL B 99 50.16 -13.75 20.65
C VAL B 99 50.91 -13.67 19.32
N ARG B 100 52.10 -13.08 19.37
CA ARG B 100 52.91 -12.91 18.17
C ARG B 100 53.14 -14.22 17.42
N LYS B 101 53.32 -15.31 18.15
CA LYS B 101 53.55 -16.59 17.49
C LYS B 101 52.26 -17.16 16.92
N TYR B 102 51.19 -16.39 17.01
CA TYR B 102 49.90 -16.82 16.47
C TYR B 102 49.48 -15.94 15.29
N GLN B 103 50.37 -15.04 14.86
CA GLN B 103 50.05 -14.18 13.74
C GLN B 103 49.61 -15.04 12.56
N GLU B 104 48.40 -14.79 12.07
CA GLU B 104 47.85 -15.53 10.95
C GLU B 104 47.02 -14.65 10.03
N GLN B 105 46.59 -15.22 8.91
CA GLN B 105 45.86 -14.47 7.92
C GLN B 105 44.34 -14.44 8.07
N TYR B 106 43.81 -13.23 8.21
CA TYR B 106 42.38 -12.99 8.37
C TYR B 106 41.81 -12.32 7.12
N LEU B 107 40.61 -12.72 6.73
CA LEU B 107 39.96 -12.17 5.56
C LEU B 107 38.86 -11.16 5.90
N TYR B 108 38.80 -10.09 5.13
CA TYR B 108 37.80 -9.04 5.28
C TYR B 108 37.24 -8.81 3.88
N TRP B 109 35.96 -8.43 3.77
CA TRP B 109 35.41 -8.20 2.45
C TRP B 109 34.51 -6.97 2.42
N SER B 110 34.40 -6.39 1.23
CA SER B 110 33.61 -5.19 1.03
C SER B 110 32.76 -5.31 -0.22
N THR B 111 31.55 -4.78 -0.17
CA THR B 111 30.65 -4.82 -1.31
C THR B 111 30.35 -3.41 -1.79
N ASP B 112 31.01 -2.43 -1.21
CA ASP B 112 30.81 -1.05 -1.63
C ASP B 112 32.05 -0.47 -2.29
N GLY B 113 32.85 -1.33 -2.92
CA GLY B 113 34.04 -0.88 -3.60
C GLY B 113 35.24 -0.61 -2.72
N GLY B 114 35.25 -1.19 -1.53
CA GLY B 114 36.37 -1.01 -0.62
C GLY B 114 36.24 0.14 0.37
N PHE B 115 35.01 0.58 0.64
CA PHE B 115 34.81 1.68 1.57
C PHE B 115 34.46 1.22 2.99
N THR B 116 33.83 0.06 3.10
CA THR B 116 33.49 -0.51 4.40
C THR B 116 33.78 -2.00 4.31
N PHE B 117 34.30 -2.58 5.39
CA PHE B 117 34.64 -4.00 5.38
C PHE B 117 34.05 -4.76 6.54
N THR B 118 33.72 -6.03 6.29
CA THR B 118 33.19 -6.92 7.30
C THR B 118 34.30 -7.92 7.52
N ALA B 119 34.37 -8.48 8.72
CA ALA B 119 35.43 -9.43 9.00
C ALA B 119 34.97 -10.88 9.08
N LEU B 120 35.74 -11.78 8.48
CA LEU B 120 35.44 -13.19 8.53
C LEU B 120 36.11 -13.63 9.82
N PRO B 121 35.32 -14.12 10.80
CA PRO B 121 35.81 -14.57 12.09
C PRO B 121 37.00 -15.55 12.10
N ASP B 122 36.94 -16.58 11.28
CA ASP B 122 38.01 -17.58 11.24
C ASP B 122 39.10 -17.35 10.21
N PRO B 123 40.38 -17.41 10.64
CA PRO B 123 41.56 -17.22 9.80
C PRO B 123 41.53 -18.16 8.60
N VAL B 124 41.72 -17.62 7.39
CA VAL B 124 41.71 -18.45 6.20
C VAL B 124 43.05 -19.15 5.98
N ILE B 125 44.07 -18.72 6.71
CA ILE B 125 45.39 -19.33 6.63
C ILE B 125 45.95 -19.36 8.05
N VAL B 126 45.76 -20.48 8.72
CA VAL B 126 46.19 -20.67 10.09
C VAL B 126 47.68 -20.80 10.29
N ASN B 127 48.16 -20.35 11.44
CA ASN B 127 49.58 -20.43 11.78
C ASN B 127 49.76 -21.69 12.64
N THR B 128 49.70 -22.85 12.00
CA THR B 128 49.86 -24.12 12.70
C THR B 128 51.22 -24.27 13.37
N ASP B 129 52.25 -23.70 12.75
CA ASP B 129 53.60 -23.77 13.32
C ASP B 129 53.61 -23.17 14.71
N GLY B 130 52.86 -22.08 14.89
CA GLY B 130 52.81 -21.42 16.17
C GLY B 130 52.29 -22.25 17.34
N ARG B 131 51.23 -23.01 17.11
CA ARG B 131 50.68 -23.84 18.18
C ARG B 131 51.53 -25.06 18.48
N ALA B 132 52.33 -25.48 17.49
CA ALA B 132 53.18 -26.65 17.64
C ALA B 132 54.62 -26.28 18.02
N ALA B 133 54.93 -24.99 17.97
CA ALA B 133 56.27 -24.50 18.28
C ALA B 133 56.63 -24.60 19.76
N THR B 134 57.79 -25.19 20.05
CA THR B 134 58.25 -25.33 21.43
C THR B 134 59.63 -24.73 21.70
N THR B 135 60.60 -25.03 20.83
CA THR B 135 61.95 -24.49 21.02
C THR B 135 62.04 -23.06 20.49
N PRO B 136 63.07 -22.32 20.91
CA PRO B 136 63.29 -20.93 20.49
C PRO B 136 63.24 -20.72 18.98
N ALA B 137 63.96 -21.56 18.24
CA ALA B 137 63.99 -21.46 16.79
C ALA B 137 62.59 -21.63 16.19
N GLU B 138 61.84 -22.60 16.71
CA GLU B 138 60.50 -22.87 16.23
C GLU B 138 59.55 -21.71 16.51
N ILE B 139 59.75 -21.06 17.64
CA ILE B 139 58.93 -19.92 18.04
C ILE B 139 59.26 -18.72 17.16
N GLU B 140 60.56 -18.48 16.95
CA GLU B 140 60.99 -17.37 16.14
C GLU B 140 60.41 -17.54 14.73
N ASN B 141 60.46 -18.78 14.26
CA ASN B 141 59.94 -19.13 12.93
C ASN B 141 58.46 -18.79 12.87
N ALA B 142 57.72 -19.17 13.89
CA ALA B 142 56.29 -18.92 13.96
C ALA B 142 55.98 -17.43 14.14
N GLU B 143 56.93 -16.68 14.67
CA GLU B 143 56.70 -15.25 14.88
C GLU B 143 56.98 -14.41 13.65
N TRP B 144 57.06 -15.05 12.50
CA TRP B 144 57.29 -14.34 11.23
C TRP B 144 56.52 -15.13 10.17
N PHE B 145 55.26 -14.76 9.98
CA PHE B 145 54.38 -15.42 9.03
C PHE B 145 53.34 -14.36 8.69
N ARG B 146 53.81 -13.29 8.04
CA ARG B 146 52.96 -12.15 7.74
C ARG B 146 52.97 -11.52 6.35
N ASP B 147 52.11 -10.51 6.20
CA ASP B 147 51.94 -9.71 4.99
C ASP B 147 51.57 -10.47 3.71
N PRO B 148 50.41 -11.14 3.71
CA PRO B 148 49.96 -11.89 2.54
C PRO B 148 49.64 -11.04 1.30
N LYS B 149 50.34 -11.31 0.20
CA LYS B 149 50.13 -10.59 -1.05
C LYS B 149 49.41 -11.52 -2.01
N ILE B 150 48.18 -11.16 -2.35
CA ILE B 150 47.35 -11.98 -3.24
C ILE B 150 47.48 -11.58 -4.70
N HIS B 151 47.55 -12.59 -5.56
CA HIS B 151 47.67 -12.38 -7.00
C HIS B 151 46.86 -13.41 -7.76
N TRP B 152 46.11 -12.96 -8.77
CA TRP B 152 45.32 -13.86 -9.57
C TRP B 152 46.13 -14.37 -10.75
N ASP B 153 46.42 -15.66 -10.73
CA ASP B 153 47.20 -16.35 -11.77
C ASP B 153 46.27 -16.65 -12.93
N THR B 154 46.35 -15.84 -13.98
CA THR B 154 45.47 -16.01 -15.14
C THR B 154 45.71 -17.32 -15.88
N ALA B 155 46.97 -17.67 -16.10
CA ALA B 155 47.31 -18.89 -16.80
C ALA B 155 46.63 -20.10 -16.17
N ARG B 156 46.72 -20.22 -14.86
CA ARG B 156 46.13 -21.37 -14.16
C ARG B 156 44.72 -21.10 -13.64
N GLY B 157 44.26 -19.86 -13.76
CA GLY B 157 42.93 -19.51 -13.29
C GLY B 157 42.68 -19.81 -11.83
N GLU B 158 43.53 -19.30 -10.95
CA GLU B 158 43.39 -19.54 -9.52
C GLU B 158 44.13 -18.43 -8.76
N TRP B 159 43.98 -18.40 -7.44
CA TRP B 159 44.65 -17.39 -6.65
C TRP B 159 45.95 -17.92 -6.07
N VAL B 160 46.95 -17.05 -6.01
CA VAL B 160 48.23 -17.40 -5.45
C VAL B 160 48.58 -16.33 -4.45
N CYS B 161 49.00 -16.75 -3.27
CA CYS B 161 49.34 -15.83 -2.20
C CYS B 161 50.74 -16.08 -1.65
N VAL B 162 51.53 -15.02 -1.55
CA VAL B 162 52.87 -15.14 -1.01
C VAL B 162 52.88 -14.50 0.38
N ILE B 163 53.51 -15.19 1.33
CA ILE B 163 53.58 -14.70 2.70
C ILE B 163 55.03 -14.58 3.13
N GLY B 164 55.34 -13.52 3.88
CA GLY B 164 56.70 -13.31 4.33
C GLY B 164 57.08 -14.10 5.57
N ARG B 165 58.29 -14.66 5.55
CA ARG B 165 58.79 -15.45 6.67
C ARG B 165 60.25 -15.07 6.95
N LEU B 166 60.89 -15.76 7.89
CA LEU B 166 62.26 -15.44 8.25
C LEU B 166 63.27 -15.91 7.19
N ARG B 167 63.73 -14.97 6.38
CA ARG B 167 64.70 -15.24 5.32
C ARG B 167 64.19 -16.14 4.19
N TYR B 168 62.87 -16.26 4.08
CA TYR B 168 62.27 -17.06 3.02
C TYR B 168 60.82 -16.68 2.84
N ALA B 169 60.22 -17.12 1.73
CA ALA B 169 58.83 -16.81 1.45
C ALA B 169 58.01 -18.07 1.27
N ALA B 170 56.78 -18.05 1.77
CA ALA B 170 55.87 -19.19 1.65
C ALA B 170 54.78 -18.87 0.63
N PHE B 171 54.30 -19.89 -0.08
CA PHE B 171 53.28 -19.72 -1.10
C PHE B 171 52.06 -20.61 -0.88
N TYR B 172 50.88 -20.09 -1.22
CA TYR B 172 49.62 -20.81 -1.08
C TYR B 172 48.74 -20.53 -2.28
N THR B 173 47.96 -21.52 -2.71
CA THR B 173 47.04 -21.32 -3.81
C THR B 173 45.63 -21.57 -3.31
N SER B 174 44.66 -21.01 -4.01
CA SER B 174 43.26 -21.16 -3.63
C SER B 174 42.34 -20.82 -4.77
N PRO B 175 41.17 -21.45 -4.81
CA PRO B 175 40.21 -21.16 -5.88
C PRO B 175 39.19 -20.12 -5.43
N ASN B 176 39.15 -19.84 -4.14
CA ASN B 176 38.16 -18.90 -3.61
C ASN B 176 38.64 -17.90 -2.55
N LEU B 177 39.93 -17.82 -2.30
CA LEU B 177 40.47 -16.89 -1.31
C LEU B 177 40.18 -17.29 0.13
N ARG B 178 39.47 -18.40 0.32
CA ARG B 178 39.13 -18.89 1.65
C ARG B 178 39.85 -20.20 2.00
N ASP B 179 39.89 -21.12 1.05
CA ASP B 179 40.54 -22.40 1.27
C ASP B 179 41.91 -22.37 0.59
N TRP B 180 42.96 -22.33 1.40
CA TRP B 180 44.31 -22.27 0.85
C TRP B 180 45.09 -23.56 0.99
N THR B 181 45.87 -23.86 -0.03
CA THR B 181 46.70 -25.07 -0.07
C THR B 181 48.18 -24.67 -0.09
N LEU B 182 48.93 -25.12 0.91
CA LEU B 182 50.35 -24.81 1.02
C LEU B 182 51.16 -25.31 -0.16
N ARG B 183 52.12 -24.49 -0.60
CA ARG B 183 52.97 -24.85 -1.72
C ARG B 183 54.43 -24.79 -1.29
N ARG B 184 55.36 -24.79 -2.24
CA ARG B 184 56.78 -24.76 -1.92
C ARG B 184 57.28 -23.36 -1.64
N ASN B 185 58.17 -23.24 -0.68
CA ASN B 185 58.73 -21.94 -0.34
C ASN B 185 59.75 -21.49 -1.38
N PHE B 186 60.12 -20.22 -1.31
CA PHE B 186 61.13 -19.68 -2.20
C PHE B 186 62.30 -19.38 -1.30
N ASP B 187 63.43 -20.01 -1.57
CA ASP B 187 64.61 -19.78 -0.76
C ASP B 187 65.63 -19.01 -1.56
N TYR B 188 66.45 -18.24 -0.86
CA TYR B 188 67.50 -17.48 -1.52
C TYR B 188 68.75 -17.63 -0.68
N PRO B 189 69.89 -17.86 -1.32
CA PRO B 189 71.21 -18.05 -0.70
C PRO B 189 71.77 -16.97 0.20
N ASN B 190 71.59 -15.71 -0.14
CA ASN B 190 72.16 -14.64 0.67
C ASN B 190 71.20 -14.11 1.74
N HIS B 191 71.28 -14.68 2.95
CA HIS B 191 70.43 -14.27 4.06
C HIS B 191 70.82 -12.95 4.70
N ALA B 192 71.95 -12.40 4.30
CA ALA B 192 72.40 -11.12 4.84
C ALA B 192 71.58 -10.01 4.18
N LEU B 193 70.79 -10.37 3.17
CA LEU B 193 69.92 -9.43 2.48
C LEU B 193 68.78 -9.26 3.45
N GLY B 194 68.71 -10.22 4.37
CA GLY B 194 67.68 -10.25 5.39
C GLY B 194 66.31 -10.28 4.80
N GLY B 195 65.39 -9.69 5.56
CA GLY B 195 64.02 -9.56 5.13
C GLY B 195 63.04 -10.68 4.90
N ILE B 196 62.07 -10.24 4.10
CA ILE B 196 60.88 -10.92 3.61
C ILE B 196 59.72 -10.35 4.40
N GLU B 197 59.54 -9.05 4.21
CA GLU B 197 58.48 -8.26 4.82
C GLU B 197 57.74 -7.69 3.61
N CYS B 198 56.42 -7.56 3.72
CA CYS B 198 55.65 -6.98 2.62
C CYS B 198 56.08 -7.50 1.26
N PRO B 199 55.91 -8.80 0.99
CA PRO B 199 56.32 -9.32 -0.30
C PRO B 199 55.40 -8.81 -1.41
N ASP B 200 55.80 -9.03 -2.64
CA ASP B 200 55.02 -8.62 -3.78
C ASP B 200 55.15 -9.75 -4.78
N LEU B 201 54.08 -9.97 -5.54
CA LEU B 201 54.08 -11.03 -6.54
C LEU B 201 53.17 -10.55 -7.66
N PHE B 202 53.73 -10.40 -8.86
CA PHE B 202 52.92 -9.94 -9.97
C PHE B 202 53.47 -10.37 -11.31
N GLU B 203 52.66 -10.19 -12.34
CA GLU B 203 53.04 -10.52 -13.70
C GLU B 203 53.08 -9.22 -14.49
N ILE B 204 54.07 -9.10 -15.37
CA ILE B 204 54.19 -7.90 -16.18
C ILE B 204 54.76 -8.21 -17.55
N THR B 205 54.29 -7.49 -18.56
CA THR B 205 54.77 -7.69 -19.91
C THR B 205 55.90 -6.71 -20.16
N ALA B 206 57.04 -7.22 -20.62
CA ALA B 206 58.22 -6.40 -20.89
C ALA B 206 58.07 -5.63 -22.19
N ASP B 207 59.03 -4.74 -22.46
CA ASP B 207 59.01 -3.93 -23.67
C ASP B 207 59.14 -4.71 -24.97
N ASP B 208 59.44 -6.00 -24.87
CA ASP B 208 59.58 -6.84 -26.05
C ASP B 208 58.41 -7.79 -26.18
N GLY B 209 57.36 -7.55 -25.39
CA GLY B 209 56.19 -8.40 -25.44
C GLY B 209 56.21 -9.67 -24.60
N THR B 210 57.36 -10.04 -24.04
CA THR B 210 57.41 -11.26 -23.24
C THR B 210 56.84 -11.05 -21.83
N ARG B 211 56.14 -12.05 -21.32
CA ARG B 211 55.53 -12.03 -20.01
C ARG B 211 56.45 -12.58 -18.93
N HIS B 212 56.45 -11.93 -17.77
CA HIS B 212 57.30 -12.34 -16.66
C HIS B 212 56.64 -12.20 -15.30
N TRP B 213 57.11 -12.99 -14.35
CA TRP B 213 56.62 -12.89 -12.99
C TRP B 213 57.68 -12.12 -12.23
N VAL B 214 57.30 -11.50 -11.13
CA VAL B 214 58.24 -10.77 -10.31
C VAL B 214 57.89 -11.01 -8.87
N LEU B 215 58.88 -11.45 -8.11
CA LEU B 215 58.73 -11.70 -6.68
C LEU B 215 59.64 -10.69 -6.00
N ALA B 216 59.10 -9.92 -5.07
CA ALA B 216 59.91 -8.94 -4.37
C ALA B 216 59.56 -8.88 -2.89
N ALA B 217 60.29 -8.06 -2.15
CA ALA B 217 60.06 -7.91 -0.72
C ALA B 217 60.92 -6.77 -0.18
N SER B 218 60.47 -6.18 0.92
CA SER B 218 61.22 -5.12 1.57
C SER B 218 62.35 -5.84 2.30
N MET B 219 63.56 -5.32 2.17
CA MET B 219 64.73 -5.93 2.78
C MET B 219 65.51 -5.00 3.69
N ASP B 220 66.60 -5.53 4.21
CA ASP B 220 67.51 -4.80 5.09
C ASP B 220 68.87 -5.40 4.84
N ALA B 221 69.59 -4.88 3.85
CA ALA B 221 70.90 -5.40 3.49
C ALA B 221 72.01 -4.41 3.81
N TYR B 222 71.73 -3.50 4.73
CA TYR B 222 72.69 -2.49 5.17
C TYR B 222 74.02 -3.14 5.57
N GLY B 223 73.90 -4.24 6.33
CA GLY B 223 75.05 -4.97 6.80
C GLY B 223 76.07 -5.26 5.73
N ILE B 224 75.60 -5.68 4.56
CA ILE B 224 76.52 -5.97 3.47
C ILE B 224 76.58 -4.85 2.42
N GLY B 225 76.31 -3.63 2.87
CA GLY B 225 76.37 -2.48 1.97
C GLY B 225 75.32 -2.34 0.88
N LEU B 226 74.15 -2.91 1.07
CA LEU B 226 73.08 -2.81 0.09
C LEU B 226 71.92 -2.03 0.70
N PRO B 227 70.88 -1.72 -0.10
CA PRO B 227 69.74 -0.96 0.42
C PRO B 227 68.85 -1.65 1.45
N MET B 228 67.99 -0.85 2.08
CA MET B 228 67.02 -1.34 3.06
C MET B 228 65.66 -1.03 2.49
N THR B 229 65.54 -1.22 1.17
CA THR B 229 64.31 -0.92 0.46
C THR B 229 63.55 -2.12 -0.12
N TYR B 230 63.46 -2.14 -1.45
CA TYR B 230 62.71 -3.15 -2.18
C TYR B 230 63.63 -3.88 -3.16
N ALA B 231 63.70 -5.19 -3.03
CA ALA B 231 64.53 -6.01 -3.91
C ALA B 231 63.61 -6.97 -4.67
N TYR B 232 63.93 -7.24 -5.93
CA TYR B 232 63.07 -8.10 -6.72
C TYR B 232 63.76 -9.16 -7.55
N TRP B 233 63.06 -10.28 -7.74
CA TRP B 233 63.53 -11.42 -8.51
C TRP B 233 62.59 -11.67 -9.68
N THR B 234 63.05 -11.48 -10.91
CA THR B 234 62.19 -11.79 -12.06
C THR B 234 62.22 -13.31 -12.15
N GLY B 235 61.16 -13.91 -12.68
CA GLY B 235 61.12 -15.34 -12.80
C GLY B 235 59.76 -15.87 -13.22
N THR B 236 59.44 -17.08 -12.79
CA THR B 236 58.17 -17.71 -13.13
C THR B 236 57.56 -18.46 -11.96
N TRP B 237 56.22 -18.43 -11.90
CA TRP B 237 55.49 -19.17 -10.89
C TRP B 237 54.75 -20.25 -11.66
N ASP B 238 54.91 -21.51 -11.27
CA ASP B 238 54.25 -22.60 -11.98
C ASP B 238 53.11 -23.24 -11.19
N GLY B 239 52.61 -22.51 -10.18
CA GLY B 239 51.51 -23.02 -9.39
C GLY B 239 51.95 -23.93 -8.27
N GLU B 240 53.26 -24.08 -8.13
CA GLU B 240 53.84 -24.96 -7.11
C GLU B 240 55.08 -24.33 -6.49
N GLN B 241 55.89 -23.71 -7.35
CA GLN B 241 57.12 -23.10 -6.90
C GLN B 241 57.51 -21.89 -7.75
N PHE B 242 58.25 -20.97 -7.15
CA PHE B 242 58.70 -19.79 -7.86
C PHE B 242 60.14 -20.00 -8.31
N HIS B 243 60.39 -19.83 -9.61
CA HIS B 243 61.71 -20.02 -10.18
C HIS B 243 62.37 -18.69 -10.55
N ALA B 244 63.34 -18.26 -9.76
CA ALA B 244 64.02 -17.01 -10.06
C ALA B 244 65.02 -17.21 -11.18
N ASP B 245 65.12 -16.23 -12.07
CA ASP B 245 66.05 -16.31 -13.19
C ASP B 245 67.46 -16.12 -12.67
N ASP B 246 67.56 -15.44 -11.53
CA ASP B 246 68.84 -15.19 -10.87
C ASP B 246 68.56 -15.00 -9.39
N LEU B 247 69.22 -15.80 -8.54
CA LEU B 247 69.02 -15.74 -7.10
C LEU B 247 69.51 -14.45 -6.40
N THR B 248 70.30 -13.64 -7.09
CA THR B 248 70.75 -12.37 -6.52
C THR B 248 69.74 -11.35 -7.05
N PRO B 249 68.98 -10.70 -6.16
CA PRO B 249 67.96 -9.71 -6.51
C PRO B 249 68.45 -8.35 -6.99
N GLN B 250 67.58 -7.66 -7.72
CA GLN B 250 67.86 -6.31 -8.22
C GLN B 250 67.18 -5.36 -7.25
N TRP B 251 67.63 -4.12 -7.19
CA TRP B 251 67.02 -3.17 -6.27
C TRP B 251 66.22 -2.07 -6.94
N LEU B 252 65.11 -1.69 -6.32
CA LEU B 252 64.25 -0.66 -6.89
C LEU B 252 64.54 0.73 -6.35
N ASP B 253 65.27 0.83 -5.24
CA ASP B 253 65.64 2.13 -4.66
C ASP B 253 66.92 1.98 -3.84
N TRP B 254 67.77 3.00 -3.93
CA TRP B 254 69.05 3.00 -3.21
C TRP B 254 69.09 4.04 -2.10
N GLY B 255 67.96 4.70 -1.87
CA GLY B 255 67.90 5.68 -0.80
C GLY B 255 67.64 5.02 0.54
N TRP B 256 67.54 5.83 1.60
CA TRP B 256 67.30 5.36 2.95
C TRP B 256 65.85 5.08 3.25
N ASP B 257 64.95 5.86 2.64
CA ASP B 257 63.52 5.73 2.95
C ASP B 257 62.55 5.37 1.82
N TRP B 258 62.38 4.07 1.59
CA TRP B 258 61.47 3.57 0.58
C TRP B 258 61.17 2.15 1.01
N TYR B 259 60.49 2.02 2.15
CA TYR B 259 60.17 0.74 2.74
C TYR B 259 58.72 0.29 2.57
N ALA B 260 58.51 -1.03 2.65
CA ALA B 260 57.18 -1.63 2.52
C ALA B 260 56.47 -1.19 1.23
N ALA B 261 57.24 -1.03 0.16
CA ALA B 261 56.66 -0.62 -1.11
C ALA B 261 55.68 -1.65 -1.65
N VAL B 262 54.67 -1.15 -2.36
CA VAL B 262 53.67 -2.02 -2.99
C VAL B 262 53.48 -1.52 -4.42
N THR B 263 53.12 -2.42 -5.32
CA THR B 263 52.88 -2.04 -6.71
C THR B 263 51.49 -2.51 -7.12
N TRP B 264 50.89 -1.84 -8.10
CA TRP B 264 49.56 -2.24 -8.55
C TRP B 264 49.46 -1.86 -10.03
N PRO B 265 48.65 -2.60 -10.78
CA PRO B 265 48.50 -2.30 -12.21
C PRO B 265 47.86 -0.95 -12.52
N SER B 266 48.40 -0.24 -13.49
CA SER B 266 47.85 1.05 -13.87
C SER B 266 46.51 0.81 -14.55
N ILE B 267 45.60 1.76 -14.41
CA ILE B 267 44.29 1.65 -15.02
C ILE B 267 44.39 1.64 -16.54
N ASP B 268 45.28 2.45 -17.09
CA ASP B 268 45.45 2.55 -18.54
C ASP B 268 46.24 1.46 -19.25
N ALA B 269 47.22 0.87 -18.58
CA ALA B 269 48.03 -0.19 -19.19
C ALA B 269 48.41 -1.18 -18.09
N PRO B 270 47.42 -1.90 -17.56
CA PRO B 270 47.60 -2.89 -16.49
C PRO B 270 48.65 -3.97 -16.68
N GLU B 271 49.02 -4.25 -17.92
CA GLU B 271 50.00 -5.29 -18.18
C GLU B 271 51.44 -4.83 -18.40
N THR B 272 51.62 -3.61 -18.90
CA THR B 272 52.96 -3.10 -19.17
C THR B 272 53.38 -2.00 -18.20
N LYS B 273 52.42 -1.37 -17.54
CA LYS B 273 52.73 -0.31 -16.60
C LYS B 273 52.09 -0.52 -15.24
N ARG B 274 52.93 -0.51 -14.22
CA ARG B 274 52.44 -0.67 -12.86
C ARG B 274 52.76 0.61 -12.11
N LEU B 275 52.07 0.83 -11.00
CA LEU B 275 52.32 2.00 -10.19
C LEU B 275 52.89 1.46 -8.89
N ALA B 276 53.73 2.26 -8.24
CA ALA B 276 54.33 1.84 -6.99
C ALA B 276 54.41 2.99 -6.02
N ILE B 277 54.27 2.67 -4.74
CA ILE B 277 54.35 3.68 -3.69
C ILE B 277 54.94 3.01 -2.46
N ALA B 278 55.67 3.77 -1.66
CA ALA B 278 56.28 3.22 -0.45
C ALA B 278 56.23 4.18 0.73
N TRP B 279 56.40 3.61 1.92
CA TRP B 279 56.43 4.39 3.15
C TRP B 279 57.84 5.00 3.21
N MET B 280 57.92 6.33 3.25
CA MET B 280 59.22 6.97 3.32
C MET B 280 59.70 7.03 4.76
N ASN B 281 60.22 5.90 5.23
CA ASN B 281 60.73 5.79 6.57
C ASN B 281 61.67 4.59 6.65
N ASN B 282 62.34 4.43 7.78
CA ASN B 282 63.28 3.34 7.97
C ASN B 282 63.23 2.90 9.43
N TRP B 283 63.00 1.63 9.67
CA TRP B 283 62.92 1.14 11.04
C TRP B 283 64.16 1.38 11.89
N LYS B 284 65.28 1.70 11.25
CA LYS B 284 66.50 1.98 12.00
C LYS B 284 66.21 3.18 12.92
N TYR B 285 65.22 4.00 12.56
CA TYR B 285 64.89 5.17 13.35
C TYR B 285 63.44 5.62 13.28
N ALA B 286 62.59 4.84 12.62
CA ALA B 286 61.18 5.20 12.48
C ALA B 286 60.43 5.43 13.79
N ALA B 287 60.77 4.66 14.82
CA ALA B 287 60.10 4.80 16.12
C ALA B 287 60.63 5.99 16.90
N ARG B 288 60.16 7.18 16.54
CA ARG B 288 60.57 8.40 17.19
C ARG B 288 59.61 9.46 16.75
N ASP B 289 59.76 10.65 17.31
CA ASP B 289 58.92 11.77 16.95
C ASP B 289 59.64 12.56 15.87
N VAL B 290 58.88 13.17 14.97
CA VAL B 290 59.48 13.95 13.89
C VAL B 290 58.88 15.35 13.91
N PRO B 291 59.53 16.31 13.24
CA PRO B 291 59.03 17.69 13.20
C PRO B 291 57.52 17.86 13.06
N THR B 292 56.90 17.06 12.20
CA THR B 292 55.46 17.17 11.98
C THR B 292 54.59 16.75 13.17
N ASP B 293 55.17 16.07 14.16
CA ASP B 293 54.38 15.69 15.33
C ASP B 293 54.01 16.94 16.10
N ALA B 294 55.02 17.70 16.51
CA ALA B 294 54.77 18.93 17.24
C ALA B 294 54.16 19.94 16.27
N SER B 295 54.55 19.86 15.01
CA SER B 295 54.06 20.76 13.98
C SER B 295 52.60 20.59 13.61
N ASP B 296 52.24 19.43 13.08
CA ASP B 296 50.87 19.19 12.65
C ASP B 296 50.20 17.97 13.27
N GLY B 297 50.83 17.37 14.28
CA GLY B 297 50.25 16.21 14.92
C GLY B 297 50.20 14.91 14.15
N TYR B 298 51.12 14.72 13.21
CA TYR B 298 51.14 13.47 12.45
C TYR B 298 52.59 13.04 12.24
N ASN B 299 52.77 11.78 11.89
CA ASN B 299 54.11 11.25 11.70
C ASN B 299 54.17 10.31 10.51
N GLY B 300 54.89 10.70 9.48
CA GLY B 300 55.03 9.85 8.30
C GLY B 300 54.37 10.31 7.03
N GLN B 301 55.02 10.02 5.92
CA GLN B 301 54.51 10.38 4.61
C GLN B 301 54.90 9.25 3.65
N ASN B 302 54.21 9.19 2.52
CA ASN B 302 54.53 8.17 1.54
C ASN B 302 55.39 8.84 0.48
N SER B 303 55.98 8.04 -0.40
CA SER B 303 56.83 8.57 -1.45
C SER B 303 55.95 9.07 -2.58
N ILE B 304 56.58 9.60 -3.61
CA ILE B 304 55.83 10.04 -4.77
C ILE B 304 55.44 8.71 -5.40
N VAL B 305 54.33 8.69 -6.13
CA VAL B 305 53.91 7.48 -6.79
C VAL B 305 54.78 7.40 -8.05
N ARG B 306 55.37 6.22 -8.32
CA ARG B 306 56.19 6.05 -9.50
C ARG B 306 55.59 5.02 -10.46
N GLU B 307 55.98 5.10 -11.73
CA GLU B 307 55.50 4.18 -12.75
C GLU B 307 56.59 3.17 -13.02
N LEU B 308 56.19 1.92 -13.18
CA LEU B 308 57.17 0.87 -13.46
C LEU B 308 56.91 0.22 -14.80
N ARG B 309 57.99 -0.17 -15.48
CA ARG B 309 57.90 -0.86 -16.75
C ARG B 309 59.12 -1.79 -16.82
N LEU B 310 58.96 -2.95 -17.44
CA LEU B 310 60.05 -3.92 -17.54
C LEU B 310 60.77 -3.85 -18.88
N ALA B 311 62.10 -3.74 -18.84
CA ALA B 311 62.89 -3.63 -20.05
C ALA B 311 63.86 -4.80 -20.27
N ARG B 312 63.97 -5.24 -21.51
CA ARG B 312 64.88 -6.32 -21.83
C ARG B 312 66.29 -5.76 -21.84
N GLN B 313 67.24 -6.56 -21.36
CA GLN B 313 68.63 -6.14 -21.31
C GLN B 313 69.47 -7.12 -22.15
N PRO B 314 70.61 -6.66 -22.67
CA PRO B 314 71.44 -7.56 -23.47
C PRO B 314 71.76 -8.78 -22.62
N GLY B 315 71.69 -9.96 -23.21
CA GLY B 315 71.98 -11.15 -22.43
C GLY B 315 70.72 -11.90 -22.05
N GLY B 316 69.56 -11.28 -22.25
CA GLY B 316 68.33 -11.95 -21.93
C GLY B 316 67.74 -11.75 -20.54
N TRP B 317 68.24 -10.80 -19.78
CA TRP B 317 67.64 -10.56 -18.48
C TRP B 317 66.76 -9.32 -18.57
N TYR B 318 65.95 -9.09 -17.54
CA TYR B 318 65.02 -7.96 -17.54
C TYR B 318 65.16 -7.13 -16.28
N THR B 319 64.99 -5.83 -16.43
CA THR B 319 65.11 -4.92 -15.31
C THR B 319 63.98 -3.90 -15.32
N LEU B 320 63.64 -3.38 -14.13
CA LEU B 320 62.57 -2.40 -13.99
C LEU B 320 63.12 -0.98 -14.07
N LEU B 321 62.32 -0.08 -14.63
CA LEU B 321 62.69 1.33 -14.77
C LEU B 321 61.63 2.19 -14.09
N SER B 322 62.07 3.20 -13.36
CA SER B 322 61.16 4.08 -12.61
C SER B 322 61.12 5.51 -13.13
N THR B 323 59.96 6.13 -12.99
CA THR B 323 59.78 7.53 -13.37
C THR B 323 58.56 8.05 -12.61
N PRO B 324 58.62 9.31 -12.14
CA PRO B 324 57.50 9.89 -11.39
C PRO B 324 56.18 9.81 -12.15
N VAL B 325 55.08 9.59 -11.44
CA VAL B 325 53.78 9.49 -12.08
C VAL B 325 53.58 10.69 -13.02
N ALA B 326 53.14 10.42 -14.24
CA ALA B 326 52.95 11.46 -15.24
C ALA B 326 52.05 12.64 -14.83
N ALA B 327 51.04 12.36 -14.00
CA ALA B 327 50.11 13.39 -13.58
C ALA B 327 50.70 14.48 -12.69
N LEU B 328 51.90 14.27 -12.17
CA LEU B 328 52.49 15.29 -11.31
C LEU B 328 52.63 16.60 -12.08
N THR B 329 52.74 16.50 -13.39
CA THR B 329 52.87 17.65 -14.28
C THR B 329 51.70 18.64 -14.14
N ASN B 330 50.55 18.11 -13.79
CA ASN B 330 49.34 18.92 -13.64
C ASN B 330 49.39 19.84 -12.44
N TYR B 331 50.28 19.53 -11.50
CA TYR B 331 50.41 20.30 -10.27
C TYR B 331 51.51 21.33 -10.35
N VAL B 332 52.13 21.46 -11.52
CA VAL B 332 53.19 22.43 -11.70
C VAL B 332 52.62 23.84 -11.74
N THR B 333 53.13 24.67 -10.84
CA THR B 333 52.71 26.06 -10.69
C THR B 333 53.50 27.04 -11.53
N ALA B 334 54.79 26.79 -11.70
CA ALA B 334 55.65 27.68 -12.46
C ALA B 334 56.86 26.91 -12.97
N THR B 335 57.40 27.36 -14.09
CA THR B 335 58.55 26.71 -14.69
C THR B 335 59.64 27.74 -14.94
N THR B 336 60.79 27.54 -14.32
CA THR B 336 61.89 28.47 -14.49
C THR B 336 63.09 27.79 -15.12
N THR B 337 63.59 28.38 -16.21
CA THR B 337 64.77 27.83 -16.86
C THR B 337 65.92 28.77 -16.53
N LEU B 338 67.07 28.19 -16.19
CA LEU B 338 68.25 28.97 -15.85
C LEU B 338 69.34 28.69 -16.88
N PRO B 339 70.05 29.74 -17.31
CA PRO B 339 71.13 29.64 -18.30
C PRO B 339 72.16 28.58 -17.96
N ASP B 340 72.71 27.93 -18.98
CA ASP B 340 73.75 26.93 -18.75
C ASP B 340 74.90 27.66 -18.09
N ARG B 341 75.75 26.93 -17.38
CA ARG B 341 76.87 27.59 -16.75
C ARG B 341 77.97 26.62 -16.39
N THR B 342 79.20 27.14 -16.45
CA THR B 342 80.37 26.36 -16.13
C THR B 342 80.78 26.76 -14.71
N VAL B 343 80.93 25.76 -13.86
CA VAL B 343 81.32 26.01 -12.47
C VAL B 343 82.60 25.28 -12.15
N ASP B 344 83.45 25.93 -11.38
CA ASP B 344 84.71 25.35 -10.93
C ASP B 344 84.78 25.75 -9.45
N GLY B 345 84.31 24.87 -8.58
CA GLY B 345 84.29 25.18 -7.16
C GLY B 345 82.83 25.17 -6.71
N SER B 346 82.21 26.34 -6.62
CA SER B 346 80.81 26.38 -6.21
C SER B 346 80.14 27.67 -6.64
N ALA B 347 78.84 27.60 -6.86
CA ALA B 347 78.07 28.78 -7.26
C ALA B 347 76.62 28.60 -6.83
N VAL B 348 76.03 29.66 -6.31
CA VAL B 348 74.64 29.61 -5.86
C VAL B 348 73.70 30.04 -6.98
N LEU B 349 72.69 29.23 -7.26
CA LEU B 349 71.73 29.56 -8.30
C LEU B 349 70.72 30.59 -7.79
N PRO B 350 70.31 31.52 -8.66
CA PRO B 350 69.35 32.56 -8.28
C PRO B 350 67.92 32.04 -8.31
N TRP B 351 67.60 31.17 -7.35
CA TRP B 351 66.27 30.60 -7.26
C TRP B 351 66.08 30.00 -5.87
N ASN B 352 64.87 30.08 -5.34
CA ASN B 352 64.58 29.55 -4.01
C ASN B 352 63.17 28.97 -3.99
N GLY B 353 62.99 27.87 -3.27
CA GLY B 353 61.69 27.24 -3.19
C GLY B 353 61.75 26.03 -2.27
N ARG B 354 60.61 25.45 -1.94
CA ARG B 354 60.57 24.30 -1.03
C ARG B 354 59.89 23.05 -1.58
N ALA B 355 59.09 23.22 -2.61
CA ALA B 355 58.38 22.11 -3.22
C ALA B 355 58.54 22.28 -4.72
N TYR B 356 59.30 21.39 -5.35
CA TYR B 356 59.55 21.50 -6.77
C TYR B 356 60.32 20.30 -7.29
N GLU B 357 60.47 20.28 -8.60
CA GLU B 357 61.23 19.25 -9.29
C GLU B 357 62.22 20.01 -10.13
N ILE B 358 63.48 19.64 -10.07
CA ILE B 358 64.47 20.30 -10.90
C ILE B 358 65.17 19.24 -11.73
N GLU B 359 65.41 19.55 -13.00
CA GLU B 359 66.12 18.64 -13.89
C GLU B 359 67.33 19.38 -14.38
N LEU B 360 68.40 18.65 -14.65
CA LEU B 360 69.62 19.26 -15.15
C LEU B 360 70.59 18.20 -15.62
N ASP B 361 71.56 18.63 -16.40
CA ASP B 361 72.59 17.74 -16.90
C ASP B 361 73.92 18.30 -16.42
N ILE B 362 74.84 17.41 -16.11
CA ILE B 362 76.15 17.83 -15.66
C ILE B 362 77.13 17.07 -16.51
N ALA B 363 78.19 17.75 -16.93
CA ALA B 363 79.22 17.14 -17.76
C ALA B 363 80.56 17.66 -17.26
N TRP B 364 81.54 16.78 -17.16
CA TRP B 364 82.84 17.19 -16.66
C TRP B 364 83.95 16.32 -17.25
N ASP B 365 85.17 16.60 -16.84
CA ASP B 365 86.34 15.86 -17.30
C ASP B 365 87.17 15.37 -16.10
N THR B 366 88.12 16.17 -15.67
CA THR B 366 88.99 15.80 -14.55
C THR B 366 88.36 15.83 -13.16
N ALA B 367 87.35 16.67 -12.98
CA ALA B 367 86.70 16.77 -11.68
C ALA B 367 86.48 15.41 -11.05
N THR B 368 86.80 15.28 -9.76
CA THR B 368 86.63 14.02 -9.05
C THR B 368 85.32 14.01 -8.25
N ASN B 369 84.65 15.16 -8.21
CA ASN B 369 83.39 15.27 -7.51
C ASN B 369 82.56 16.40 -8.10
N VAL B 370 81.32 16.09 -8.48
CA VAL B 370 80.44 17.09 -9.03
C VAL B 370 79.09 16.86 -8.40
N GLY B 371 78.29 17.91 -8.28
CA GLY B 371 76.99 17.75 -7.67
C GLY B 371 76.18 19.02 -7.54
N ILE B 372 75.01 18.88 -6.93
CA ILE B 372 74.13 19.99 -6.71
C ILE B 372 73.64 19.88 -5.28
N SER B 373 73.50 21.03 -4.60
CA SER B 373 73.03 21.06 -3.23
C SER B 373 71.62 21.64 -3.23
N VAL B 374 70.68 20.91 -2.62
CA VAL B 374 69.30 21.39 -2.54
C VAL B 374 68.95 21.68 -1.08
N GLY B 375 67.93 22.52 -0.87
CA GLY B 375 67.55 22.87 0.49
C GLY B 375 68.64 23.67 1.18
N ARG B 376 69.34 24.51 0.43
CA ARG B 376 70.42 25.32 0.99
C ARG B 376 69.95 26.54 1.76
N SER B 377 70.45 26.67 2.99
CA SER B 377 70.12 27.79 3.84
C SER B 377 71.05 28.94 3.51
N PRO B 378 70.55 30.17 3.49
CA PRO B 378 71.42 31.30 3.16
C PRO B 378 72.61 31.46 4.10
N ASP B 379 72.56 30.86 5.30
CA ASP B 379 73.70 30.97 6.20
C ASP B 379 74.81 30.01 5.78
N GLY B 380 74.51 29.23 4.75
CA GLY B 380 75.47 28.27 4.20
C GLY B 380 75.75 27.00 4.99
N THR B 381 75.07 26.82 6.12
CA THR B 381 75.32 25.65 6.94
C THR B 381 74.51 24.40 6.63
N ARG B 382 73.32 24.58 6.07
CA ARG B 382 72.45 23.46 5.77
C ARG B 382 72.24 23.23 4.27
N HIS B 383 72.20 21.96 3.87
CA HIS B 383 71.99 21.56 2.48
C HIS B 383 72.14 20.06 2.26
N THR B 384 71.45 19.53 1.26
CA THR B 384 71.53 18.12 0.92
C THR B 384 72.22 18.02 -0.43
N ASN B 385 73.29 17.22 -0.47
CA ASN B 385 74.09 17.07 -1.68
C ASN B 385 73.78 15.86 -2.55
N ILE B 386 73.62 16.12 -3.84
CA ILE B 386 73.35 15.07 -4.82
C ILE B 386 74.51 15.17 -5.80
N GLY B 387 75.26 14.09 -6.00
CA GLY B 387 76.38 14.18 -6.93
C GLY B 387 77.00 12.88 -7.38
N LYS B 388 78.07 13.00 -8.14
CA LYS B 388 78.76 11.82 -8.64
C LYS B 388 80.19 11.79 -8.16
N TYR B 389 80.54 10.70 -7.48
CA TYR B 389 81.88 10.52 -6.97
C TYR B 389 82.24 9.06 -7.15
N GLY B 390 83.36 8.80 -7.81
CA GLY B 390 83.80 7.44 -8.04
C GLY B 390 82.77 6.65 -8.79
N ALA B 391 82.33 5.56 -8.19
CA ALA B 391 81.31 4.70 -8.79
C ALA B 391 79.96 4.95 -8.15
N ASP B 392 79.80 6.12 -7.55
CA ASP B 392 78.56 6.46 -6.88
C ASP B 392 77.83 7.71 -7.33
N LEU B 393 76.51 7.61 -7.31
CA LEU B 393 75.68 8.78 -7.57
C LEU B 393 75.07 8.83 -6.18
N TYR B 394 75.62 9.71 -5.36
CA TYR B 394 75.19 9.84 -3.98
C TYR B 394 74.22 10.97 -3.67
N VAL B 395 73.58 10.84 -2.51
CA VAL B 395 72.65 11.81 -1.98
C VAL B 395 73.04 11.89 -0.51
N ASP B 396 73.72 12.97 -0.13
CA ASP B 396 74.18 13.15 1.23
C ASP B 396 73.31 14.15 1.97
N ARG B 397 72.43 13.66 2.85
CA ARG B 397 71.55 14.55 3.62
C ARG B 397 72.24 14.96 4.91
N GLY B 398 73.47 14.50 5.08
CA GLY B 398 74.24 14.81 6.28
C GLY B 398 74.22 16.27 6.70
N PRO B 399 74.55 17.21 5.81
CA PRO B 399 74.54 18.63 6.18
C PRO B 399 73.15 19.18 6.47
N SER B 400 72.13 18.32 6.39
CA SER B 400 70.75 18.72 6.64
C SER B 400 70.23 18.19 7.96
N ASP B 401 71.04 17.43 8.68
CA ASP B 401 70.61 16.90 9.96
C ASP B 401 70.04 18.02 10.80
N LEU B 402 68.92 17.73 11.46
CA LEU B 402 68.24 18.74 12.25
C LEU B 402 68.31 18.43 13.75
N ALA B 403 68.64 19.47 14.51
CA ALA B 403 68.76 19.38 15.97
C ALA B 403 67.54 18.76 16.64
N GLY B 404 67.75 17.63 17.30
CA GLY B 404 66.65 16.97 17.97
C GLY B 404 65.93 15.97 17.08
N TYR B 405 66.32 15.92 15.81
CA TYR B 405 65.71 15.01 14.85
C TYR B 405 66.76 14.42 13.94
N SER B 406 68.01 14.45 14.38
CA SER B 406 69.13 13.93 13.59
C SER B 406 68.89 12.54 13.00
N LEU B 407 69.40 12.34 11.79
CA LEU B 407 69.27 11.08 11.10
C LEU B 407 70.62 10.36 11.02
N ALA B 408 71.67 10.97 11.56
CA ALA B 408 73.00 10.36 11.57
C ALA B 408 72.87 9.02 12.27
N PRO B 409 73.71 8.04 11.90
CA PRO B 409 74.78 8.02 10.90
C PRO B 409 74.34 7.86 9.45
N TYR B 410 73.08 7.49 9.26
CA TYR B 410 72.51 7.26 7.93
C TYR B 410 72.40 8.55 7.11
N SER B 411 73.56 9.08 6.70
CA SER B 411 73.59 10.33 5.94
C SER B 411 73.83 10.23 4.44
N ARG B 412 74.82 9.44 4.04
CA ARG B 412 75.17 9.33 2.64
C ARG B 412 74.68 8.08 1.94
N ALA B 413 73.68 8.25 1.10
CA ALA B 413 73.14 7.14 0.34
C ALA B 413 73.82 7.20 -1.02
N ALA B 414 73.98 6.05 -1.66
CA ALA B 414 74.62 6.02 -2.97
C ALA B 414 74.08 4.93 -3.88
N ALA B 415 73.92 5.28 -5.15
CA ALA B 415 73.46 4.32 -6.14
C ALA B 415 74.66 4.07 -7.03
N PRO B 416 74.76 2.87 -7.59
CA PRO B 416 75.90 2.60 -8.46
C PRO B 416 75.77 3.30 -9.80
N ILE B 417 76.89 3.81 -10.31
CA ILE B 417 76.93 4.46 -11.61
C ILE B 417 78.30 4.14 -12.19
N ASP B 418 78.42 4.17 -13.50
CA ASP B 418 79.68 3.86 -14.14
C ASP B 418 80.81 4.82 -13.79
N PRO B 419 81.94 4.28 -13.32
CA PRO B 419 83.12 5.07 -12.94
C PRO B 419 83.55 5.99 -14.08
N GLY B 420 83.34 5.52 -15.30
CA GLY B 420 83.72 6.31 -16.46
C GLY B 420 82.72 7.39 -16.83
N ALA B 421 81.60 7.45 -16.13
CA ALA B 421 80.60 8.46 -16.45
C ALA B 421 81.20 9.85 -16.26
N ARG B 422 81.04 10.68 -17.28
CA ARG B 422 81.52 12.05 -17.24
C ARG B 422 80.33 12.94 -17.59
N SER B 423 79.14 12.35 -17.52
CA SER B 423 77.92 13.07 -17.83
C SER B 423 76.78 12.34 -17.12
N VAL B 424 75.80 13.11 -16.67
CA VAL B 424 74.66 12.51 -15.99
C VAL B 424 73.46 13.41 -16.05
N HIS B 425 72.28 12.81 -16.07
CA HIS B 425 71.04 13.56 -16.07
C HIS B 425 70.35 13.31 -14.75
N LEU B 426 69.91 14.37 -14.09
CA LEU B 426 69.24 14.23 -12.81
C LEU B 426 67.85 14.84 -12.82
N ARG B 427 66.94 14.17 -12.13
CA ARG B 427 65.57 14.64 -11.98
C ARG B 427 65.33 14.55 -10.48
N ILE B 428 65.30 15.71 -9.83
CA ILE B 428 65.16 15.76 -8.39
C ILE B 428 63.85 16.34 -7.87
N LEU B 429 63.16 15.55 -7.06
CA LEU B 429 61.90 15.96 -6.45
C LEU B 429 62.16 16.38 -5.00
N VAL B 430 61.94 17.65 -4.73
CA VAL B 430 62.14 18.15 -3.37
C VAL B 430 60.83 18.61 -2.78
N ASP B 431 60.57 18.19 -1.54
CA ASP B 431 59.37 18.63 -0.87
C ASP B 431 59.87 19.09 0.50
N THR B 432 58.96 19.50 1.38
CA THR B 432 59.37 20.00 2.70
C THR B 432 60.08 19.02 3.63
N GLN B 433 59.83 17.73 3.45
CA GLN B 433 60.47 16.72 4.29
C GLN B 433 61.07 15.56 3.49
N SER B 434 61.41 15.79 2.23
CA SER B 434 61.97 14.71 1.43
C SER B 434 62.73 15.08 0.16
N VAL B 435 63.52 14.14 -0.31
CA VAL B 435 64.30 14.29 -1.54
C VAL B 435 64.30 12.94 -2.26
N GLU B 436 63.89 12.97 -3.52
CA GLU B 436 63.86 11.78 -4.36
C GLU B 436 64.58 12.08 -5.66
N VAL B 437 65.64 11.33 -5.91
CA VAL B 437 66.45 11.50 -7.09
C VAL B 437 66.25 10.38 -8.10
N PHE B 438 65.86 10.77 -9.31
CA PHE B 438 65.66 9.83 -10.40
C PHE B 438 66.84 10.05 -11.32
N VAL B 439 67.72 9.06 -11.41
CA VAL B 439 68.93 9.18 -12.23
C VAL B 439 68.81 8.68 -13.66
N ASN B 440 69.36 9.45 -14.59
CA ASN B 440 69.33 9.08 -15.99
C ASN B 440 67.96 8.57 -16.44
N ALA B 441 67.90 7.35 -16.96
CA ALA B 441 66.65 6.78 -17.47
C ALA B 441 65.81 6.12 -16.38
N GLY B 442 66.13 6.40 -15.12
CA GLY B 442 65.37 5.85 -14.04
C GLY B 442 65.66 4.43 -13.59
N HIS B 443 66.82 3.89 -13.94
CA HIS B 443 67.15 2.54 -13.51
C HIS B 443 67.52 2.56 -12.03
N THR B 444 68.11 3.67 -11.59
CA THR B 444 68.47 3.84 -10.18
C THR B 444 67.77 5.06 -9.62
N VAL B 445 67.17 4.89 -8.45
CA VAL B 445 66.47 5.97 -7.78
C VAL B 445 66.89 5.99 -6.34
N LEU B 446 66.92 7.18 -5.74
CA LEU B 446 67.28 7.34 -4.33
C LEU B 446 66.23 8.19 -3.65
N SER B 447 65.53 7.61 -2.68
CA SER B 447 64.50 8.32 -1.95
C SER B 447 64.87 8.39 -0.48
N GLN B 448 64.74 9.58 0.10
CA GLN B 448 65.06 9.73 1.50
C GLN B 448 64.38 10.94 2.10
N GLN B 449 63.96 10.81 3.34
CA GLN B 449 63.32 11.93 4.02
C GLN B 449 64.44 12.84 4.47
N VAL B 450 64.15 14.14 4.50
CA VAL B 450 65.11 15.13 4.93
C VAL B 450 64.31 16.14 5.73
N HIS B 451 64.78 16.48 6.92
CA HIS B 451 64.07 17.45 7.75
C HIS B 451 64.55 18.86 7.46
N PHE B 452 63.99 19.45 6.41
CA PHE B 452 64.36 20.80 6.02
C PHE B 452 63.79 21.82 6.98
N ALA B 453 64.49 22.93 7.13
CA ALA B 453 64.05 24.02 7.99
C ALA B 453 63.35 25.02 7.08
N GLU B 454 62.49 25.85 7.66
CA GLU B 454 61.74 26.84 6.89
C GLU B 454 62.62 27.59 5.88
N GLY B 455 63.81 27.97 6.32
CA GLY B 455 64.72 28.70 5.46
C GLY B 455 65.62 27.93 4.53
N ASP B 456 65.54 26.60 4.50
CA ASP B 456 66.37 25.80 3.59
C ASP B 456 65.72 25.83 2.21
N THR B 457 65.96 26.89 1.45
CA THR B 457 65.31 27.05 0.16
C THR B 457 66.22 27.21 -1.06
N GLY B 458 67.51 27.42 -0.82
CA GLY B 458 68.43 27.64 -1.93
C GLY B 458 68.95 26.44 -2.70
N ILE B 459 69.65 26.73 -3.78
CA ILE B 459 70.23 25.71 -4.63
C ILE B 459 71.62 26.18 -5.09
N SER B 460 72.60 25.28 -5.01
CA SER B 460 73.94 25.62 -5.45
C SER B 460 74.54 24.47 -6.26
N LEU B 461 75.59 24.77 -7.02
CA LEU B 461 76.27 23.79 -7.83
C LEU B 461 77.71 23.76 -7.34
N TYR B 462 78.34 22.58 -7.36
CA TYR B 462 79.71 22.49 -6.90
C TYR B 462 80.53 21.49 -7.70
N THR B 463 81.85 21.68 -7.69
CA THR B 463 82.76 20.76 -8.38
C THR B 463 84.03 20.68 -7.57
N ASP B 464 84.73 19.56 -7.74
CA ASP B 464 85.97 19.30 -7.04
C ASP B 464 87.01 18.77 -8.02
N GLY B 465 88.13 19.46 -8.15
CA GLY B 465 89.18 18.99 -9.05
C GLY B 465 89.00 19.26 -10.53
N GLY B 466 88.14 20.21 -10.88
CA GLY B 466 87.95 20.52 -12.27
C GLY B 466 86.60 21.16 -12.54
N PRO B 467 86.44 21.86 -13.67
CA PRO B 467 85.19 22.52 -14.05
C PRO B 467 84.11 21.55 -14.49
N ALA B 468 82.86 21.99 -14.44
CA ALA B 468 81.74 21.19 -14.87
C ALA B 468 80.71 22.06 -15.58
N HIS B 469 80.11 21.52 -16.63
CA HIS B 469 79.12 22.24 -17.41
C HIS B 469 77.72 21.80 -17.01
N PHE B 470 77.02 22.65 -16.29
CA PHE B 470 75.66 22.37 -15.84
C PHE B 470 74.72 22.97 -16.88
N THR B 471 73.92 22.12 -17.51
CA THR B 471 73.03 22.58 -18.56
C THR B 471 71.60 22.06 -18.48
N GLY B 472 70.73 22.67 -19.27
CA GLY B 472 69.33 22.27 -19.31
C GLY B 472 68.67 22.33 -17.96
N ILE B 473 69.03 23.36 -17.19
CA ILE B 473 68.48 23.54 -15.86
C ILE B 473 67.05 24.08 -15.90
N VAL B 474 66.12 23.31 -15.36
CA VAL B 474 64.73 23.74 -15.32
C VAL B 474 64.13 23.34 -13.98
N VAL B 475 63.50 24.30 -13.32
CA VAL B 475 62.88 24.06 -12.01
C VAL B 475 61.37 24.28 -12.10
N ARG B 476 60.61 23.24 -11.82
CA ARG B 476 59.16 23.32 -11.87
C ARG B 476 58.58 23.32 -10.46
N GLU B 477 58.04 24.46 -10.04
CA GLU B 477 57.44 24.59 -8.72
C GLU B 477 56.16 23.76 -8.68
N ILE B 478 55.91 23.12 -7.55
CA ILE B 478 54.73 22.28 -7.40
C ILE B 478 53.85 22.72 -6.26
N GLY B 479 52.54 22.68 -6.51
CA GLY B 479 51.56 23.04 -5.49
C GLY B 479 50.48 21.99 -5.61
N GLN B 480 49.40 22.10 -4.86
CA GLN B 480 48.33 21.11 -4.98
C GLN B 480 47.22 21.66 -5.87
N ALA B 481 46.40 20.77 -6.42
CA ALA B 481 45.30 21.15 -7.30
C ALA B 481 45.82 21.72 -8.63
N ALA C 2 -29.47 -7.35 -14.90
CA ALA C 2 -29.12 -8.14 -16.13
C ALA C 2 -30.09 -7.84 -17.25
N VAL C 3 -29.56 -7.39 -18.38
CA VAL C 3 -30.39 -7.05 -19.52
C VAL C 3 -31.10 -8.24 -20.16
N TYR C 4 -30.41 -9.36 -20.35
CA TYR C 4 -31.08 -10.51 -20.96
C TYR C 4 -30.88 -11.86 -20.31
N HIS C 5 -30.59 -11.86 -19.01
CA HIS C 5 -30.45 -13.11 -18.27
C HIS C 5 -31.54 -13.16 -17.22
N MET C 6 -32.13 -14.32 -17.00
CA MET C 6 -33.19 -14.41 -16.01
C MET C 6 -32.72 -14.18 -14.57
N THR C 7 -33.48 -13.36 -13.85
CA THR C 7 -33.22 -13.06 -12.45
C THR C 7 -34.56 -13.09 -11.72
N PRO C 8 -34.55 -13.39 -10.42
CA PRO C 8 -35.80 -13.42 -9.67
C PRO C 8 -36.26 -12.01 -9.37
N PRO C 9 -37.58 -11.77 -9.34
CA PRO C 9 -38.10 -10.44 -9.06
C PRO C 9 -37.43 -9.87 -7.81
N SER C 10 -37.18 -10.72 -6.83
CA SER C 10 -36.51 -10.34 -5.60
C SER C 10 -35.99 -11.59 -4.91
N GLY C 11 -35.09 -11.40 -3.95
CA GLY C 11 -34.57 -12.53 -3.22
C GLY C 11 -33.44 -13.33 -3.80
N TRP C 12 -33.29 -14.54 -3.26
CA TRP C 12 -32.23 -15.45 -3.62
C TRP C 12 -32.64 -16.53 -4.62
N LEU C 13 -31.90 -16.58 -5.73
CA LEU C 13 -32.14 -17.56 -6.77
C LEU C 13 -31.17 -18.69 -6.61
N CYS C 14 -31.61 -19.91 -6.87
CA CYS C 14 -30.73 -21.07 -6.77
C CYS C 14 -31.03 -22.06 -7.90
N ASP C 15 -30.79 -23.35 -7.66
CA ASP C 15 -30.99 -24.41 -8.65
C ASP C 15 -32.22 -24.35 -9.54
N PRO C 16 -32.03 -24.38 -10.87
CA PRO C 16 -33.16 -24.35 -11.80
C PRO C 16 -33.66 -25.78 -11.85
N GLN C 17 -34.91 -25.99 -12.25
CA GLN C 17 -35.40 -27.37 -12.33
C GLN C 17 -35.82 -27.63 -13.77
N ARG C 18 -35.58 -28.85 -14.23
CA ARG C 18 -35.92 -29.23 -15.59
C ARG C 18 -37.31 -28.77 -15.96
N PRO C 19 -37.42 -27.94 -17.01
CA PRO C 19 -38.69 -27.40 -17.49
C PRO C 19 -39.61 -28.43 -18.13
N VAL C 20 -40.92 -28.22 -17.99
CA VAL C 20 -41.91 -29.09 -18.61
C VAL C 20 -42.56 -28.23 -19.67
N THR C 21 -43.02 -28.85 -20.75
CA THR C 21 -43.64 -28.12 -21.84
C THR C 21 -45.16 -28.22 -21.81
N THR C 22 -45.81 -27.10 -21.51
CA THR C 22 -47.27 -27.04 -21.45
C THR C 22 -47.72 -25.63 -21.84
N HIS C 23 -49.00 -25.49 -22.19
CA HIS C 23 -49.56 -24.20 -22.56
C HIS C 23 -48.74 -23.46 -23.62
N GLY C 24 -48.17 -24.22 -24.55
CA GLY C 24 -47.39 -23.62 -25.62
C GLY C 24 -46.15 -22.86 -25.17
N ALA C 25 -45.58 -23.25 -24.05
CA ALA C 25 -44.38 -22.59 -23.55
C ALA C 25 -43.64 -23.52 -22.61
N TYR C 26 -42.43 -23.14 -22.24
CA TYR C 26 -41.64 -23.93 -21.32
C TYR C 26 -41.94 -23.42 -19.91
N GLN C 27 -42.22 -24.33 -18.98
CA GLN C 27 -42.51 -23.94 -17.61
C GLN C 27 -41.26 -24.20 -16.77
N LEU C 28 -40.54 -23.14 -16.45
CA LEU C 28 -39.31 -23.28 -15.65
C LEU C 28 -39.54 -23.09 -14.16
N TYR C 29 -39.00 -24.02 -13.37
CA TYR C 29 -39.09 -23.94 -11.92
C TYR C 29 -37.67 -23.73 -11.43
N TYR C 30 -37.51 -23.02 -10.31
CA TYR C 30 -36.19 -22.78 -9.77
C TYR C 30 -36.26 -22.56 -8.27
N LEU C 31 -35.19 -22.91 -7.57
CA LEU C 31 -35.17 -22.75 -6.12
C LEU C 31 -35.13 -21.28 -5.78
N HIS C 32 -35.84 -20.91 -4.71
CA HIS C 32 -35.89 -19.53 -4.29
C HIS C 32 -36.07 -19.40 -2.78
N SER C 33 -35.45 -18.37 -2.22
CA SER C 33 -35.52 -18.11 -0.78
C SER C 33 -35.62 -16.60 -0.60
N ASP C 34 -36.21 -16.17 0.51
CA ASP C 34 -36.32 -14.74 0.76
C ASP C 34 -34.98 -14.24 1.27
N GLN C 35 -34.18 -15.14 1.84
CA GLN C 35 -32.87 -14.80 2.35
C GLN C 35 -31.77 -15.51 1.57
N ASN C 36 -30.64 -14.83 1.42
CA ASN C 36 -29.53 -15.41 0.68
C ASN C 36 -29.08 -16.70 1.33
N ASN C 37 -29.10 -17.78 0.56
CA ASN C 37 -28.71 -19.10 1.05
C ASN C 37 -29.60 -19.53 2.21
N GLY C 38 -30.86 -19.09 2.21
CA GLY C 38 -31.77 -19.47 3.27
C GLY C 38 -32.75 -20.55 2.87
N PRO C 39 -33.68 -20.93 3.76
CA PRO C 39 -34.67 -21.97 3.46
C PRO C 39 -35.56 -21.45 2.35
N GLY C 40 -35.96 -22.31 1.43
CA GLY C 40 -36.81 -21.85 0.36
C GLY C 40 -37.69 -22.90 -0.27
N GLY C 41 -38.06 -22.68 -1.52
CA GLY C 41 -38.90 -23.63 -2.23
C GLY C 41 -38.83 -23.41 -3.74
N TRP C 42 -39.76 -24.01 -4.47
CA TRP C 42 -39.80 -23.89 -5.91
C TRP C 42 -40.66 -22.72 -6.39
N ASP C 43 -40.06 -21.83 -7.18
CA ASP C 43 -40.80 -20.74 -7.77
C ASP C 43 -41.05 -21.10 -9.24
N HIS C 44 -41.87 -20.32 -9.94
CA HIS C 44 -42.21 -20.66 -11.31
C HIS C 44 -42.15 -19.50 -12.30
N ALA C 45 -41.63 -19.78 -13.49
CA ALA C 45 -41.55 -18.77 -14.54
C ALA C 45 -41.79 -19.43 -15.89
N SER C 46 -42.39 -18.70 -16.82
CA SER C 46 -42.69 -19.22 -18.14
C SER C 46 -41.90 -18.52 -19.24
N THR C 47 -41.64 -19.27 -20.30
CA THR C 47 -40.93 -18.72 -21.43
C THR C 47 -41.37 -19.44 -22.70
N THR C 48 -41.68 -18.67 -23.74
CA THR C 48 -42.11 -19.24 -25.00
C THR C 48 -40.95 -19.28 -26.00
N ASP C 49 -39.88 -18.54 -25.72
CA ASP C 49 -38.74 -18.50 -26.62
C ASP C 49 -37.40 -18.88 -25.98
N GLY C 50 -37.37 -19.05 -24.66
CA GLY C 50 -36.12 -19.40 -24.00
C GLY C 50 -35.24 -18.21 -23.69
N VAL C 51 -35.74 -17.00 -23.95
CA VAL C 51 -34.97 -15.79 -23.67
C VAL C 51 -35.68 -14.94 -22.63
N ALA C 52 -36.95 -14.61 -22.90
CA ALA C 52 -37.76 -13.79 -22.00
C ALA C 52 -38.58 -14.70 -21.09
N PHE C 53 -38.57 -14.39 -19.80
CA PHE C 53 -39.32 -15.18 -18.83
C PHE C 53 -40.42 -14.41 -18.12
N THR C 54 -41.50 -15.11 -17.81
CA THR C 54 -42.62 -14.52 -17.09
C THR C 54 -42.68 -15.26 -15.77
N HIS C 55 -42.51 -14.53 -14.66
CA HIS C 55 -42.52 -15.13 -13.34
C HIS C 55 -43.92 -15.23 -12.73
N HIS C 56 -44.25 -16.41 -12.23
CA HIS C 56 -45.55 -16.68 -11.63
C HIS C 56 -45.54 -16.88 -10.12
N GLY C 57 -44.41 -16.66 -9.48
CA GLY C 57 -44.37 -16.83 -8.03
C GLY C 57 -44.09 -18.25 -7.56
N THR C 58 -44.39 -18.50 -6.29
CA THR C 58 -44.14 -19.81 -5.68
C THR C 58 -45.15 -20.88 -6.07
N VAL C 59 -44.67 -22.11 -6.18
CA VAL C 59 -45.49 -23.24 -6.56
C VAL C 59 -45.42 -24.36 -5.52
N MET C 60 -44.25 -24.53 -4.91
CA MET C 60 -44.04 -25.51 -3.86
C MET C 60 -43.34 -24.74 -2.76
N PRO C 61 -44.14 -24.11 -1.88
CA PRO C 61 -43.70 -23.29 -0.76
C PRO C 61 -42.93 -23.98 0.34
N LEU C 62 -42.12 -23.18 1.02
CA LEU C 62 -41.33 -23.62 2.14
C LEU C 62 -42.30 -23.80 3.31
N ARG C 63 -42.04 -24.79 4.16
CA ARG C 63 -42.86 -25.03 5.33
C ARG C 63 -41.93 -25.06 6.54
N PRO C 64 -42.46 -24.76 7.74
CA PRO C 64 -41.64 -24.75 8.96
C PRO C 64 -40.73 -25.97 9.07
N ASP C 65 -39.42 -25.71 8.98
CA ASP C 65 -38.40 -26.76 9.06
C ASP C 65 -38.57 -27.79 7.95
N PHE C 66 -39.25 -27.39 6.88
CA PHE C 66 -39.49 -28.32 5.78
C PHE C 66 -39.33 -27.60 4.43
N PRO C 67 -38.07 -27.32 4.05
CA PRO C 67 -37.79 -26.64 2.78
C PRO C 67 -37.92 -27.61 1.60
N VAL C 68 -38.05 -27.05 0.41
CA VAL C 68 -38.15 -27.86 -0.81
C VAL C 68 -36.83 -27.69 -1.56
N TRP C 69 -36.14 -28.80 -1.82
CA TRP C 69 -34.89 -28.74 -2.54
C TRP C 69 -35.13 -29.14 -3.99
N SER C 70 -34.07 -29.38 -4.75
CA SER C 70 -34.24 -29.70 -6.16
C SER C 70 -34.72 -31.12 -6.46
N GLY C 71 -35.18 -31.30 -7.69
CA GLY C 71 -35.67 -32.59 -8.13
C GLY C 71 -35.94 -32.51 -9.63
N SER C 72 -37.19 -32.74 -10.03
CA SER C 72 -37.56 -32.66 -11.44
C SER C 72 -39.06 -32.84 -11.67
N ALA C 73 -39.53 -32.35 -12.81
CA ALA C 73 -40.94 -32.43 -13.17
C ALA C 73 -41.12 -33.03 -14.58
N VAL C 74 -42.22 -33.74 -14.78
CA VAL C 74 -42.53 -34.36 -16.07
C VAL C 74 -44.03 -34.34 -16.33
N VAL C 75 -44.41 -34.24 -17.60
CA VAL C 75 -45.82 -34.26 -17.96
C VAL C 75 -46.22 -35.72 -18.13
N ASP C 76 -47.21 -36.16 -17.37
CA ASP C 76 -47.67 -37.55 -17.45
C ASP C 76 -48.81 -37.69 -18.46
N THR C 77 -48.52 -37.32 -19.71
CA THR C 77 -49.47 -37.38 -20.81
C THR C 77 -50.30 -38.66 -20.87
N ALA C 78 -49.66 -39.80 -20.61
CA ALA C 78 -50.34 -41.09 -20.65
C ALA C 78 -51.13 -41.44 -19.38
N ASN C 79 -50.98 -40.63 -18.34
CA ASN C 79 -51.69 -40.85 -17.09
C ASN C 79 -51.28 -42.15 -16.38
N THR C 80 -49.99 -42.43 -16.36
CA THR C 80 -49.47 -43.63 -15.71
C THR C 80 -49.51 -43.54 -14.18
N ALA C 81 -49.50 -42.32 -13.65
CA ALA C 81 -49.51 -42.08 -12.21
C ALA C 81 -50.89 -42.10 -11.58
N GLY C 82 -51.90 -41.73 -12.37
CA GLY C 82 -53.26 -41.74 -11.85
C GLY C 82 -53.80 -40.39 -11.46
N PHE C 83 -53.04 -39.32 -11.70
CA PHE C 83 -53.50 -37.98 -11.35
C PHE C 83 -54.22 -37.37 -12.54
N GLY C 84 -54.31 -38.12 -13.63
CA GLY C 84 -54.96 -37.61 -14.82
C GLY C 84 -53.99 -37.47 -15.98
N ALA C 85 -54.45 -37.78 -17.18
CA ALA C 85 -53.60 -37.67 -18.36
C ALA C 85 -53.16 -36.23 -18.59
N GLY C 86 -51.86 -36.03 -18.69
CA GLY C 86 -51.34 -34.69 -18.92
C GLY C 86 -51.03 -33.89 -17.68
N ALA C 87 -51.19 -34.50 -16.52
CA ALA C 87 -50.91 -33.81 -15.27
C ALA C 87 -49.40 -33.67 -15.11
N VAL C 88 -48.96 -32.63 -14.42
CA VAL C 88 -47.54 -32.44 -14.20
C VAL C 88 -47.18 -33.04 -12.86
N VAL C 89 -46.30 -34.04 -12.88
CA VAL C 89 -45.89 -34.69 -11.65
C VAL C 89 -44.43 -34.33 -11.37
N ALA C 90 -44.16 -33.88 -10.15
CA ALA C 90 -42.81 -33.50 -9.78
C ALA C 90 -42.32 -34.19 -8.51
N LEU C 91 -41.03 -34.48 -8.49
CA LEU C 91 -40.40 -35.10 -7.34
C LEU C 91 -39.32 -34.15 -6.84
N ALA C 92 -39.29 -33.90 -5.54
CA ALA C 92 -38.29 -33.02 -4.98
C ALA C 92 -37.84 -33.52 -3.63
N THR C 93 -36.57 -33.32 -3.32
CA THR C 93 -36.03 -33.75 -2.04
C THR C 93 -36.45 -32.76 -0.97
N GLN C 94 -36.73 -33.29 0.22
CA GLN C 94 -37.11 -32.49 1.36
C GLN C 94 -36.59 -33.16 2.63
N PRO C 95 -36.08 -32.36 3.58
CA PRO C 95 -35.56 -32.95 4.81
C PRO C 95 -36.69 -33.25 5.81
N THR C 96 -37.19 -34.49 5.75
CA THR C 96 -38.27 -34.92 6.63
C THR C 96 -37.98 -34.55 8.08
N ASP C 97 -38.94 -33.89 8.72
CA ASP C 97 -38.82 -33.44 10.11
C ASP C 97 -37.63 -32.51 10.31
N GLY C 98 -37.15 -31.93 9.22
CA GLY C 98 -36.02 -31.04 9.31
C GLY C 98 -34.72 -31.77 9.56
N VAL C 99 -34.71 -33.08 9.35
CA VAL C 99 -33.50 -33.85 9.58
C VAL C 99 -32.77 -34.15 8.28
N ARG C 100 -31.61 -33.52 8.13
CA ARG C 100 -30.81 -33.66 6.94
C ARG C 100 -30.63 -35.10 6.52
N LYS C 101 -30.34 -35.98 7.49
CA LYS C 101 -30.14 -37.39 7.19
C LYS C 101 -31.41 -38.16 6.84
N TYR C 102 -32.55 -37.45 6.81
CA TYR C 102 -33.81 -38.06 6.45
C TYR C 102 -34.27 -37.49 5.12
N GLN C 103 -33.36 -36.82 4.40
CA GLN C 103 -33.73 -36.23 3.11
C GLN C 103 -34.23 -37.34 2.19
N GLU C 104 -35.44 -37.17 1.70
CA GLU C 104 -36.06 -38.15 0.81
C GLU C 104 -36.91 -37.46 -0.24
N GLN C 105 -37.46 -38.25 -1.17
CA GLN C 105 -38.22 -37.70 -2.29
C GLN C 105 -39.73 -37.59 -2.15
N TYR C 106 -40.24 -36.38 -2.27
CA TYR C 106 -41.67 -36.11 -2.17
C TYR C 106 -42.23 -35.81 -3.55
N LEU C 107 -43.49 -36.16 -3.75
CA LEU C 107 -44.17 -35.96 -5.01
C LEU C 107 -45.24 -34.88 -4.93
N TYR C 108 -45.31 -34.06 -5.98
CA TYR C 108 -46.29 -32.99 -6.10
C TYR C 108 -46.90 -33.17 -7.48
N TRP C 109 -48.14 -32.72 -7.67
CA TRP C 109 -48.78 -32.87 -8.97
C TRP C 109 -49.65 -31.68 -9.30
N SER C 110 -49.79 -31.41 -10.59
CA SER C 110 -50.58 -30.30 -11.08
C SER C 110 -51.52 -30.77 -12.19
N THR C 111 -52.73 -30.23 -12.20
CA THR C 111 -53.70 -30.58 -13.23
C THR C 111 -54.03 -29.35 -14.05
N ASP C 112 -53.30 -28.26 -13.84
CA ASP C 112 -53.54 -27.05 -14.60
C ASP C 112 -52.32 -26.61 -15.43
N GLY C 113 -51.50 -27.58 -15.83
CA GLY C 113 -50.33 -27.26 -16.64
C GLY C 113 -49.05 -26.99 -15.87
N GLY C 114 -49.11 -27.04 -14.54
CA GLY C 114 -47.93 -26.79 -13.74
C GLY C 114 -47.91 -25.39 -13.17
N PHE C 115 -49.10 -24.87 -12.86
CA PHE C 115 -49.22 -23.54 -12.30
C PHE C 115 -49.65 -23.59 -10.84
N THR C 116 -50.19 -24.73 -10.42
CA THR C 116 -50.59 -24.94 -9.04
C THR C 116 -50.39 -26.42 -8.76
N PHE C 117 -49.80 -26.71 -7.62
CA PHE C 117 -49.51 -28.09 -7.25
C PHE C 117 -50.14 -28.51 -5.95
N THR C 118 -50.26 -29.82 -5.77
CA THR C 118 -50.79 -30.38 -4.55
C THR C 118 -49.74 -31.37 -4.10
N ALA C 119 -49.47 -31.39 -2.80
CA ALA C 119 -48.46 -32.29 -2.27
C ALA C 119 -49.01 -33.63 -1.83
N LEU C 120 -48.28 -34.69 -2.15
CA LEU C 120 -48.66 -36.03 -1.74
C LEU C 120 -47.92 -36.24 -0.42
N PRO C 121 -48.65 -36.19 0.71
CA PRO C 121 -48.14 -36.35 2.07
C PRO C 121 -46.95 -37.27 2.31
N ASP C 122 -47.07 -38.53 1.91
CA ASP C 122 -45.97 -39.47 2.14
C ASP C 122 -44.96 -39.53 0.99
N PRO C 123 -43.67 -39.46 1.32
CA PRO C 123 -42.61 -39.50 0.29
C PRO C 123 -42.67 -40.81 -0.49
N VAL C 124 -42.42 -40.72 -1.80
CA VAL C 124 -42.45 -41.87 -2.69
C VAL C 124 -41.16 -42.68 -2.71
N ILE C 125 -40.05 -42.05 -2.35
CA ILE C 125 -38.78 -42.75 -2.28
C ILE C 125 -38.22 -42.35 -0.93
N VAL C 126 -38.16 -43.30 -0.02
CA VAL C 126 -37.70 -43.06 1.34
C VAL C 126 -36.22 -43.26 1.60
N ASN C 127 -35.69 -42.42 2.47
CA ASN C 127 -34.30 -42.50 2.86
C ASN C 127 -34.24 -43.56 3.95
N THR C 128 -33.78 -44.76 3.60
CA THR C 128 -33.69 -45.85 4.56
C THR C 128 -32.37 -45.86 5.31
N ASP C 129 -31.37 -45.17 4.79
CA ASP C 129 -30.07 -45.13 5.42
C ASP C 129 -30.04 -44.25 6.68
N GLY C 130 -30.69 -43.10 6.61
CA GLY C 130 -30.69 -42.17 7.71
C GLY C 130 -31.16 -42.66 9.07
N ARG C 131 -32.34 -43.27 9.12
CA ARG C 131 -32.90 -43.74 10.37
C ARG C 131 -32.08 -44.78 11.13
N ALA C 132 -30.99 -45.26 10.55
CA ALA C 132 -30.19 -46.26 11.24
C ALA C 132 -28.69 -45.95 11.25
N ALA C 133 -28.31 -44.86 10.60
CA ALA C 133 -26.91 -44.47 10.52
C ALA C 133 -26.33 -44.05 11.87
N THR C 134 -25.19 -44.61 12.23
CA THR C 134 -24.56 -44.28 13.49
C THR C 134 -23.13 -43.81 13.32
N THR C 135 -22.40 -44.37 12.36
CA THR C 135 -21.03 -43.96 12.13
C THR C 135 -20.99 -42.72 11.23
N PRO C 136 -19.89 -41.96 11.31
CA PRO C 136 -19.73 -40.75 10.50
C PRO C 136 -19.97 -41.03 9.01
N ALA C 137 -19.45 -42.16 8.52
CA ALA C 137 -19.60 -42.53 7.12
C ALA C 137 -21.07 -42.76 6.80
N GLU C 138 -21.74 -43.56 7.62
CA GLU C 138 -23.15 -43.85 7.40
C GLU C 138 -23.99 -42.56 7.44
N ILE C 139 -23.60 -41.62 8.30
CA ILE C 139 -24.33 -40.38 8.41
C ILE C 139 -24.10 -39.51 7.17
N GLU C 140 -22.85 -39.43 6.73
CA GLU C 140 -22.49 -38.68 5.54
C GLU C 140 -23.28 -39.18 4.34
N ASN C 141 -23.31 -40.49 4.19
CA ASN C 141 -24.00 -41.15 3.10
C ASN C 141 -25.48 -40.83 3.10
N ALA C 142 -26.10 -40.94 4.28
CA ALA C 142 -27.54 -40.68 4.43
C ALA C 142 -27.90 -39.22 4.18
N GLU C 143 -26.94 -38.33 4.44
CA GLU C 143 -27.16 -36.90 4.23
C GLU C 143 -26.91 -36.48 2.79
N TRP C 144 -26.77 -37.47 1.89
CA TRP C 144 -26.57 -37.21 0.48
C TRP C 144 -27.39 -38.22 -0.33
N PHE C 145 -28.66 -37.87 -0.54
CA PHE C 145 -29.67 -38.68 -1.23
C PHE C 145 -30.67 -37.64 -1.75
N ARG C 146 -30.35 -36.98 -2.85
CA ARG C 146 -31.19 -35.90 -3.36
C ARG C 146 -31.19 -35.62 -4.86
N ASP C 147 -32.01 -34.63 -5.24
CA ASP C 147 -32.17 -34.18 -6.61
C ASP C 147 -32.63 -35.23 -7.61
N PRO C 148 -33.77 -35.88 -7.33
CA PRO C 148 -34.27 -36.91 -8.26
C PRO C 148 -34.59 -36.37 -9.67
N LYS C 149 -34.04 -37.03 -10.68
CA LYS C 149 -34.27 -36.63 -12.06
C LYS C 149 -35.04 -37.76 -12.75
N ILE C 150 -36.25 -37.44 -13.20
CA ILE C 150 -37.14 -38.42 -13.83
C ILE C 150 -37.08 -38.43 -15.35
N HIS C 151 -37.05 -39.64 -15.91
CA HIS C 151 -37.01 -39.80 -17.35
C HIS C 151 -37.95 -40.92 -17.79
N TRP C 152 -38.65 -40.68 -18.90
CA TRP C 152 -39.54 -41.70 -19.43
C TRP C 152 -38.75 -42.53 -20.42
N ASP C 153 -38.50 -43.79 -20.05
CA ASP C 153 -37.78 -44.71 -20.92
C ASP C 153 -38.84 -45.30 -21.85
N THR C 154 -38.85 -44.86 -23.10
CA THR C 154 -39.84 -45.34 -24.07
C THR C 154 -39.69 -46.81 -24.40
N ALA C 155 -38.45 -47.26 -24.53
CA ALA C 155 -38.16 -48.66 -24.85
C ALA C 155 -38.79 -49.65 -23.90
N ARG C 156 -38.72 -49.35 -22.60
CA ARG C 156 -39.24 -50.23 -21.58
C ARG C 156 -40.59 -49.81 -21.01
N GLY C 157 -41.15 -48.74 -21.54
CA GLY C 157 -42.44 -48.26 -21.06
C GLY C 157 -42.54 -48.07 -19.56
N GLU C 158 -41.51 -47.48 -18.96
CA GLU C 158 -41.52 -47.24 -17.51
C GLU C 158 -40.72 -45.99 -17.23
N TRP C 159 -40.80 -45.50 -15.99
CA TRP C 159 -40.04 -44.32 -15.60
C TRP C 159 -38.77 -44.74 -14.88
N VAL C 160 -37.72 -43.95 -15.04
CA VAL C 160 -36.46 -44.22 -14.38
C VAL C 160 -36.06 -42.93 -13.69
N CYS C 161 -35.62 -43.04 -12.44
CA CYS C 161 -35.22 -41.87 -11.66
C CYS C 161 -33.79 -41.98 -11.17
N VAL C 162 -32.98 -40.97 -11.46
CA VAL C 162 -31.60 -40.95 -10.99
C VAL C 162 -31.52 -39.97 -9.82
N ILE C 163 -30.82 -40.38 -8.77
CA ILE C 163 -30.67 -39.58 -7.56
C ILE C 163 -29.21 -39.39 -7.19
N GLY C 164 -28.87 -38.19 -6.77
CA GLY C 164 -27.50 -37.91 -6.40
C GLY C 164 -27.09 -38.41 -5.02
N ARG C 165 -25.93 -39.04 -4.97
CA ARG C 165 -25.38 -39.56 -3.73
C ARG C 165 -23.94 -39.09 -3.59
N LEU C 166 -23.31 -39.40 -2.47
CA LEU C 166 -21.93 -39.00 -2.21
C LEU C 166 -20.97 -39.78 -3.09
N ARG C 167 -20.52 -39.15 -4.16
CA ARG C 167 -19.58 -39.76 -5.10
C ARG C 167 -20.15 -40.93 -5.89
N TYR C 168 -21.46 -40.96 -6.08
CA TYR C 168 -22.11 -41.99 -6.90
C TYR C 168 -23.57 -41.65 -7.09
N ALA C 169 -24.20 -42.29 -8.07
CA ALA C 169 -25.61 -42.03 -8.33
C ALA C 169 -26.45 -43.29 -8.19
N ALA C 170 -27.67 -43.13 -7.68
CA ALA C 170 -28.57 -44.25 -7.49
C ALA C 170 -29.72 -44.16 -8.49
N PHE C 171 -30.26 -45.31 -8.89
CA PHE C 171 -31.36 -45.35 -9.84
C PHE C 171 -32.58 -46.13 -9.34
N TYR C 172 -33.77 -45.68 -9.73
CA TYR C 172 -35.01 -46.36 -9.38
C TYR C 172 -35.94 -46.38 -10.59
N THR C 173 -36.70 -47.46 -10.76
CA THR C 173 -37.64 -47.56 -11.87
C THR C 173 -39.06 -47.62 -11.32
N SER C 174 -40.03 -47.18 -12.12
CA SER C 174 -41.41 -47.18 -11.68
C SER C 174 -42.42 -47.08 -12.81
N PRO C 175 -43.55 -47.80 -12.67
CA PRO C 175 -44.59 -47.76 -13.70
C PRO C 175 -45.57 -46.61 -13.51
N ASN C 176 -45.61 -46.06 -12.30
CA ASN C 176 -46.56 -44.98 -12.00
C ASN C 176 -46.01 -43.73 -11.31
N LEU C 177 -44.69 -43.66 -11.10
CA LEU C 177 -44.08 -42.51 -10.43
C LEU C 177 -44.36 -42.49 -8.93
N ARG C 178 -44.99 -43.54 -8.42
CA ARG C 178 -45.31 -43.62 -7.00
C ARG C 178 -44.64 -44.80 -6.34
N ASP C 179 -44.63 -45.94 -7.01
CA ASP C 179 -44.01 -47.15 -6.46
C ASP C 179 -42.68 -47.37 -7.16
N TRP C 180 -41.59 -47.07 -6.47
CA TRP C 180 -40.28 -47.22 -7.08
C TRP C 180 -39.48 -48.43 -6.66
N THR C 181 -38.69 -48.92 -7.59
CA THR C 181 -37.84 -50.08 -7.36
C THR C 181 -36.36 -49.72 -7.54
N LEU C 182 -35.57 -50.04 -6.52
CA LEU C 182 -34.13 -49.78 -6.52
C LEU C 182 -33.37 -50.60 -7.56
N ARG C 183 -32.44 -49.94 -8.25
CA ARG C 183 -31.64 -50.59 -9.26
C ARG C 183 -30.16 -50.56 -8.86
N ARG C 184 -29.26 -50.69 -9.83
CA ARG C 184 -27.82 -50.68 -9.55
C ARG C 184 -27.23 -49.27 -9.55
N ASN C 185 -26.36 -49.00 -8.59
CA ASN C 185 -25.73 -47.69 -8.51
C ASN C 185 -24.77 -47.48 -9.66
N PHE C 186 -24.51 -46.22 -9.99
CA PHE C 186 -23.54 -45.92 -11.02
C PHE C 186 -22.30 -45.41 -10.31
N ASP C 187 -21.19 -46.12 -10.47
CA ASP C 187 -19.95 -45.72 -9.84
C ASP C 187 -18.93 -45.27 -10.87
N TYR C 188 -18.10 -44.30 -10.50
CA TYR C 188 -17.03 -43.80 -11.36
C TYR C 188 -15.74 -43.83 -10.57
N PRO C 189 -14.61 -44.01 -11.24
CA PRO C 189 -13.24 -44.09 -10.70
C PRO C 189 -12.69 -42.90 -9.93
N ASN C 190 -12.72 -41.73 -10.56
CA ASN C 190 -12.17 -40.51 -9.98
C ASN C 190 -13.09 -39.77 -9.02
N HIS C 191 -12.98 -40.04 -7.72
CA HIS C 191 -13.84 -39.35 -6.77
C HIS C 191 -13.44 -37.91 -6.54
N ALA C 192 -12.26 -37.53 -7.03
CA ALA C 192 -11.77 -36.16 -6.90
C ALA C 192 -12.62 -35.27 -7.80
N LEU C 193 -13.45 -35.92 -8.62
CA LEU C 193 -14.34 -35.25 -9.55
C LEU C 193 -15.52 -34.54 -8.87
N GLY C 194 -16.07 -35.13 -7.82
CA GLY C 194 -17.22 -34.53 -7.15
C GLY C 194 -18.33 -35.54 -6.94
N GLY C 195 -19.05 -35.38 -5.83
CA GLY C 195 -20.12 -36.28 -5.39
C GLY C 195 -21.28 -36.73 -6.24
N ILE C 196 -21.99 -35.78 -6.86
CA ILE C 196 -23.15 -36.00 -7.73
C ILE C 196 -24.34 -35.21 -7.19
N GLU C 197 -24.52 -34.02 -7.75
CA GLU C 197 -25.61 -33.13 -7.39
C GLU C 197 -26.37 -32.87 -8.67
N CYS C 198 -27.67 -32.61 -8.55
CA CYS C 198 -28.54 -32.33 -9.70
C CYS C 198 -28.20 -33.19 -10.91
N PRO C 199 -28.30 -34.52 -10.76
CA PRO C 199 -27.99 -35.42 -11.87
C PRO C 199 -28.92 -35.25 -13.07
N ASP C 200 -28.46 -35.67 -14.24
CA ASP C 200 -29.28 -35.58 -15.45
C ASP C 200 -29.29 -36.94 -16.12
N LEU C 201 -30.38 -37.24 -16.81
CA LEU C 201 -30.51 -38.50 -17.50
C LEU C 201 -31.50 -38.31 -18.61
N PHE C 202 -31.04 -38.44 -19.85
CA PHE C 202 -31.92 -38.28 -21.00
C PHE C 202 -31.45 -39.14 -22.15
N GLU C 203 -32.23 -39.14 -23.23
CA GLU C 203 -31.88 -39.90 -24.41
C GLU C 203 -31.73 -38.89 -25.53
N ILE C 204 -30.84 -39.18 -26.48
CA ILE C 204 -30.66 -38.26 -27.58
C ILE C 204 -30.07 -38.95 -28.81
N THR C 205 -30.49 -38.47 -29.97
CA THR C 205 -30.03 -39.00 -31.25
C THR C 205 -28.96 -38.05 -31.79
N ALA C 206 -27.82 -38.61 -32.16
CA ALA C 206 -26.72 -37.81 -32.68
C ALA C 206 -26.97 -37.36 -34.12
N ASP C 207 -26.13 -36.47 -34.62
CA ASP C 207 -26.28 -35.97 -35.98
C ASP C 207 -26.08 -37.03 -37.05
N ASP C 208 -25.56 -38.20 -36.67
CA ASP C 208 -25.36 -39.28 -37.63
C ASP C 208 -26.49 -40.29 -37.50
N GLY C 209 -27.44 -39.99 -36.62
CA GLY C 209 -28.57 -40.86 -36.45
C GLY C 209 -28.45 -41.91 -35.36
N THR C 210 -27.26 -42.09 -34.79
CA THR C 210 -27.11 -43.08 -33.74
C THR C 210 -27.85 -42.61 -32.46
N ARG C 211 -28.39 -43.56 -31.71
CA ARG C 211 -29.11 -43.21 -30.48
C ARG C 211 -28.21 -43.36 -29.27
N HIS C 212 -28.38 -42.49 -28.28
CA HIS C 212 -27.54 -42.54 -27.09
C HIS C 212 -28.27 -42.10 -25.82
N TRP C 213 -27.70 -42.45 -24.68
CA TRP C 213 -28.23 -42.04 -23.40
C TRP C 213 -27.13 -41.15 -22.82
N VAL C 214 -27.52 -40.27 -21.91
CA VAL C 214 -26.56 -39.40 -21.28
C VAL C 214 -26.85 -39.31 -19.78
N LEU C 215 -25.80 -39.46 -18.99
CA LEU C 215 -25.89 -39.35 -17.53
C LEU C 215 -24.94 -38.20 -17.21
N ALA C 216 -25.41 -37.27 -16.39
CA ALA C 216 -24.59 -36.13 -16.04
C ALA C 216 -24.88 -35.69 -14.63
N ALA C 217 -24.10 -34.73 -14.15
CA ALA C 217 -24.28 -34.20 -12.81
C ALA C 217 -23.40 -32.98 -12.59
N SER C 218 -23.75 -32.20 -11.57
CA SER C 218 -22.95 -31.03 -11.23
C SER C 218 -21.81 -31.56 -10.38
N MET C 219 -20.60 -31.11 -10.66
CA MET C 219 -19.43 -31.60 -9.95
C MET C 219 -18.63 -30.53 -9.22
N ASP C 220 -17.44 -30.94 -8.78
CA ASP C 220 -16.49 -30.08 -8.09
C ASP C 220 -15.13 -30.74 -8.26
N ALA C 221 -14.48 -30.48 -9.40
CA ALA C 221 -13.18 -31.06 -9.72
C ALA C 221 -12.05 -30.02 -9.67
N TYR C 222 -12.27 -28.95 -8.94
CA TYR C 222 -11.26 -27.89 -8.82
C TYR C 222 -9.93 -28.43 -8.32
N GLY C 223 -10.01 -29.30 -7.31
CA GLY C 223 -8.82 -29.89 -6.71
C GLY C 223 -7.90 -30.59 -7.69
N ILE C 224 -8.44 -31.05 -8.81
CA ILE C 224 -7.63 -31.71 -9.81
C ILE C 224 -7.57 -30.89 -11.09
N GLY C 225 -7.80 -29.59 -10.97
CA GLY C 225 -7.74 -28.70 -12.10
C GLY C 225 -8.84 -28.77 -13.14
N LEU C 226 -10.00 -29.30 -12.77
CA LEU C 226 -11.11 -29.40 -13.71
C LEU C 226 -12.29 -28.55 -13.24
N PRO C 227 -13.30 -28.35 -14.10
CA PRO C 227 -14.49 -27.55 -13.76
C PRO C 227 -15.28 -27.94 -12.53
N MET C 228 -16.14 -27.02 -12.11
CA MET C 228 -17.03 -27.19 -10.99
C MET C 228 -18.40 -26.92 -11.61
N THR C 229 -18.60 -27.49 -12.80
CA THR C 229 -19.83 -27.29 -13.52
C THR C 229 -20.63 -28.56 -13.81
N TYR C 230 -20.75 -28.90 -15.08
CA TYR C 230 -21.54 -30.05 -15.52
C TYR C 230 -20.70 -31.06 -16.28
N ALA C 231 -20.63 -32.27 -15.74
CA ALA C 231 -19.86 -33.37 -16.35
C ALA C 231 -20.82 -34.46 -16.81
N TYR C 232 -20.53 -35.08 -17.96
CA TYR C 232 -21.42 -36.11 -18.46
C TYR C 232 -20.74 -37.31 -19.07
N TRP C 233 -21.45 -38.44 -18.99
CA TRP C 233 -20.99 -39.73 -19.50
C TRP C 233 -22.00 -40.22 -20.54
N THR C 234 -21.57 -40.40 -21.78
CA THR C 234 -22.50 -40.92 -22.78
C THR C 234 -22.51 -42.44 -22.57
N GLY C 235 -23.63 -43.07 -22.89
CA GLY C 235 -23.75 -44.50 -22.74
C GLY C 235 -25.18 -44.95 -22.90
N THR C 236 -25.55 -46.03 -22.22
CA THR C 236 -26.91 -46.54 -22.30
C THR C 236 -27.41 -47.03 -20.96
N TRP C 237 -28.73 -46.92 -20.77
CA TRP C 237 -29.39 -47.40 -19.56
C TRP C 237 -30.18 -48.62 -20.01
N ASP C 238 -29.92 -49.77 -19.37
CA ASP C 238 -30.60 -51.00 -19.74
C ASP C 238 -31.76 -51.37 -18.83
N GLY C 239 -32.20 -50.42 -18.02
CA GLY C 239 -33.30 -50.69 -17.11
C GLY C 239 -32.84 -51.26 -15.78
N GLU C 240 -31.57 -51.62 -15.71
CA GLU C 240 -30.98 -52.19 -14.51
C GLU C 240 -29.82 -51.32 -14.02
N GLN C 241 -28.98 -50.89 -14.95
CA GLN C 241 -27.85 -50.04 -14.61
C GLN C 241 -27.44 -49.17 -15.79
N PHE C 242 -26.50 -48.27 -15.57
CA PHE C 242 -26.03 -47.39 -16.62
C PHE C 242 -24.62 -47.78 -17.03
N HIS C 243 -24.44 -47.98 -18.32
CA HIS C 243 -23.13 -48.34 -18.85
C HIS C 243 -22.56 -47.12 -19.56
N ALA C 244 -21.45 -46.61 -19.05
CA ALA C 244 -20.79 -45.46 -19.64
C ALA C 244 -19.83 -45.94 -20.72
N ASP C 245 -19.74 -45.20 -21.82
CA ASP C 245 -18.82 -45.56 -22.89
C ASP C 245 -17.38 -45.41 -22.40
N ASP C 246 -17.17 -44.41 -21.54
CA ASP C 246 -15.86 -44.13 -20.97
C ASP C 246 -16.07 -43.59 -19.55
N LEU C 247 -15.30 -44.09 -18.60
CA LEU C 247 -15.46 -43.64 -17.22
C LEU C 247 -15.04 -42.19 -16.97
N THR C 248 -14.10 -41.68 -17.75
CA THR C 248 -13.69 -40.29 -17.61
C THR C 248 -14.79 -39.47 -18.31
N PRO C 249 -15.50 -38.61 -17.56
CA PRO C 249 -16.56 -37.81 -18.16
C PRO C 249 -16.10 -36.61 -18.99
N GLN C 250 -17.05 -36.05 -19.74
CA GLN C 250 -16.80 -34.86 -20.55
C GLN C 250 -17.42 -33.67 -19.81
N TRP C 251 -17.02 -32.46 -20.19
CA TRP C 251 -17.54 -31.26 -19.54
C TRP C 251 -18.30 -30.35 -20.49
N LEU C 252 -19.41 -29.81 -20.01
CA LEU C 252 -20.26 -28.93 -20.81
C LEU C 252 -19.91 -27.45 -20.67
N ASP C 253 -19.15 -27.10 -19.62
CA ASP C 253 -18.73 -25.71 -19.43
C ASP C 253 -17.40 -25.72 -18.69
N TRP C 254 -16.52 -24.78 -19.05
CA TRP C 254 -15.22 -24.68 -18.43
C TRP C 254 -15.07 -23.40 -17.60
N GLY C 255 -16.15 -22.64 -17.48
CA GLY C 255 -16.10 -21.42 -16.70
C GLY C 255 -16.27 -21.71 -15.22
N TRP C 256 -16.45 -20.65 -14.44
CA TRP C 256 -16.61 -20.73 -12.99
C TRP C 256 -18.07 -20.88 -12.54
N ASP C 257 -18.99 -20.31 -13.31
CA ASP C 257 -20.38 -20.30 -12.93
C ASP C 257 -21.41 -20.89 -13.88
N TRP C 258 -21.58 -22.20 -13.79
CA TRP C 258 -22.56 -22.91 -14.61
C TRP C 258 -22.86 -24.15 -13.77
N TYR C 259 -23.58 -23.92 -12.70
CA TYR C 259 -23.91 -24.95 -11.73
C TYR C 259 -25.37 -25.40 -11.73
N ALA C 260 -25.60 -26.62 -11.26
CA ALA C 260 -26.94 -27.20 -11.19
C ALA C 260 -27.66 -27.03 -12.52
N ALA C 261 -26.93 -27.22 -13.61
CA ALA C 261 -27.51 -27.09 -14.95
C ALA C 261 -28.56 -28.17 -15.24
N VAL C 262 -29.60 -27.79 -15.97
CA VAL C 262 -30.64 -28.74 -16.38
C VAL C 262 -30.86 -28.66 -17.90
N THR C 263 -31.27 -29.78 -18.49
CA THR C 263 -31.52 -29.81 -19.92
C THR C 263 -32.94 -30.30 -20.14
N TRP C 264 -33.53 -29.93 -21.27
CA TRP C 264 -34.86 -30.40 -21.59
C TRP C 264 -35.02 -30.46 -23.11
N PRO C 265 -35.94 -31.29 -23.60
CA PRO C 265 -36.17 -31.42 -25.05
C PRO C 265 -36.77 -30.17 -25.68
N SER C 266 -36.20 -29.73 -26.80
CA SER C 266 -36.73 -28.57 -27.50
C SER C 266 -38.09 -28.97 -28.05
N ILE C 267 -38.99 -28.01 -28.19
CA ILE C 267 -40.33 -28.30 -28.70
C ILE C 267 -40.33 -28.73 -30.16
N ASP C 268 -39.44 -28.13 -30.96
CA ASP C 268 -39.33 -28.41 -32.39
C ASP C 268 -38.54 -29.64 -32.82
N ALA C 269 -37.63 -30.13 -31.98
CA ALA C 269 -36.84 -31.30 -32.32
C ALA C 269 -36.39 -32.01 -31.04
N PRO C 270 -37.35 -32.47 -30.24
CA PRO C 270 -37.11 -33.16 -28.96
C PRO C 270 -36.12 -34.32 -28.95
N GLU C 271 -35.94 -34.99 -30.08
CA GLU C 271 -35.03 -36.13 -30.12
C GLU C 271 -33.58 -35.81 -30.46
N THR C 272 -33.33 -34.69 -31.10
CA THR C 272 -31.97 -34.34 -31.48
C THR C 272 -31.45 -33.04 -30.90
N LYS C 273 -32.36 -32.17 -30.47
CA LYS C 273 -31.97 -30.89 -29.92
C LYS C 273 -32.56 -30.63 -28.53
N ARG C 274 -31.70 -30.39 -27.55
CA ARG C 274 -32.16 -30.11 -26.19
C ARG C 274 -31.79 -28.68 -25.83
N LEU C 275 -32.37 -28.20 -24.74
CA LEU C 275 -32.07 -26.85 -24.27
C LEU C 275 -31.48 -27.00 -22.87
N ALA C 276 -30.70 -26.00 -22.46
CA ALA C 276 -30.07 -26.06 -21.17
C ALA C 276 -29.91 -24.69 -20.54
N ILE C 277 -30.05 -24.65 -19.23
CA ILE C 277 -29.89 -23.42 -18.48
C ILE C 277 -29.25 -23.80 -17.15
N ALA C 278 -28.45 -22.89 -16.61
CA ALA C 278 -27.77 -23.15 -15.35
C ALA C 278 -27.76 -21.94 -14.45
N TRP C 279 -27.45 -22.21 -13.18
CA TRP C 279 -27.36 -21.16 -12.17
C TRP C 279 -25.96 -20.60 -12.33
N MET C 280 -25.86 -19.30 -12.54
CA MET C 280 -24.56 -18.70 -12.71
C MET C 280 -23.97 -18.34 -11.35
N ASN C 281 -23.56 -19.37 -10.63
CA ASN C 281 -22.96 -19.21 -9.32
C ASN C 281 -22.07 -20.40 -9.03
N ASN C 282 -21.34 -20.33 -7.93
CA ASN C 282 -20.43 -21.38 -7.52
C ASN C 282 -20.42 -21.39 -6.00
N TRP C 283 -20.59 -22.55 -5.40
CA TRP C 283 -20.63 -22.63 -3.95
C TRP C 283 -19.38 -22.23 -3.21
N LYS C 284 -18.28 -22.01 -3.93
CA LYS C 284 -17.06 -21.58 -3.27
C LYS C 284 -17.32 -20.18 -2.72
N TYR C 285 -18.29 -19.48 -3.29
CA TYR C 285 -18.62 -18.12 -2.85
C TYR C 285 -20.08 -17.68 -2.95
N ALA C 286 -20.98 -18.56 -3.37
CA ALA C 286 -22.37 -18.19 -3.54
C ALA C 286 -23.02 -17.61 -2.29
N ALA C 287 -22.67 -18.13 -1.12
CA ALA C 287 -23.26 -17.63 0.13
C ALA C 287 -22.63 -16.30 0.52
N ARG C 288 -23.19 -15.21 0.01
CA ARG C 288 -22.72 -13.87 0.29
C ARG C 288 -23.72 -12.91 -0.33
N ASP C 289 -23.55 -11.62 -0.07
CA ASP C 289 -24.41 -10.63 -0.67
C ASP C 289 -23.72 -10.21 -1.95
N VAL C 290 -24.52 -9.94 -2.96
CA VAL C 290 -24.01 -9.57 -4.28
C VAL C 290 -24.31 -8.09 -4.57
N PRO C 291 -23.61 -7.49 -5.55
CA PRO C 291 -23.89 -6.09 -5.85
C PRO C 291 -25.36 -5.81 -6.12
N THR C 292 -26.04 -6.74 -6.77
CA THR C 292 -27.46 -6.55 -7.08
C THR C 292 -28.31 -6.59 -5.80
N ASP C 293 -27.77 -7.17 -4.74
CA ASP C 293 -28.50 -7.22 -3.48
C ASP C 293 -28.75 -5.78 -3.03
N ALA C 294 -27.70 -4.97 -3.05
CA ALA C 294 -27.78 -3.59 -2.63
C ALA C 294 -28.52 -2.67 -3.61
N SER C 295 -28.29 -2.86 -4.91
CA SER C 295 -28.93 -2.02 -5.91
C SER C 295 -30.36 -2.41 -6.26
N ASP C 296 -30.65 -3.71 -6.27
CA ASP C 296 -31.99 -4.17 -6.65
C ASP C 296 -32.69 -5.17 -5.73
N GLY C 297 -32.03 -5.61 -4.66
CA GLY C 297 -32.67 -6.53 -3.75
C GLY C 297 -32.86 -7.96 -4.23
N TYR C 298 -31.91 -8.48 -5.00
CA TYR C 298 -31.99 -9.86 -5.44
C TYR C 298 -30.58 -10.40 -5.61
N ASN C 299 -30.42 -11.70 -5.44
CA ASN C 299 -29.13 -12.33 -5.53
C ASN C 299 -29.16 -13.56 -6.45
N GLY C 300 -28.51 -13.45 -7.62
CA GLY C 300 -28.47 -14.57 -8.52
C GLY C 300 -29.12 -14.42 -9.88
N GLN C 301 -28.50 -15.04 -10.87
CA GLN C 301 -29.03 -15.00 -12.23
C GLN C 301 -28.70 -16.34 -12.90
N ASN C 302 -29.49 -16.69 -13.91
CA ASN C 302 -29.26 -17.91 -14.65
C ASN C 302 -28.42 -17.56 -15.87
N SER C 303 -27.88 -18.58 -16.52
CA SER C 303 -27.07 -18.39 -17.70
C SER C 303 -27.99 -18.18 -18.90
N ILE C 304 -27.39 -17.94 -20.05
CA ILE C 304 -28.17 -17.80 -21.26
C ILE C 304 -28.63 -19.23 -21.55
N VAL C 305 -29.84 -19.40 -22.07
CA VAL C 305 -30.31 -20.72 -22.42
C VAL C 305 -29.49 -21.12 -23.64
N ARG C 306 -28.97 -22.34 -23.67
CA ARG C 306 -28.17 -22.78 -24.80
C ARG C 306 -28.81 -24.00 -25.47
N GLU C 307 -28.48 -24.21 -26.73
CA GLU C 307 -28.99 -25.36 -27.47
C GLU C 307 -27.94 -26.47 -27.44
N LEU C 308 -28.37 -27.69 -27.23
CA LEU C 308 -27.46 -28.83 -27.17
C LEU C 308 -27.80 -29.90 -28.22
N ARG C 309 -26.78 -30.39 -28.90
CA ARG C 309 -26.96 -31.45 -29.88
C ARG C 309 -25.74 -32.37 -29.75
N LEU C 310 -25.95 -33.66 -29.97
CA LEU C 310 -24.86 -34.62 -29.86
C LEU C 310 -24.24 -34.81 -31.25
N ALA C 311 -22.96 -34.52 -31.39
CA ALA C 311 -22.32 -34.64 -32.70
C ALA C 311 -21.18 -35.64 -32.74
N ARG C 312 -21.15 -36.44 -33.79
CA ARG C 312 -20.09 -37.42 -33.97
C ARG C 312 -18.78 -36.68 -34.18
N GLN C 313 -17.73 -37.12 -33.49
CA GLN C 313 -16.40 -36.52 -33.59
C GLN C 313 -15.49 -37.43 -34.39
N PRO C 314 -14.48 -36.86 -35.07
CA PRO C 314 -13.54 -37.64 -35.88
C PRO C 314 -13.01 -38.82 -35.08
N GLY C 315 -13.24 -40.03 -35.58
CA GLY C 315 -12.76 -41.20 -34.85
C GLY C 315 -13.89 -42.05 -34.31
N GLY C 316 -15.07 -41.46 -34.19
CA GLY C 316 -16.19 -42.25 -33.71
C GLY C 316 -16.68 -42.03 -32.29
N TRP C 317 -16.33 -40.91 -31.67
CA TRP C 317 -16.84 -40.65 -30.34
C TRP C 317 -17.88 -39.54 -30.43
N TYR C 318 -18.60 -39.31 -29.35
CA TYR C 318 -19.65 -38.30 -29.38
C TYR C 318 -19.50 -37.25 -28.31
N THR C 319 -19.86 -36.02 -28.65
CA THR C 319 -19.76 -34.93 -27.69
C THR C 319 -20.94 -33.98 -27.87
N LEU C 320 -21.24 -33.22 -26.83
CA LEU C 320 -22.32 -32.24 -26.87
C LEU C 320 -21.79 -30.86 -27.28
N LEU C 321 -22.33 -30.34 -28.38
CA LEU C 321 -21.92 -29.02 -28.87
C LEU C 321 -22.92 -27.99 -28.37
N SER C 322 -22.42 -26.80 -28.01
CA SER C 322 -23.29 -25.75 -27.49
C SER C 322 -23.33 -24.47 -28.31
N THR C 323 -24.51 -23.86 -28.35
CA THR C 323 -24.71 -22.58 -29.05
C THR C 323 -25.84 -21.86 -28.35
N PRO C 324 -25.77 -20.52 -28.29
CA PRO C 324 -26.84 -19.75 -27.63
C PRO C 324 -28.15 -19.98 -28.38
N VAL C 325 -29.26 -19.96 -27.65
CA VAL C 325 -30.58 -20.17 -28.22
C VAL C 325 -30.80 -19.18 -29.38
N ALA C 326 -31.24 -19.69 -30.52
CA ALA C 326 -31.46 -18.87 -31.70
C ALA C 326 -32.29 -17.60 -31.46
N ALA C 327 -33.41 -17.76 -30.77
CA ALA C 327 -34.32 -16.64 -30.48
C ALA C 327 -33.62 -15.42 -29.92
N LEU C 328 -32.42 -15.60 -29.38
CA LEU C 328 -31.70 -14.46 -28.82
C LEU C 328 -31.52 -13.38 -29.90
N THR C 329 -31.50 -13.80 -31.16
CA THR C 329 -31.34 -12.87 -32.28
C THR C 329 -32.46 -11.84 -32.30
N ASN C 330 -33.63 -12.24 -31.85
CA ASN C 330 -34.80 -11.36 -31.83
C ASN C 330 -34.66 -10.18 -30.89
N TYR C 331 -33.68 -10.24 -30.00
CA TYR C 331 -33.48 -9.16 -29.04
C TYR C 331 -32.34 -8.23 -29.39
N VAL C 332 -31.78 -8.38 -30.59
CA VAL C 332 -30.69 -7.51 -31.01
C VAL C 332 -31.29 -6.17 -31.46
N THR C 333 -30.71 -5.08 -30.98
CA THR C 333 -31.20 -3.75 -31.31
C THR C 333 -30.32 -3.01 -32.29
N ALA C 334 -29.09 -3.49 -32.45
CA ALA C 334 -28.14 -2.87 -33.38
C ALA C 334 -26.96 -3.80 -33.64
N THR C 335 -26.62 -3.94 -34.92
CA THR C 335 -25.51 -4.78 -35.34
C THR C 335 -24.44 -3.86 -35.94
N THR C 336 -23.26 -3.85 -35.31
CA THR C 336 -22.17 -3.01 -35.78
C THR C 336 -20.98 -3.84 -36.24
N THR C 337 -20.55 -3.65 -37.48
CA THR C 337 -19.41 -4.39 -37.99
C THR C 337 -18.23 -3.43 -37.99
N LEU C 338 -17.07 -3.94 -37.60
CA LEU C 338 -15.87 -3.13 -37.56
C LEU C 338 -14.87 -3.73 -38.53
N PRO C 339 -14.17 -2.88 -39.28
CA PRO C 339 -13.18 -3.33 -40.27
C PRO C 339 -12.07 -4.22 -39.72
N ASP C 340 -11.69 -5.23 -40.48
CA ASP C 340 -10.63 -6.14 -40.07
C ASP C 340 -9.42 -5.29 -39.72
N ARG C 341 -8.56 -5.83 -38.86
CA ARG C 341 -7.39 -5.08 -38.48
C ARG C 341 -6.32 -5.98 -37.86
N THR C 342 -5.08 -5.62 -38.13
CA THR C 342 -3.95 -6.36 -37.61
C THR C 342 -3.44 -5.57 -36.43
N VAL C 343 -3.11 -6.25 -35.34
CA VAL C 343 -2.58 -5.56 -34.18
C VAL C 343 -1.36 -6.31 -33.67
N ASP C 344 -0.36 -5.55 -33.26
CA ASP C 344 0.86 -6.14 -32.73
C ASP C 344 1.09 -5.42 -31.42
N GLY C 345 0.30 -5.79 -30.42
CA GLY C 345 0.39 -5.16 -29.11
C GLY C 345 -1.02 -5.04 -28.56
N SER C 346 -1.60 -3.86 -28.70
CA SER C 346 -2.96 -3.64 -28.23
C SER C 346 -3.64 -2.52 -28.99
N ALA C 347 -4.97 -2.56 -29.05
CA ALA C 347 -5.74 -1.54 -29.74
C ALA C 347 -7.15 -1.55 -29.21
N VAL C 348 -7.68 -0.36 -28.93
CA VAL C 348 -9.03 -0.20 -28.42
C VAL C 348 -10.01 -0.09 -29.58
N LEU C 349 -11.15 -0.75 -29.49
CA LEU C 349 -12.14 -0.67 -30.56
C LEU C 349 -13.06 0.52 -30.28
N PRO C 350 -13.50 1.21 -31.35
CA PRO C 350 -14.38 2.37 -31.19
C PRO C 350 -15.82 1.96 -30.90
N TRP C 351 -16.02 1.23 -29.80
CA TRP C 351 -17.35 0.78 -29.42
C TRP C 351 -17.42 0.56 -27.91
N ASN C 352 -18.55 0.92 -27.31
CA ASN C 352 -18.76 0.76 -25.87
C ASN C 352 -20.17 0.24 -25.61
N GLY C 353 -20.34 -0.55 -24.54
CA GLY C 353 -21.65 -1.09 -24.22
C GLY C 353 -21.64 -2.03 -23.02
N ARG C 354 -22.81 -2.32 -22.47
CA ARG C 354 -22.91 -3.22 -21.32
C ARG C 354 -23.57 -4.56 -21.62
N ALA C 355 -24.50 -4.56 -22.57
CA ALA C 355 -25.19 -5.80 -22.93
C ALA C 355 -25.08 -6.03 -24.42
N TYR C 356 -24.36 -7.07 -24.81
CA TYR C 356 -24.17 -7.38 -26.22
C TYR C 356 -23.53 -8.73 -26.48
N GLU C 357 -23.41 -9.05 -27.77
CA GLU C 357 -22.76 -10.26 -28.22
C GLU C 357 -21.72 -9.84 -29.25
N ILE C 358 -20.48 -10.26 -29.06
CA ILE C 358 -19.47 -9.92 -30.04
C ILE C 358 -18.83 -11.19 -30.59
N GLU C 359 -18.69 -11.23 -31.91
CA GLU C 359 -18.08 -12.36 -32.61
C GLU C 359 -16.84 -11.85 -33.33
N LEU C 360 -15.85 -12.72 -33.49
CA LEU C 360 -14.62 -12.36 -34.19
C LEU C 360 -13.76 -13.59 -34.43
N ASP C 361 -12.83 -13.44 -35.36
CA ASP C 361 -11.89 -14.50 -35.68
C ASP C 361 -10.53 -13.89 -35.48
N ILE C 362 -9.60 -14.68 -34.95
CA ILE C 362 -8.24 -14.22 -34.73
C ILE C 362 -7.35 -15.23 -35.40
N ALA C 363 -6.29 -14.76 -36.04
CA ALA C 363 -5.35 -15.62 -36.73
C ALA C 363 -3.97 -15.07 -36.44
N TRP C 364 -3.01 -15.96 -36.20
CA TRP C 364 -1.66 -15.53 -35.90
C TRP C 364 -0.62 -16.57 -36.27
N ASP C 365 0.64 -16.24 -36.06
CA ASP C 365 1.71 -17.17 -36.40
C ASP C 365 2.65 -17.38 -35.22
N THR C 366 3.55 -16.42 -34.99
CA THR C 366 4.50 -16.54 -33.90
C THR C 366 3.98 -16.01 -32.56
N ALA C 367 2.85 -15.32 -32.58
CA ALA C 367 2.30 -14.77 -31.34
C ALA C 367 2.10 -15.87 -30.28
N THR C 368 2.50 -15.58 -29.05
CA THR C 368 2.35 -16.55 -27.97
C THR C 368 1.11 -16.31 -27.12
N ASN C 369 0.43 -15.20 -27.38
CA ASN C 369 -0.80 -14.88 -26.66
C ASN C 369 -1.59 -13.89 -27.50
N VAL C 370 -2.86 -14.20 -27.71
CA VAL C 370 -3.74 -13.34 -28.48
C VAL C 370 -5.07 -13.32 -27.74
N GLY C 371 -5.80 -12.21 -27.84
CA GLY C 371 -7.06 -12.14 -27.14
C GLY C 371 -7.82 -10.85 -27.27
N ILE C 372 -8.90 -10.75 -26.51
CA ILE C 372 -9.75 -9.58 -26.50
C ILE C 372 -10.17 -9.29 -25.06
N SER C 373 -10.25 -8.00 -24.73
CA SER C 373 -10.65 -7.59 -23.38
C SER C 373 -12.01 -6.93 -23.44
N VAL C 374 -12.89 -7.30 -22.52
CA VAL C 374 -14.22 -6.70 -22.46
C VAL C 374 -14.39 -6.06 -21.09
N GLY C 375 -15.42 -5.23 -20.95
CA GLY C 375 -15.65 -4.54 -19.69
C GLY C 375 -14.47 -3.64 -19.37
N ARG C 376 -13.83 -3.13 -20.42
CA ARG C 376 -12.66 -2.28 -20.28
C ARG C 376 -13.02 -0.87 -19.82
N SER C 377 -12.37 -0.44 -18.74
CA SER C 377 -12.60 0.89 -18.17
C SER C 377 -11.79 1.93 -18.94
N PRO C 378 -12.19 3.21 -18.86
CA PRO C 378 -11.49 4.28 -19.57
C PRO C 378 -9.97 4.30 -19.40
N ASP C 379 -9.51 4.11 -18.17
CA ASP C 379 -8.08 4.08 -17.90
C ASP C 379 -7.48 2.79 -18.43
N GLY C 380 -8.34 1.83 -18.74
CA GLY C 380 -7.88 0.56 -19.28
C GLY C 380 -7.32 -0.45 -18.28
N THR C 381 -7.44 -0.17 -16.98
CA THR C 381 -6.93 -1.05 -15.93
C THR C 381 -7.90 -2.16 -15.54
N ARG C 382 -9.18 -1.98 -15.81
CA ARG C 382 -10.18 -2.98 -15.48
C ARG C 382 -10.68 -3.64 -16.76
N HIS C 383 -10.74 -4.97 -16.76
CA HIS C 383 -11.21 -5.71 -17.93
C HIS C 383 -11.12 -7.21 -17.73
N THR C 384 -11.88 -7.95 -18.53
CA THR C 384 -11.87 -9.39 -18.49
C THR C 384 -11.26 -9.83 -19.81
N ASN C 385 -10.26 -10.70 -19.75
CA ASN C 385 -9.60 -11.15 -20.97
C ASN C 385 -10.03 -12.54 -21.42
N ILE C 386 -10.28 -12.65 -22.73
CA ILE C 386 -10.66 -13.90 -23.37
C ILE C 386 -9.60 -14.08 -24.46
N GLY C 387 -8.84 -15.16 -24.39
CA GLY C 387 -7.80 -15.37 -25.39
C GLY C 387 -7.28 -16.78 -25.45
N LYS C 388 -6.24 -16.97 -26.27
CA LYS C 388 -5.65 -18.28 -26.46
C LYS C 388 -4.18 -18.21 -26.07
N TYR C 389 -3.77 -19.09 -25.17
CA TYR C 389 -2.40 -19.14 -24.71
C TYR C 389 -2.03 -20.59 -24.45
N GLY C 390 -0.98 -21.06 -25.11
CA GLY C 390 -0.57 -22.45 -24.93
C GLY C 390 -1.68 -23.38 -25.35
N ALA C 391 -2.09 -24.28 -24.46
CA ALA C 391 -3.16 -25.22 -24.76
C ALA C 391 -4.45 -24.79 -24.07
N ASP C 392 -4.53 -23.51 -23.74
CA ASP C 392 -5.69 -22.95 -23.06
C ASP C 392 -6.45 -21.87 -23.84
N LEU C 393 -7.77 -21.95 -23.79
CA LEU C 393 -8.59 -20.90 -24.36
C LEU C 393 -9.10 -20.44 -23.00
N TYR C 394 -8.53 -19.34 -22.53
CA TYR C 394 -8.85 -18.83 -21.21
C TYR C 394 -9.76 -17.61 -21.14
N VAL C 395 -10.35 -17.42 -19.97
CA VAL C 395 -11.19 -16.28 -19.67
C VAL C 395 -10.74 -15.86 -18.27
N ASP C 396 -9.99 -14.77 -18.22
CA ASP C 396 -9.47 -14.27 -16.97
C ASP C 396 -10.23 -13.03 -16.52
N ARG C 397 -11.08 -13.19 -15.51
CA ARG C 397 -11.88 -12.10 -14.98
C ARG C 397 -11.11 -11.37 -13.88
N GLY C 398 -9.91 -11.84 -13.60
CA GLY C 398 -9.08 -11.25 -12.57
C GLY C 398 -9.02 -9.73 -12.57
N PRO C 399 -8.71 -9.10 -13.71
CA PRO C 399 -8.65 -7.63 -13.78
C PRO C 399 -9.99 -6.93 -13.59
N SER C 400 -11.06 -7.70 -13.53
CA SER C 400 -12.39 -7.13 -13.32
C SER C 400 -12.85 -7.37 -11.89
N ASP C 401 -11.96 -7.93 -11.07
CA ASP C 401 -12.31 -8.20 -9.68
C ASP C 401 -12.79 -6.92 -9.00
N LEU C 402 -13.92 -7.00 -8.31
CA LEU C 402 -14.49 -5.85 -7.62
C LEU C 402 -14.17 -5.90 -6.13
N ALA C 403 -13.38 -4.94 -5.66
CA ALA C 403 -13.00 -4.88 -4.25
C ALA C 403 -14.24 -4.94 -3.36
N GLY C 404 -14.21 -5.80 -2.34
CA GLY C 404 -15.34 -5.93 -1.44
C GLY C 404 -16.30 -7.05 -1.83
N TYR C 405 -16.20 -7.46 -3.10
CA TYR C 405 -17.03 -8.53 -3.65
C TYR C 405 -16.08 -9.39 -4.48
N SER C 406 -14.86 -9.55 -3.97
CA SER C 406 -13.82 -10.30 -4.66
C SER C 406 -14.13 -11.75 -4.99
N LEU C 407 -13.74 -12.17 -6.19
CA LEU C 407 -13.94 -13.55 -6.62
C LEU C 407 -12.62 -14.33 -6.51
N ALA C 408 -11.54 -13.63 -6.17
CA ALA C 408 -10.23 -14.27 -6.01
C ALA C 408 -10.36 -15.45 -5.05
N PRO C 409 -9.58 -16.51 -5.25
CA PRO C 409 -8.57 -16.77 -6.27
C PRO C 409 -9.11 -17.38 -7.56
N TYR C 410 -10.43 -17.41 -7.70
CA TYR C 410 -11.03 -17.98 -8.90
C TYR C 410 -11.19 -16.93 -10.01
N SER C 411 -10.10 -16.64 -10.70
CA SER C 411 -10.18 -15.61 -11.73
C SER C 411 -9.88 -16.07 -13.15
N ARG C 412 -8.91 -16.94 -13.32
CA ARG C 412 -8.57 -17.40 -14.67
C ARG C 412 -9.13 -18.77 -15.02
N ALA C 413 -10.24 -18.80 -15.73
CA ALA C 413 -10.84 -20.07 -16.15
C ALA C 413 -10.15 -20.46 -17.45
N ALA C 414 -10.17 -21.75 -17.78
CA ALA C 414 -9.52 -22.21 -19.01
C ALA C 414 -10.09 -23.50 -19.55
N ALA C 415 -10.26 -23.52 -20.86
CA ALA C 415 -10.77 -24.69 -21.55
C ALA C 415 -9.64 -25.22 -22.42
N PRO C 416 -9.63 -26.52 -22.66
CA PRO C 416 -8.57 -27.09 -23.49
C PRO C 416 -8.76 -26.71 -24.95
N ILE C 417 -7.65 -26.50 -25.63
CA ILE C 417 -7.66 -26.19 -27.06
C ILE C 417 -6.34 -26.70 -27.60
N ASP C 418 -6.33 -27.16 -28.84
CA ASP C 418 -5.11 -27.65 -29.45
C ASP C 418 -4.03 -26.57 -29.35
N PRO C 419 -2.91 -26.87 -28.68
CA PRO C 419 -1.85 -25.88 -28.55
C PRO C 419 -1.32 -25.47 -29.92
N GLY C 420 -1.50 -26.34 -30.90
CA GLY C 420 -1.06 -26.04 -32.24
C GLY C 420 -1.98 -25.11 -33.03
N ALA C 421 -3.16 -24.81 -32.48
CA ALA C 421 -4.10 -23.91 -33.18
C ALA C 421 -3.53 -22.52 -33.42
N ARG C 422 -3.77 -21.99 -34.61
CA ARG C 422 -3.27 -20.68 -34.97
C ARG C 422 -4.36 -19.72 -35.41
N SER C 423 -5.60 -20.07 -35.06
CA SER C 423 -6.75 -19.25 -35.36
C SER C 423 -7.88 -19.74 -34.48
N VAL C 424 -8.84 -18.88 -34.18
CA VAL C 424 -9.96 -19.26 -33.35
C VAL C 424 -11.13 -18.31 -33.58
N HIS C 425 -12.33 -18.84 -33.45
CA HIS C 425 -13.54 -18.04 -33.59
C HIS C 425 -14.16 -17.93 -32.22
N LEU C 426 -14.49 -16.70 -31.81
CA LEU C 426 -15.10 -16.48 -30.52
C LEU C 426 -16.47 -15.81 -30.62
N ARG C 427 -17.41 -16.29 -29.80
CA ARG C 427 -18.75 -15.72 -29.72
C ARG C 427 -18.95 -15.41 -28.24
N ILE C 428 -18.87 -14.12 -27.92
CA ILE C 428 -18.96 -13.65 -26.55
C ILE C 428 -20.22 -12.87 -26.15
N LEU C 429 -20.95 -13.43 -25.19
CA LEU C 429 -22.16 -12.81 -24.66
C LEU C 429 -21.81 -12.04 -23.40
N VAL C 430 -21.95 -10.72 -23.45
CA VAL C 430 -21.64 -9.86 -22.32
C VAL C 430 -22.91 -9.21 -21.78
N ASP C 431 -23.12 -9.31 -20.48
CA ASP C 431 -24.27 -8.69 -19.84
C ASP C 431 -23.72 -7.93 -18.65
N THR C 432 -24.56 -7.16 -17.97
CA THR C 432 -24.12 -6.35 -16.85
C THR C 432 -23.37 -7.06 -15.73
N GLN C 433 -23.55 -8.36 -15.59
CA GLN C 433 -22.86 -9.08 -14.52
C GLN C 433 -22.26 -10.40 -14.97
N SER C 434 -22.03 -10.56 -16.27
CA SER C 434 -21.47 -11.82 -16.73
C SER C 434 -20.88 -11.85 -18.14
N VAL C 435 -20.09 -12.89 -18.38
CA VAL C 435 -19.41 -13.13 -19.64
C VAL C 435 -19.50 -14.62 -19.95
N GLU C 436 -20.01 -14.96 -21.12
CA GLU C 436 -20.12 -16.34 -21.55
C GLU C 436 -19.46 -16.44 -22.91
N VAL C 437 -18.46 -17.32 -23.03
CA VAL C 437 -17.72 -17.51 -24.27
C VAL C 437 -17.97 -18.84 -24.97
N PHE C 438 -18.42 -18.79 -26.22
CA PHE C 438 -18.65 -20.00 -27.01
C PHE C 438 -17.51 -20.03 -28.03
N VAL C 439 -16.68 -21.06 -27.91
CA VAL C 439 -15.51 -21.20 -28.77
C VAL C 439 -15.78 -22.04 -30.00
N ASN C 440 -15.35 -21.54 -31.16
CA ASN C 440 -15.51 -22.24 -32.43
C ASN C 440 -16.88 -22.83 -32.66
N ALA C 441 -16.95 -24.13 -32.92
CA ALA C 441 -18.23 -24.78 -33.18
C ALA C 441 -19.00 -25.19 -31.92
N GLY C 442 -18.54 -24.76 -30.76
CA GLY C 442 -19.24 -25.08 -29.54
C GLY C 442 -18.79 -26.26 -28.71
N HIS C 443 -17.59 -26.78 -28.96
CA HIS C 443 -17.11 -27.91 -28.17
C HIS C 443 -16.85 -27.41 -26.75
N THR C 444 -16.30 -26.21 -26.64
CA THR C 444 -16.01 -25.62 -25.35
C THR C 444 -16.71 -24.30 -25.14
N VAL C 445 -17.21 -24.12 -23.92
CA VAL C 445 -17.91 -22.92 -23.51
C VAL C 445 -17.39 -22.56 -22.13
N LEU C 446 -17.33 -21.27 -21.84
CA LEU C 446 -16.89 -20.80 -20.54
C LEU C 446 -17.88 -19.73 -20.06
N SER C 447 -18.53 -20.02 -18.94
CA SER C 447 -19.50 -19.11 -18.36
C SER C 447 -19.04 -18.67 -16.99
N GLN C 448 -19.19 -17.38 -16.70
CA GLN C 448 -18.79 -16.85 -15.42
C GLN C 448 -19.42 -15.49 -15.16
N GLN C 449 -19.66 -15.20 -13.89
CA GLN C 449 -20.21 -13.91 -13.52
C GLN C 449 -19.03 -12.97 -13.35
N VAL C 450 -19.24 -11.70 -13.70
CA VAL C 450 -18.20 -10.69 -13.56
C VAL C 450 -18.88 -9.42 -13.03
N HIS C 451 -18.37 -8.88 -11.94
CA HIS C 451 -18.97 -7.67 -11.38
C HIS C 451 -18.40 -6.43 -12.05
N PHE C 452 -18.84 -6.18 -13.27
CA PHE C 452 -18.41 -5.02 -14.02
C PHE C 452 -18.83 -3.79 -13.24
N ALA C 453 -17.96 -2.79 -13.23
CA ALA C 453 -18.24 -1.54 -12.54
C ALA C 453 -18.95 -0.62 -13.54
N GLU C 454 -19.47 0.48 -13.01
CA GLU C 454 -20.20 1.49 -13.79
C GLU C 454 -19.71 1.76 -15.21
N GLY C 455 -18.45 2.15 -15.36
CA GLY C 455 -17.94 2.45 -16.68
C GLY C 455 -17.07 1.42 -17.39
N ASP C 456 -17.19 0.14 -17.05
CA ASP C 456 -16.40 -0.90 -17.71
C ASP C 456 -17.19 -1.33 -18.93
N THR C 457 -17.13 -0.52 -19.98
CA THR C 457 -17.89 -0.79 -21.18
C THR C 457 -17.07 -0.93 -22.46
N GLY C 458 -15.76 -0.71 -22.36
CA GLY C 458 -14.93 -0.80 -23.55
C GLY C 458 -14.50 -2.19 -23.99
N ILE C 459 -13.90 -2.23 -25.17
CA ILE C 459 -13.41 -3.47 -25.76
C ILE C 459 -12.08 -3.17 -26.45
N SER C 460 -11.07 -4.00 -26.22
CA SER C 460 -9.79 -3.82 -26.87
C SER C 460 -9.26 -5.17 -27.37
N LEU C 461 -8.21 -5.12 -28.17
CA LEU C 461 -7.60 -6.33 -28.73
C LEU C 461 -6.12 -6.33 -28.32
N TYR C 462 -5.55 -7.50 -28.10
CA TYR C 462 -4.14 -7.56 -27.69
C TYR C 462 -3.41 -8.82 -28.17
N THR C 463 -2.10 -8.69 -28.34
CA THR C 463 -1.26 -9.80 -28.77
C THR C 463 0.07 -9.70 -28.03
N ASP C 464 0.76 -10.82 -27.91
CA ASP C 464 2.06 -10.87 -27.26
C ASP C 464 2.98 -11.70 -28.13
N GLY C 465 4.18 -11.19 -28.38
CA GLY C 465 5.16 -11.90 -29.18
C GLY C 465 4.87 -12.01 -30.66
N GLY C 466 4.09 -11.07 -31.20
CA GLY C 466 3.80 -11.12 -32.62
C GLY C 466 2.44 -10.57 -32.99
N PRO C 467 2.23 -10.28 -34.28
CA PRO C 467 0.96 -9.73 -34.78
C PRO C 467 -0.14 -10.78 -34.95
N ALA C 468 -1.37 -10.31 -34.94
CA ALA C 468 -2.53 -11.17 -35.13
C ALA C 468 -3.50 -10.43 -36.01
N HIS C 469 -4.29 -11.18 -36.78
CA HIS C 469 -5.26 -10.60 -37.66
C HIS C 469 -6.67 -10.84 -37.09
N PHE C 470 -7.34 -9.75 -36.74
CA PHE C 470 -8.69 -9.79 -36.18
C PHE C 470 -9.68 -9.51 -37.31
N THR C 471 -10.47 -10.52 -37.64
CA THR C 471 -11.44 -10.44 -38.72
C THR C 471 -12.86 -10.77 -38.30
N GLY C 472 -13.82 -10.41 -39.15
CA GLY C 472 -15.23 -10.69 -38.86
C GLY C 472 -15.73 -10.10 -37.56
N ILE C 473 -15.17 -8.97 -37.16
CA ILE C 473 -15.56 -8.32 -35.91
C ILE C 473 -16.95 -7.72 -36.04
N VAL C 474 -17.90 -8.31 -35.34
CA VAL C 474 -19.28 -7.82 -35.38
C VAL C 474 -19.86 -7.79 -33.96
N VAL C 475 -20.43 -6.64 -33.60
CA VAL C 475 -21.00 -6.49 -32.27
C VAL C 475 -22.50 -6.27 -32.33
N ARG C 476 -23.25 -7.16 -31.70
CA ARG C 476 -24.70 -7.07 -31.68
C ARG C 476 -25.15 -6.64 -30.28
N GLU C 477 -25.67 -5.43 -30.19
CA GLU C 477 -26.13 -4.90 -28.91
C GLU C 477 -27.49 -5.50 -28.61
N ILE C 478 -27.68 -5.97 -27.38
CA ILE C 478 -28.92 -6.60 -26.99
C ILE C 478 -29.77 -5.71 -26.10
N GLY C 479 -31.07 -5.66 -26.39
CA GLY C 479 -31.98 -4.84 -25.61
C GLY C 479 -32.76 -5.70 -24.62
N GLN C 480 -33.52 -5.06 -23.75
CA GLN C 480 -34.32 -5.75 -22.74
C GLN C 480 -35.04 -7.00 -23.23
N ALA D 2 -32.56 12.49 -5.26
CA ALA D 2 -32.10 13.48 -4.24
C ALA D 2 -32.22 12.89 -2.84
N VAL D 3 -31.14 12.92 -2.09
CA VAL D 3 -31.16 12.36 -0.75
C VAL D 3 -32.04 13.11 0.25
N TYR D 4 -31.91 14.45 0.28
CA TYR D 4 -32.68 15.22 1.24
C TYR D 4 -33.47 16.43 0.68
N HIS D 5 -33.83 16.36 -0.60
CA HIS D 5 -34.61 17.41 -1.21
C HIS D 5 -35.91 16.78 -1.67
N MET D 6 -37.02 17.47 -1.49
CA MET D 6 -38.31 16.93 -1.89
C MET D 6 -38.42 16.77 -3.39
N THR D 7 -38.92 15.62 -3.81
CA THR D 7 -39.12 15.34 -5.22
C THR D 7 -40.45 14.61 -5.33
N PRO D 8 -41.13 14.75 -6.49
CA PRO D 8 -42.41 14.05 -6.62
C PRO D 8 -42.15 12.55 -6.79
N PRO D 9 -43.08 11.71 -6.30
CA PRO D 9 -42.90 10.26 -6.43
C PRO D 9 -42.61 9.90 -7.88
N SER D 10 -43.22 10.65 -8.79
CA SER D 10 -43.02 10.43 -10.21
C SER D 10 -43.57 11.65 -10.94
N GLY D 11 -43.23 11.76 -12.22
CA GLY D 11 -43.73 12.86 -13.01
C GLY D 11 -43.02 14.20 -12.85
N TRP D 12 -43.71 15.24 -13.31
CA TRP D 12 -43.24 16.60 -13.32
C TRP D 12 -43.62 17.44 -12.11
N LEU D 13 -42.60 18.06 -11.51
CA LEU D 13 -42.79 18.93 -10.36
C LEU D 13 -42.71 20.37 -10.81
N CYS D 14 -43.56 21.22 -10.24
CA CYS D 14 -43.54 22.63 -10.59
C CYS D 14 -43.81 23.47 -9.33
N ASP D 15 -44.30 24.69 -9.52
CA ASP D 15 -44.58 25.63 -8.43
C ASP D 15 -45.08 25.06 -7.09
N PRO D 16 -44.41 25.41 -5.98
CA PRO D 16 -44.91 24.90 -4.71
C PRO D 16 -45.98 25.90 -4.29
N GLN D 17 -46.88 25.49 -3.41
CA GLN D 17 -47.94 26.38 -2.93
C GLN D 17 -47.70 26.65 -1.44
N ARG D 18 -47.88 27.89 -1.01
CA ARG D 18 -47.69 28.22 0.40
C ARG D 18 -48.41 27.22 1.30
N PRO D 19 -47.68 26.58 2.22
CA PRO D 19 -48.28 25.62 3.13
C PRO D 19 -49.23 26.26 4.14
N VAL D 20 -50.11 25.43 4.71
CA VAL D 20 -51.04 25.84 5.75
C VAL D 20 -50.75 24.88 6.88
N THR D 21 -50.95 25.31 8.11
CA THR D 21 -50.67 24.45 9.24
C THR D 21 -51.94 23.82 9.79
N THR D 22 -52.07 22.50 9.67
CA THR D 22 -53.23 21.78 10.16
C THR D 22 -52.77 20.41 10.65
N HIS D 23 -53.55 19.80 11.53
CA HIS D 23 -53.21 18.47 12.07
C HIS D 23 -51.77 18.36 12.54
N GLY D 24 -51.28 19.42 13.18
CA GLY D 24 -49.92 19.41 13.71
C GLY D 24 -48.82 19.21 12.68
N ALA D 25 -49.01 19.74 11.49
CA ALA D 25 -47.99 19.61 10.45
C ALA D 25 -48.19 20.65 9.37
N TYR D 26 -47.18 20.84 8.55
CA TYR D 26 -47.27 21.79 7.44
C TYR D 26 -47.82 21.04 6.23
N GLN D 27 -48.94 21.50 5.68
CA GLN D 27 -49.50 20.86 4.49
C GLN D 27 -49.02 21.63 3.28
N LEU D 28 -48.06 21.05 2.57
CA LEU D 28 -47.51 21.66 1.38
C LEU D 28 -48.23 21.15 0.15
N TYR D 29 -48.55 22.05 -0.77
CA TYR D 29 -49.20 21.66 -2.01
C TYR D 29 -48.22 22.08 -3.10
N TYR D 30 -48.27 21.41 -4.24
CA TYR D 30 -47.38 21.74 -5.35
C TYR D 30 -47.95 21.30 -6.68
N LEU D 31 -47.62 22.04 -7.73
CA LEU D 31 -48.09 21.71 -9.05
C LEU D 31 -47.45 20.41 -9.52
N HIS D 32 -48.27 19.54 -10.09
CA HIS D 32 -47.77 18.26 -10.57
C HIS D 32 -48.42 17.90 -11.89
N SER D 33 -47.63 17.30 -12.78
CA SER D 33 -48.14 16.87 -14.08
C SER D 33 -47.57 15.50 -14.43
N ASP D 34 -48.35 14.69 -15.17
CA ASP D 34 -47.84 13.40 -15.58
C ASP D 34 -46.81 13.56 -16.69
N GLN D 35 -46.92 14.65 -17.46
CA GLN D 35 -45.98 14.92 -18.56
C GLN D 35 -45.13 16.13 -18.22
N ASN D 36 -43.88 16.14 -18.68
CA ASN D 36 -43.03 17.28 -18.41
C ASN D 36 -43.60 18.54 -19.06
N ASN D 37 -43.82 19.56 -18.23
CA ASN D 37 -44.38 20.83 -18.65
C ASN D 37 -45.77 20.64 -19.23
N GLY D 38 -46.42 19.53 -18.85
CA GLY D 38 -47.76 19.26 -19.34
C GLY D 38 -48.82 19.75 -18.37
N PRO D 39 -50.12 19.63 -18.72
CA PRO D 39 -51.17 20.08 -17.80
C PRO D 39 -51.28 19.17 -16.59
N GLY D 40 -51.64 19.76 -15.45
CA GLY D 40 -51.77 18.99 -14.23
C GLY D 40 -52.60 19.70 -13.18
N GLY D 41 -52.25 19.49 -11.92
CA GLY D 41 -52.98 20.11 -10.84
C GLY D 41 -52.17 20.14 -9.56
N TRP D 42 -52.86 20.36 -8.44
CA TRP D 42 -52.23 20.44 -7.14
C TRP D 42 -52.08 19.07 -6.48
N ASP D 43 -50.87 18.78 -6.04
CA ASP D 43 -50.63 17.54 -5.31
C ASP D 43 -50.39 17.97 -3.87
N HIS D 44 -50.41 17.02 -2.95
CA HIS D 44 -50.28 17.32 -1.53
C HIS D 44 -49.21 16.48 -0.83
N ALA D 45 -48.49 17.12 0.07
CA ALA D 45 -47.45 16.47 0.85
C ALA D 45 -47.36 17.22 2.16
N SER D 46 -47.22 16.49 3.25
CA SER D 46 -47.13 17.12 4.56
C SER D 46 -45.76 16.87 5.16
N THR D 47 -45.38 17.72 6.10
CA THR D 47 -44.11 17.59 6.78
C THR D 47 -44.25 18.17 8.16
N THR D 48 -43.53 17.60 9.12
CA THR D 48 -43.59 18.08 10.48
C THR D 48 -42.33 18.85 10.82
N ASP D 49 -41.21 18.49 10.21
CA ASP D 49 -39.95 19.18 10.49
C ASP D 49 -39.44 20.05 9.34
N GLY D 50 -40.11 20.01 8.21
CA GLY D 50 -39.66 20.82 7.09
C GLY D 50 -38.51 20.20 6.31
N VAL D 51 -38.26 18.92 6.53
CA VAL D 51 -37.20 18.24 5.81
C VAL D 51 -37.75 17.01 5.11
N ALA D 52 -38.44 16.16 5.86
CA ALA D 52 -39.02 14.94 5.31
C ALA D 52 -40.49 15.18 4.97
N PHE D 53 -40.89 14.70 3.80
CA PHE D 53 -42.26 14.88 3.32
C PHE D 53 -42.97 13.57 3.03
N THR D 54 -44.27 13.55 3.30
CA THR D 54 -45.10 12.38 3.03
C THR D 54 -46.03 12.86 1.92
N HIS D 55 -45.95 12.22 0.76
CA HIS D 55 -46.80 12.59 -0.36
C HIS D 55 -48.14 11.90 -0.27
N HIS D 56 -49.21 12.68 -0.40
CA HIS D 56 -50.56 12.16 -0.29
C HIS D 56 -51.32 12.09 -1.61
N GLY D 57 -50.72 12.60 -2.68
CA GLY D 57 -51.39 12.55 -3.97
C GLY D 57 -52.09 13.82 -4.39
N THR D 58 -52.89 13.70 -5.45
CA THR D 58 -53.63 14.82 -6.01
C THR D 58 -54.75 15.28 -5.07
N VAL D 59 -54.89 16.60 -4.97
CA VAL D 59 -55.91 17.20 -4.11
C VAL D 59 -56.89 18.01 -4.97
N MET D 60 -56.36 18.67 -5.99
CA MET D 60 -57.14 19.46 -6.91
C MET D 60 -56.65 19.01 -8.27
N PRO D 61 -57.32 17.98 -8.83
CA PRO D 61 -57.02 17.34 -10.11
C PRO D 61 -57.21 18.16 -11.38
N LEU D 62 -56.51 17.69 -12.41
CA LEU D 62 -56.60 18.29 -13.73
C LEU D 62 -57.90 17.76 -14.32
N ARG D 63 -58.54 18.57 -15.16
CA ARG D 63 -59.75 18.19 -15.84
C ARG D 63 -59.52 18.61 -17.28
N PRO D 64 -60.09 17.89 -18.25
CA PRO D 64 -59.93 18.21 -19.66
C PRO D 64 -59.95 19.70 -20.02
N ASP D 65 -58.89 20.14 -20.69
CA ASP D 65 -58.73 21.54 -21.10
C ASP D 65 -58.83 22.48 -19.90
N PHE D 66 -58.73 21.91 -18.70
CA PHE D 66 -58.86 22.69 -17.48
C PHE D 66 -57.85 22.31 -16.41
N PRO D 67 -56.58 22.71 -16.57
CA PRO D 67 -55.55 22.39 -15.58
C PRO D 67 -55.65 23.32 -14.38
N VAL D 68 -54.95 22.99 -13.30
CA VAL D 68 -54.96 23.83 -12.11
C VAL D 68 -53.57 24.42 -11.92
N TRP D 69 -53.49 25.74 -11.91
CA TRP D 69 -52.22 26.44 -11.73
C TRP D 69 -52.08 26.94 -10.28
N SER D 70 -51.05 27.74 -10.02
CA SER D 70 -50.79 28.22 -8.68
C SER D 70 -51.79 29.19 -8.07
N GLY D 71 -51.71 29.31 -6.75
CA GLY D 71 -52.57 30.18 -5.98
C GLY D 71 -52.09 30.14 -4.55
N SER D 72 -52.99 29.84 -3.62
CA SER D 72 -52.65 29.74 -2.21
C SER D 72 -53.86 29.30 -1.43
N ALA D 73 -53.66 28.97 -0.16
CA ALA D 73 -54.76 28.54 0.67
C ALA D 73 -54.59 29.12 2.06
N VAL D 74 -55.72 29.30 2.75
CA VAL D 74 -55.72 29.84 4.10
C VAL D 74 -56.64 29.02 4.99
N VAL D 75 -56.35 29.03 6.28
CA VAL D 75 -57.17 28.33 7.26
C VAL D 75 -58.12 29.40 7.78
N ASP D 76 -59.39 29.31 7.42
CA ASP D 76 -60.38 30.29 7.82
C ASP D 76 -60.99 29.94 9.17
N THR D 77 -60.19 30.12 10.22
CA THR D 77 -60.57 29.83 11.58
C THR D 77 -61.82 30.56 12.08
N ALA D 78 -62.02 31.77 11.58
CA ALA D 78 -63.17 32.58 12.00
C ALA D 78 -64.42 32.29 11.16
N ASN D 79 -64.30 31.37 10.22
CA ASN D 79 -65.42 31.00 9.35
C ASN D 79 -65.96 32.21 8.60
N THR D 80 -65.06 33.07 8.13
CA THR D 80 -65.47 34.27 7.39
C THR D 80 -66.06 33.89 6.03
N ALA D 81 -65.62 32.77 5.47
CA ALA D 81 -66.10 32.35 4.16
C ALA D 81 -67.37 31.52 4.22
N GLY D 82 -67.74 31.09 5.42
CA GLY D 82 -68.95 30.32 5.59
C GLY D 82 -68.88 28.85 5.25
N PHE D 83 -67.68 28.32 5.03
CA PHE D 83 -67.53 26.89 4.72
C PHE D 83 -67.29 26.12 6.01
N GLY D 84 -67.34 26.84 7.13
CA GLY D 84 -67.12 26.22 8.42
C GLY D 84 -65.85 26.73 9.06
N ALA D 85 -65.87 26.88 10.37
CA ALA D 85 -64.70 27.37 11.10
C ALA D 85 -63.56 26.37 11.00
N GLY D 86 -62.38 26.85 10.63
CA GLY D 86 -61.23 25.99 10.50
C GLY D 86 -61.08 25.38 9.12
N ALA D 87 -61.99 25.72 8.22
CA ALA D 87 -61.92 25.20 6.86
C ALA D 87 -60.71 25.79 6.16
N VAL D 88 -60.18 25.03 5.20
CA VAL D 88 -59.04 25.50 4.42
C VAL D 88 -59.65 25.96 3.10
N VAL D 89 -59.45 27.22 2.77
CA VAL D 89 -59.98 27.77 1.53
C VAL D 89 -58.83 28.17 0.64
N ALA D 90 -58.86 27.70 -0.60
CA ALA D 90 -57.81 27.98 -1.54
C ALA D 90 -58.32 28.61 -2.84
N LEU D 91 -57.50 29.48 -3.42
CA LEU D 91 -57.81 30.12 -4.69
C LEU D 91 -56.71 29.73 -5.63
N ALA D 92 -57.08 29.30 -6.83
CA ALA D 92 -56.08 28.90 -7.82
C ALA D 92 -56.51 29.34 -9.20
N THR D 93 -55.52 29.77 -10.00
CA THR D 93 -55.76 30.22 -11.35
C THR D 93 -56.02 29.02 -12.26
N GLN D 94 -57.00 29.17 -13.14
CA GLN D 94 -57.33 28.11 -14.10
C GLN D 94 -57.77 28.77 -15.39
N PRO D 95 -57.36 28.22 -16.54
CA PRO D 95 -57.74 28.77 -17.84
C PRO D 95 -59.16 28.35 -18.23
N THR D 96 -60.14 29.19 -17.89
CA THR D 96 -61.53 28.90 -18.19
C THR D 96 -61.70 28.54 -19.67
N ASP D 97 -62.37 27.41 -19.92
CA ASP D 97 -62.62 26.90 -21.26
C ASP D 97 -61.33 26.57 -21.99
N GLY D 98 -60.23 26.44 -21.25
CA GLY D 98 -58.96 26.12 -21.88
C GLY D 98 -58.32 27.32 -22.56
N VAL D 99 -58.90 28.50 -22.35
CA VAL D 99 -58.38 29.72 -22.97
C VAL D 99 -57.39 30.42 -22.02
N ARG D 100 -56.13 30.49 -22.45
CA ARG D 100 -55.10 31.12 -21.63
C ARG D 100 -55.47 32.55 -21.26
N LYS D 101 -56.05 33.30 -22.20
CA LYS D 101 -56.42 34.68 -21.91
C LYS D 101 -57.65 34.82 -21.00
N TYR D 102 -58.22 33.68 -20.60
CA TYR D 102 -59.35 33.70 -19.69
C TYR D 102 -58.94 33.16 -18.32
N GLN D 103 -57.63 33.09 -18.06
CA GLN D 103 -57.16 32.59 -16.77
C GLN D 103 -57.72 33.46 -15.66
N GLU D 104 -58.39 32.81 -14.71
CA GLU D 104 -59.00 33.50 -13.59
C GLU D 104 -58.98 32.65 -12.32
N GLN D 105 -59.44 33.21 -11.22
CA GLN D 105 -59.37 32.53 -9.93
C GLN D 105 -60.56 31.75 -9.41
N TYR D 106 -60.37 30.43 -9.28
CA TYR D 106 -61.38 29.52 -8.78
C TYR D 106 -61.12 29.16 -7.33
N LEU D 107 -62.19 29.02 -6.57
CA LEU D 107 -62.08 28.70 -5.16
C LEU D 107 -62.37 27.23 -4.87
N TYR D 108 -61.57 26.66 -3.98
CA TYR D 108 -61.68 25.28 -3.54
C TYR D 108 -61.70 25.36 -2.02
N TRP D 109 -62.47 24.51 -1.35
CA TRP D 109 -62.51 24.55 0.11
C TRP D 109 -62.42 23.15 0.69
N SER D 110 -61.82 23.06 1.88
CA SER D 110 -61.67 21.78 2.55
C SER D 110 -62.13 21.87 4.01
N THR D 111 -62.78 20.82 4.50
CA THR D 111 -63.24 20.82 5.88
C THR D 111 -62.58 19.70 6.69
N ASP D 112 -61.55 19.10 6.11
CA ASP D 112 -60.83 18.03 6.80
C ASP D 112 -59.36 18.36 7.00
N GLY D 113 -59.05 19.65 7.09
CA GLY D 113 -57.67 20.05 7.30
C GLY D 113 -56.83 20.18 6.05
N GLY D 114 -57.47 20.18 4.89
CA GLY D 114 -56.76 20.33 3.64
C GLY D 114 -56.30 19.03 2.99
N PHE D 115 -57.03 17.94 3.21
CA PHE D 115 -56.67 16.67 2.60
C PHE D 115 -57.55 16.32 1.42
N THR D 116 -58.76 16.88 1.39
CA THR D 116 -59.67 16.68 0.29
C THR D 116 -60.36 18.02 0.07
N PHE D 117 -60.48 18.44 -1.18
CA PHE D 117 -61.12 19.71 -1.52
C PHE D 117 -62.30 19.56 -2.46
N THR D 118 -63.25 20.47 -2.33
CA THR D 118 -64.41 20.50 -3.20
C THR D 118 -64.27 21.79 -3.98
N ALA D 119 -64.55 21.75 -5.28
CA ALA D 119 -64.43 22.93 -6.10
C ALA D 119 -65.71 23.77 -6.09
N LEU D 120 -65.56 25.09 -6.14
CA LEU D 120 -66.69 25.99 -6.19
C LEU D 120 -66.77 26.31 -7.68
N PRO D 121 -67.83 25.83 -8.35
CA PRO D 121 -68.06 26.03 -9.79
C PRO D 121 -67.60 27.34 -10.46
N ASP D 122 -68.11 28.47 -10.00
CA ASP D 122 -67.75 29.74 -10.62
C ASP D 122 -66.59 30.52 -9.99
N PRO D 123 -65.72 31.07 -10.84
CA PRO D 123 -64.56 31.84 -10.37
C PRO D 123 -64.96 33.01 -9.48
N VAL D 124 -64.16 33.27 -8.45
CA VAL D 124 -64.42 34.36 -7.51
C VAL D 124 -63.79 35.68 -7.95
N ILE D 125 -62.85 35.60 -8.88
CA ILE D 125 -62.21 36.80 -9.43
C ILE D 125 -62.11 36.54 -10.93
N VAL D 126 -62.86 37.33 -11.70
CA VAL D 126 -62.92 37.14 -13.15
C VAL D 126 -61.99 38.00 -13.98
N ASN D 127 -61.50 37.40 -15.06
CA ASN D 127 -60.61 38.07 -15.99
C ASN D 127 -61.54 38.62 -17.07
N THR D 128 -62.16 39.76 -16.80
CA THR D 128 -63.06 40.36 -17.79
C THR D 128 -62.25 40.87 -18.97
N ASP D 129 -61.04 41.34 -18.69
CA ASP D 129 -60.14 41.86 -19.73
C ASP D 129 -59.92 40.87 -20.86
N GLY D 130 -59.68 39.61 -20.50
CA GLY D 130 -59.43 38.57 -21.48
C GLY D 130 -60.47 38.41 -22.57
N ARG D 131 -61.74 38.60 -22.24
CA ARG D 131 -62.81 38.45 -23.23
C ARG D 131 -62.83 39.57 -24.28
N ALA D 132 -62.18 40.68 -23.98
CA ALA D 132 -62.16 41.79 -24.92
C ALA D 132 -60.81 41.99 -25.60
N ALA D 133 -59.79 41.29 -25.11
CA ALA D 133 -58.45 41.41 -25.68
C ALA D 133 -58.46 41.08 -27.17
N THR D 134 -58.04 42.06 -27.97
CA THR D 134 -58.01 41.91 -29.42
C THR D 134 -56.58 41.83 -29.98
N THR D 135 -55.79 42.86 -29.73
CA THR D 135 -54.42 42.93 -30.20
C THR D 135 -53.52 41.94 -29.47
N PRO D 136 -52.42 41.51 -30.10
CA PRO D 136 -51.54 40.56 -29.42
C PRO D 136 -51.02 41.13 -28.10
N ALA D 137 -51.07 42.46 -27.97
CA ALA D 137 -50.59 43.14 -26.76
C ALA D 137 -51.60 43.06 -25.61
N GLU D 138 -52.89 43.15 -25.92
CA GLU D 138 -53.92 43.07 -24.89
C GLU D 138 -54.06 41.61 -24.48
N ILE D 139 -53.79 40.72 -25.42
CA ILE D 139 -53.87 39.30 -25.16
C ILE D 139 -52.76 38.87 -24.21
N GLU D 140 -51.59 39.47 -24.39
CA GLU D 140 -50.43 39.16 -23.56
C GLU D 140 -50.70 39.58 -22.12
N ASN D 141 -51.41 40.69 -21.95
CA ASN D 141 -51.73 41.20 -20.62
C ASN D 141 -52.79 40.33 -19.99
N ALA D 142 -53.77 39.92 -20.78
CA ALA D 142 -54.85 39.08 -20.30
C ALA D 142 -54.33 37.70 -19.96
N GLU D 143 -53.20 37.32 -20.56
CA GLU D 143 -52.61 36.01 -20.33
C GLU D 143 -51.64 36.00 -19.15
N TRP D 144 -51.73 37.03 -18.32
CA TRP D 144 -50.89 37.14 -17.12
C TRP D 144 -51.76 37.76 -16.03
N PHE D 145 -52.47 36.89 -15.32
CA PHE D 145 -53.39 37.27 -14.24
C PHE D 145 -53.47 35.97 -13.44
N ARG D 146 -52.46 35.69 -12.63
CA ARG D 146 -52.45 34.43 -11.92
C ARG D 146 -51.70 34.40 -10.60
N ASP D 147 -51.70 33.22 -9.98
CA ASP D 147 -51.02 32.97 -8.72
C ASP D 147 -51.48 33.86 -7.57
N PRO D 148 -52.78 33.85 -7.26
CA PRO D 148 -53.28 34.69 -6.17
C PRO D 148 -52.73 34.26 -4.80
N LYS D 149 -52.25 35.24 -4.03
CA LYS D 149 -51.70 34.97 -2.70
C LYS D 149 -52.58 35.70 -1.71
N ILE D 150 -53.22 34.93 -0.84
CA ILE D 150 -54.15 35.47 0.14
C ILE D 150 -53.53 35.75 1.50
N HIS D 151 -53.87 36.89 2.07
CA HIS D 151 -53.36 37.29 3.37
C HIS D 151 -54.44 37.96 4.23
N TRP D 152 -54.46 37.65 5.51
CA TRP D 152 -55.42 38.26 6.42
C TRP D 152 -54.82 39.56 6.98
N ASP D 153 -55.40 40.68 6.58
CA ASP D 153 -54.95 42.00 7.01
C ASP D 153 -55.50 42.22 8.41
N THR D 154 -54.68 41.96 9.43
CA THR D 154 -55.13 42.10 10.81
C THR D 154 -55.69 43.48 11.16
N ALA D 155 -54.99 44.52 10.73
CA ALA D 155 -55.42 45.89 11.01
C ALA D 155 -56.82 46.20 10.49
N ARG D 156 -57.13 45.76 9.27
CA ARG D 156 -58.43 46.04 8.68
C ARG D 156 -59.48 44.94 8.83
N GLY D 157 -59.07 43.81 9.41
CA GLY D 157 -60.01 42.72 9.61
C GLY D 157 -60.65 42.27 8.31
N GLU D 158 -59.81 41.98 7.32
CA GLU D 158 -60.31 41.54 6.02
C GLU D 158 -59.21 40.83 5.24
N TRP D 159 -59.61 40.12 4.20
CA TRP D 159 -58.64 39.41 3.37
C TRP D 159 -58.13 40.31 2.26
N VAL D 160 -56.83 40.24 2.02
CA VAL D 160 -56.22 40.99 0.95
C VAL D 160 -55.58 39.91 0.07
N CYS D 161 -55.70 40.08 -1.24
CA CYS D 161 -55.15 39.11 -2.20
C CYS D 161 -54.36 39.79 -3.30
N VAL D 162 -53.11 39.37 -3.48
CA VAL D 162 -52.27 39.94 -4.54
C VAL D 162 -52.16 38.95 -5.68
N ILE D 163 -52.29 39.46 -6.90
CA ILE D 163 -52.23 38.64 -8.12
C ILE D 163 -51.15 39.15 -9.07
N GLY D 164 -50.45 38.21 -9.71
CA GLY D 164 -49.39 38.58 -10.64
C GLY D 164 -49.89 38.95 -12.02
N ARG D 165 -49.32 40.04 -12.55
CA ARG D 165 -49.67 40.56 -13.86
C ARG D 165 -48.38 40.85 -14.61
N LEU D 166 -48.50 41.27 -15.87
CA LEU D 166 -47.32 41.56 -16.68
C LEU D 166 -46.61 42.84 -16.25
N ARG D 167 -45.58 42.68 -15.44
CA ARG D 167 -44.78 43.81 -14.93
C ARG D 167 -45.48 44.68 -13.89
N TYR D 168 -46.35 44.07 -13.10
CA TYR D 168 -47.05 44.79 -12.04
C TYR D 168 -47.92 43.81 -11.26
N ALA D 169 -48.31 44.17 -10.05
CA ALA D 169 -49.16 43.32 -9.24
C ALA D 169 -50.52 43.98 -9.02
N ALA D 170 -51.57 43.16 -8.97
CA ALA D 170 -52.92 43.66 -8.75
C ALA D 170 -53.42 43.17 -7.40
N PHE D 171 -54.18 43.99 -6.70
CA PHE D 171 -54.71 43.61 -5.38
C PHE D 171 -56.23 43.62 -5.30
N TYR D 172 -56.76 42.79 -4.42
CA TYR D 172 -58.20 42.69 -4.19
C TYR D 172 -58.42 42.47 -2.69
N THR D 173 -59.56 42.94 -2.17
CA THR D 173 -59.88 42.74 -0.77
C THR D 173 -61.23 42.03 -0.69
N SER D 174 -61.46 41.35 0.41
CA SER D 174 -62.69 40.61 0.60
C SER D 174 -62.92 40.21 2.03
N PRO D 175 -64.20 40.16 2.46
CA PRO D 175 -64.51 39.78 3.84
C PRO D 175 -64.83 38.30 3.95
N ASN D 176 -65.04 37.65 2.80
CA ASN D 176 -65.44 36.25 2.80
C ASN D 176 -64.68 35.30 1.87
N LEU D 177 -63.73 35.84 1.10
CA LEU D 177 -62.94 35.06 0.16
C LEU D 177 -63.73 34.73 -1.11
N ARG D 178 -65.01 35.10 -1.13
CA ARG D 178 -65.87 34.84 -2.28
C ARG D 178 -66.12 36.07 -3.13
N ASP D 179 -66.35 37.20 -2.49
CA ASP D 179 -66.61 38.44 -3.21
C ASP D 179 -65.42 39.37 -3.09
N TRP D 180 -64.79 39.66 -4.21
CA TRP D 180 -63.62 40.51 -4.18
C TRP D 180 -63.80 41.89 -4.79
N THR D 181 -63.10 42.86 -4.20
CA THR D 181 -63.15 44.22 -4.67
C THR D 181 -61.78 44.65 -5.14
N LEU D 182 -61.69 45.04 -6.41
CA LEU D 182 -60.44 45.47 -7.01
C LEU D 182 -59.88 46.70 -6.32
N ARG D 183 -58.58 46.67 -6.05
CA ARG D 183 -57.90 47.78 -5.42
C ARG D 183 -56.89 48.30 -6.43
N ARG D 184 -55.90 49.08 -6.01
CA ARG D 184 -54.96 49.60 -6.99
C ARG D 184 -53.67 48.82 -7.17
N ASN D 185 -53.16 48.85 -8.39
CA ASN D 185 -51.95 48.15 -8.75
C ASN D 185 -50.71 48.70 -8.09
N PHE D 186 -49.70 47.84 -7.99
CA PHE D 186 -48.40 48.23 -7.45
C PHE D 186 -47.49 48.24 -8.68
N ASP D 187 -46.95 49.40 -9.02
CA ASP D 187 -46.05 49.50 -10.16
C ASP D 187 -44.66 49.79 -9.68
N TYR D 188 -43.67 49.37 -10.46
CA TYR D 188 -42.27 49.61 -10.14
C TYR D 188 -41.62 50.13 -11.40
N PRO D 189 -40.70 51.09 -11.25
CA PRO D 189 -39.97 51.74 -12.34
C PRO D 189 -39.11 50.89 -13.27
N ASN D 190 -38.42 49.90 -12.75
CA ASN D 190 -37.55 49.09 -13.59
C ASN D 190 -38.18 47.81 -14.13
N HIS D 191 -38.83 47.88 -15.29
CA HIS D 191 -39.47 46.70 -15.85
C HIS D 191 -38.53 45.63 -16.40
N ALA D 192 -37.25 45.95 -16.48
CA ALA D 192 -36.28 44.96 -16.95
C ALA D 192 -36.00 44.01 -15.78
N LEU D 193 -36.77 44.18 -14.71
CA LEU D 193 -36.67 43.37 -13.52
C LEU D 193 -37.45 42.06 -13.62
N GLY D 194 -38.44 42.02 -14.50
CA GLY D 194 -39.25 40.82 -14.60
C GLY D 194 -40.68 41.18 -14.22
N GLY D 195 -41.64 40.39 -14.69
CA GLY D 195 -43.05 40.72 -14.47
C GLY D 195 -43.97 40.10 -13.44
N ILE D 196 -43.51 39.78 -12.25
CA ILE D 196 -44.40 39.26 -11.21
C ILE D 196 -45.18 37.98 -11.43
N GLU D 197 -44.62 36.90 -10.90
CA GLU D 197 -45.24 35.60 -10.96
C GLU D 197 -45.16 35.13 -9.50
N CYS D 198 -46.13 34.32 -9.08
CA CYS D 198 -46.15 33.81 -7.71
C CYS D 198 -45.83 34.86 -6.65
N PRO D 199 -46.57 35.97 -6.64
CA PRO D 199 -46.34 37.05 -5.67
C PRO D 199 -46.51 36.56 -4.23
N ASP D 200 -45.95 37.31 -3.30
CA ASP D 200 -46.03 36.97 -1.89
C ASP D 200 -46.36 38.26 -1.14
N LEU D 201 -47.15 38.14 -0.09
CA LEU D 201 -47.54 39.30 0.70
C LEU D 201 -47.70 38.80 2.12
N PHE D 202 -47.08 39.49 3.06
CA PHE D 202 -47.20 39.09 4.45
C PHE D 202 -46.69 40.17 5.38
N GLU D 203 -46.92 39.97 6.66
CA GLU D 203 -46.48 40.90 7.69
C GLU D 203 -45.51 40.14 8.59
N ILE D 204 -44.50 40.82 9.07
CA ILE D 204 -43.50 40.19 9.94
C ILE D 204 -42.92 41.18 10.94
N THR D 205 -42.51 40.68 12.10
CA THR D 205 -41.90 41.52 13.13
C THR D 205 -40.39 41.36 12.99
N ALA D 206 -39.67 42.48 12.91
CA ALA D 206 -38.21 42.45 12.77
C ALA D 206 -37.54 42.09 14.09
N ASP D 207 -36.24 41.80 14.05
CA ASP D 207 -35.53 41.43 15.25
C ASP D 207 -35.47 42.55 16.26
N ASP D 208 -35.82 43.77 15.84
CA ASP D 208 -35.80 44.89 16.76
C ASP D 208 -37.20 45.21 17.29
N GLY D 209 -38.17 44.37 16.93
CA GLY D 209 -39.53 44.56 17.38
C GLY D 209 -40.43 45.35 16.46
N THR D 210 -39.86 45.95 15.43
CA THR D 210 -40.65 46.75 14.50
C THR D 210 -41.45 45.84 13.56
N ARG D 211 -42.68 46.27 13.24
CA ARG D 211 -43.58 45.51 12.40
C ARG D 211 -43.55 46.01 10.96
N HIS D 212 -43.46 45.10 9.99
CA HIS D 212 -43.42 45.48 8.58
C HIS D 212 -44.31 44.61 7.69
N TRP D 213 -44.52 45.09 6.47
CA TRP D 213 -45.27 44.36 5.45
C TRP D 213 -44.20 44.01 4.41
N VAL D 214 -44.44 42.96 3.64
CA VAL D 214 -43.49 42.56 2.61
C VAL D 214 -44.23 42.11 1.38
N LEU D 215 -43.83 42.63 0.23
CA LEU D 215 -44.41 42.25 -1.04
C LEU D 215 -43.24 41.64 -1.80
N ALA D 216 -43.46 40.51 -2.43
CA ALA D 216 -42.41 39.84 -3.18
C ALA D 216 -42.98 39.10 -4.37
N ALA D 217 -42.11 38.62 -5.23
CA ALA D 217 -42.53 37.88 -6.42
C ALA D 217 -41.35 37.25 -7.13
N SER D 218 -41.64 36.30 -8.00
CA SER D 218 -40.60 35.65 -8.78
C SER D 218 -40.39 36.55 -10.00
N MET D 219 -39.13 36.83 -10.30
CA MET D 219 -38.79 37.72 -11.39
C MET D 219 -37.90 37.08 -12.44
N ASP D 220 -37.43 37.92 -13.35
CA ASP D 220 -36.51 37.53 -14.41
C ASP D 220 -35.71 38.76 -14.75
N ALA D 221 -34.64 39.00 -13.99
CA ALA D 221 -33.80 40.18 -14.21
C ALA D 221 -32.46 39.84 -14.86
N TYR D 222 -32.41 38.71 -15.54
CA TYR D 222 -31.18 38.28 -16.18
C TYR D 222 -30.65 39.34 -17.14
N GLY D 223 -31.55 39.98 -17.87
CA GLY D 223 -31.15 40.99 -18.83
C GLY D 223 -30.33 42.15 -18.29
N ILE D 224 -30.44 42.42 -17.00
CA ILE D 224 -29.66 43.51 -16.43
C ILE D 224 -28.72 43.03 -15.33
N GLY D 225 -28.29 41.78 -15.46
CA GLY D 225 -27.35 41.20 -14.50
C GLY D 225 -27.87 40.85 -13.12
N LEU D 226 -29.18 40.73 -12.97
CA LEU D 226 -29.74 40.38 -11.67
C LEU D 226 -30.37 39.00 -11.71
N PRO D 227 -30.73 38.44 -10.54
CA PRO D 227 -31.35 37.11 -10.45
C PRO D 227 -32.68 36.90 -11.14
N MET D 228 -33.05 35.64 -11.29
CA MET D 228 -34.32 35.23 -11.89
C MET D 228 -34.98 34.42 -10.79
N THR D 229 -34.98 34.98 -9.58
CA THR D 229 -35.52 34.29 -8.43
C THR D 229 -36.68 35.00 -7.73
N TYR D 230 -36.46 35.37 -6.47
CA TYR D 230 -37.46 36.03 -5.62
C TYR D 230 -36.96 37.40 -5.18
N ALA D 231 -37.69 38.45 -5.57
CA ALA D 231 -37.34 39.80 -5.19
C ALA D 231 -38.41 40.30 -4.23
N TYR D 232 -38.04 41.13 -3.26
CA TYR D 232 -39.05 41.61 -2.32
C TYR D 232 -38.95 43.09 -1.98
N TRP D 233 -40.09 43.67 -1.60
CA TRP D 233 -40.20 45.07 -1.24
C TRP D 233 -40.79 45.21 0.17
N THR D 234 -40.03 45.76 1.11
CA THR D 234 -40.59 45.96 2.43
C THR D 234 -41.43 47.22 2.32
N GLY D 235 -42.57 47.25 3.00
CA GLY D 235 -43.41 48.43 2.94
C GLY D 235 -44.66 48.34 3.77
N THR D 236 -45.75 48.92 3.24
CA THR D 236 -47.02 48.90 3.95
C THR D 236 -48.21 48.77 3.01
N TRP D 237 -49.22 48.02 3.45
CA TRP D 237 -50.45 47.87 2.69
C TRP D 237 -51.48 48.62 3.53
N ASP D 238 -52.15 49.59 2.92
CA ASP D 238 -53.13 50.38 3.66
C ASP D 238 -54.57 50.02 3.37
N GLY D 239 -54.78 48.96 2.59
CA GLY D 239 -56.13 48.53 2.27
C GLY D 239 -56.59 48.86 0.87
N GLU D 240 -55.85 49.74 0.21
CA GLU D 240 -56.18 50.16 -1.14
C GLU D 240 -54.94 50.11 -2.03
N GLN D 241 -53.78 50.32 -1.41
CA GLN D 241 -52.54 50.35 -2.16
C GLN D 241 -51.33 49.88 -1.36
N PHE D 242 -50.28 49.48 -2.05
CA PHE D 242 -49.06 49.06 -1.37
C PHE D 242 -47.97 50.07 -1.61
N HIS D 243 -47.38 50.54 -0.52
CA HIS D 243 -46.32 51.54 -0.57
C HIS D 243 -45.00 50.87 -0.19
N ALA D 244 -44.04 50.87 -1.11
CA ALA D 244 -42.74 50.28 -0.83
C ALA D 244 -41.85 51.36 -0.23
N ASP D 245 -41.02 50.98 0.74
CA ASP D 245 -40.11 51.94 1.36
C ASP D 245 -39.10 52.43 0.31
N ASP D 246 -38.70 51.52 -0.58
CA ASP D 246 -37.76 51.82 -1.65
C ASP D 246 -38.20 51.02 -2.87
N LEU D 247 -38.25 51.66 -4.03
CA LEU D 247 -38.70 50.99 -5.25
C LEU D 247 -37.78 49.93 -5.83
N THR D 248 -36.50 49.99 -5.48
CA THR D 248 -35.55 48.98 -5.95
C THR D 248 -35.68 47.84 -4.95
N PRO D 249 -36.05 46.65 -5.41
CA PRO D 249 -36.22 45.51 -4.52
C PRO D 249 -34.92 44.80 -4.11
N GLN D 250 -35.02 44.00 -3.06
CA GLN D 250 -33.92 43.21 -2.57
C GLN D 250 -34.13 41.79 -3.10
N TRP D 251 -33.12 40.94 -3.02
CA TRP D 251 -33.23 39.58 -3.52
C TRP D 251 -32.99 38.55 -2.43
N LEU D 252 -33.73 37.44 -2.52
CA LEU D 252 -33.60 36.38 -1.53
C LEU D 252 -32.64 35.28 -2.00
N ASP D 253 -32.35 35.22 -3.30
CA ASP D 253 -31.42 34.21 -3.83
C ASP D 253 -30.72 34.73 -5.07
N TRP D 254 -29.44 34.39 -5.22
CA TRP D 254 -28.65 34.83 -6.36
C TRP D 254 -28.23 33.68 -7.25
N GLY D 255 -28.76 32.49 -6.97
CA GLY D 255 -28.45 31.34 -7.78
C GLY D 255 -29.32 31.33 -9.01
N TRP D 256 -29.28 30.23 -9.75
CA TRP D 256 -30.07 30.11 -10.97
C TRP D 256 -31.44 29.49 -10.75
N ASP D 257 -31.54 28.59 -9.79
CA ASP D 257 -32.78 27.87 -9.57
C ASP D 257 -33.45 27.99 -8.21
N TRP D 258 -34.24 29.04 -8.03
CA TRP D 258 -34.96 29.25 -6.79
C TRP D 258 -36.19 30.05 -7.20
N TYR D 259 -37.08 29.38 -7.92
CA TYR D 259 -38.26 30.00 -8.48
C TYR D 259 -39.60 29.65 -7.84
N ALA D 260 -40.58 30.52 -8.05
CA ALA D 260 -41.92 30.31 -7.50
C ALA D 260 -41.87 30.01 -6.00
N ALA D 261 -40.92 30.64 -5.31
CA ALA D 261 -40.76 30.41 -3.88
C ALA D 261 -41.95 30.94 -3.10
N VAL D 262 -42.26 30.24 -2.01
CA VAL D 262 -43.36 30.63 -1.14
C VAL D 262 -42.85 30.66 0.28
N THR D 263 -43.42 31.52 1.11
CA THR D 263 -43.02 31.58 2.51
C THR D 263 -44.26 31.34 3.35
N TRP D 264 -44.07 30.80 4.55
CA TRP D 264 -45.19 30.58 5.46
C TRP D 264 -44.69 30.77 6.90
N PRO D 265 -45.58 31.21 7.80
CA PRO D 265 -45.19 31.43 9.19
C PRO D 265 -44.88 30.14 9.92
N SER D 266 -43.81 30.16 10.70
CA SER D 266 -43.42 28.97 11.45
C SER D 266 -44.44 28.74 12.58
N ILE D 267 -44.61 27.49 12.97
CA ILE D 267 -45.54 27.13 14.03
C ILE D 267 -45.07 27.65 15.39
N ASP D 268 -43.76 27.68 15.60
CA ASP D 268 -43.21 28.14 16.88
C ASP D 268 -43.06 29.65 17.03
N ALA D 269 -42.79 30.35 15.94
CA ALA D 269 -42.63 31.82 16.01
C ALA D 269 -43.20 32.45 14.74
N PRO D 270 -44.53 32.36 14.55
CA PRO D 270 -45.22 32.90 13.40
C PRO D 270 -44.94 34.36 13.05
N GLU D 271 -44.79 35.20 14.06
CA GLU D 271 -44.56 36.62 13.82
C GLU D 271 -43.15 37.04 13.46
N THR D 272 -42.14 36.29 13.94
CA THR D 272 -40.76 36.66 13.67
C THR D 272 -39.96 35.73 12.76
N LYS D 273 -40.45 34.51 12.57
CA LYS D 273 -39.75 33.54 11.74
C LYS D 273 -40.65 32.84 10.75
N ARG D 274 -40.24 32.86 9.50
CA ARG D 274 -40.99 32.21 8.45
C ARG D 274 -40.11 31.15 7.81
N LEU D 275 -40.74 30.21 7.14
CA LEU D 275 -40.04 29.15 6.43
C LEU D 275 -40.32 29.46 4.96
N ALA D 276 -39.41 29.01 4.09
CA ALA D 276 -39.56 29.24 2.66
C ALA D 276 -39.00 28.06 1.89
N ILE D 277 -39.61 27.78 0.75
CA ILE D 277 -39.18 26.69 -0.11
C ILE D 277 -39.42 27.14 -1.54
N ALA D 278 -38.62 26.64 -2.47
CA ALA D 278 -38.78 27.02 -3.86
C ALA D 278 -38.57 25.85 -4.81
N TRP D 279 -39.03 26.04 -6.04
CA TRP D 279 -38.87 25.05 -7.08
C TRP D 279 -37.47 25.28 -7.64
N MET D 280 -36.61 24.28 -7.56
CA MET D 280 -35.27 24.46 -8.08
C MET D 280 -35.24 24.25 -9.58
N ASN D 281 -35.70 25.28 -10.28
CA ASN D 281 -35.73 25.27 -11.73
C ASN D 281 -35.78 26.70 -12.26
N ASN D 282 -35.72 26.84 -13.57
CA ASN D 282 -35.72 28.14 -14.22
C ASN D 282 -36.42 27.93 -15.55
N TRP D 283 -37.41 28.76 -15.85
CA TRP D 283 -38.13 28.61 -17.09
C TRP D 283 -37.29 28.79 -18.34
N LYS D 284 -36.07 29.27 -18.17
CA LYS D 284 -35.19 29.45 -19.31
C LYS D 284 -34.88 28.07 -19.91
N TYR D 285 -35.08 27.02 -19.11
CA TYR D 285 -34.78 25.67 -19.57
C TYR D 285 -35.57 24.56 -18.87
N ALA D 286 -36.51 24.92 -18.01
CA ALA D 286 -37.29 23.93 -17.28
C ALA D 286 -38.03 22.92 -18.17
N ALA D 287 -38.62 23.39 -19.27
CA ALA D 287 -39.36 22.51 -20.18
C ALA D 287 -38.41 21.64 -21.00
N ARG D 288 -38.04 20.50 -20.45
CA ARG D 288 -37.11 19.58 -21.10
C ARG D 288 -37.07 18.30 -20.28
N ASP D 289 -36.38 17.29 -20.78
CA ASP D 289 -36.24 16.07 -20.01
C ASP D 289 -34.93 16.25 -19.25
N VAL D 290 -34.86 15.65 -18.07
CA VAL D 290 -33.69 15.76 -17.21
C VAL D 290 -33.15 14.37 -16.85
N PRO D 291 -31.89 14.28 -16.43
CA PRO D 291 -31.35 12.95 -16.09
C PRO D 291 -32.26 12.08 -15.22
N THR D 292 -32.96 12.69 -14.26
CA THR D 292 -33.83 11.91 -13.39
C THR D 292 -35.05 11.33 -14.11
N ASP D 293 -35.33 11.83 -15.31
CA ASP D 293 -36.45 11.31 -16.09
C ASP D 293 -36.09 9.88 -16.53
N ALA D 294 -34.87 9.71 -17.02
CA ALA D 294 -34.40 8.40 -17.45
C ALA D 294 -34.09 7.47 -16.29
N SER D 295 -33.41 7.98 -15.28
CA SER D 295 -33.02 7.18 -14.13
C SER D 295 -34.11 6.89 -13.09
N ASP D 296 -35.11 7.76 -12.98
CA ASP D 296 -36.13 7.53 -11.98
C ASP D 296 -37.54 7.94 -12.37
N GLY D 297 -37.72 8.37 -13.61
CA GLY D 297 -39.04 8.75 -14.05
C GLY D 297 -39.68 9.97 -13.41
N TYR D 298 -38.88 10.94 -12.99
CA TYR D 298 -39.44 12.16 -12.42
C TYR D 298 -38.60 13.34 -12.88
N ASN D 299 -39.20 14.52 -12.84
CA ASN D 299 -38.50 15.73 -13.28
C ASN D 299 -38.76 16.87 -12.31
N GLY D 300 -37.72 17.28 -11.59
CA GLY D 300 -37.86 18.40 -10.68
C GLY D 300 -37.72 18.13 -9.19
N GLN D 301 -37.14 19.10 -8.50
CA GLN D 301 -36.94 19.03 -7.06
C GLN D 301 -37.11 20.40 -6.41
N ASN D 302 -37.50 20.41 -5.15
CA ASN D 302 -37.64 21.66 -4.43
C ASN D 302 -36.32 21.96 -3.72
N SER D 303 -36.16 23.19 -3.27
CA SER D 303 -34.96 23.57 -2.55
C SER D 303 -35.09 23.04 -1.13
N ILE D 304 -34.03 23.25 -0.36
CA ILE D 304 -34.04 22.86 1.04
C ILE D 304 -34.95 23.93 1.65
N VAL D 305 -35.64 23.62 2.74
CA VAL D 305 -36.49 24.63 3.37
C VAL D 305 -35.58 25.58 4.15
N ARG D 306 -35.78 26.89 3.98
CA ARG D 306 -34.96 27.84 4.71
C ARG D 306 -35.78 28.61 5.74
N GLU D 307 -35.10 29.11 6.76
CA GLU D 307 -35.75 29.90 7.81
C GLU D 307 -35.48 31.35 7.46
N LEU D 308 -36.49 32.19 7.58
CA LEU D 308 -36.33 33.60 7.28
C LEU D 308 -36.71 34.44 8.48
N ARG D 309 -35.96 35.52 8.67
CA ARG D 309 -36.22 36.46 9.75
C ARG D 309 -35.78 37.82 9.20
N LEU D 310 -36.52 38.87 9.56
CA LEU D 310 -36.19 40.20 9.09
C LEU D 310 -35.27 40.85 10.12
N ALA D 311 -34.06 41.18 9.70
CA ALA D 311 -33.07 41.77 10.59
C ALA D 311 -32.75 43.22 10.27
N ARG D 312 -32.63 44.03 11.33
CA ARG D 312 -32.28 45.43 11.20
C ARG D 312 -30.81 45.47 10.80
N GLN D 313 -30.48 46.26 9.77
CA GLN D 313 -29.11 46.37 9.31
C GLN D 313 -28.51 47.69 9.73
N PRO D 314 -27.17 47.76 9.84
CA PRO D 314 -26.48 49.00 10.23
C PRO D 314 -26.96 50.13 9.35
N GLY D 315 -27.43 51.21 9.98
CA GLY D 315 -27.93 52.32 9.19
C GLY D 315 -29.42 52.45 9.40
N GLY D 316 -30.08 51.33 9.67
CA GLY D 316 -31.52 51.38 9.90
C GLY D 316 -32.43 50.80 8.85
N TRP D 317 -31.91 49.96 7.97
CA TRP D 317 -32.77 49.34 6.97
C TRP D 317 -33.02 47.89 7.37
N TYR D 318 -33.92 47.21 6.66
CA TYR D 318 -34.25 45.84 7.00
C TYR D 318 -34.09 44.89 5.84
N THR D 319 -33.65 43.67 6.14
CA THR D 319 -33.45 42.66 5.10
C THR D 319 -33.78 41.28 5.65
N LEU D 320 -34.14 40.37 4.75
CA LEU D 320 -34.46 39.01 5.16
C LEU D 320 -33.21 38.12 5.14
N LEU D 321 -32.85 37.55 6.29
CA LEU D 321 -31.68 36.68 6.39
C LEU D 321 -32.13 35.23 6.27
N SER D 322 -31.39 34.44 5.50
CA SER D 322 -31.72 33.04 5.28
C SER D 322 -30.80 32.06 5.98
N THR D 323 -31.37 30.95 6.43
CA THR D 323 -30.61 29.90 7.08
C THR D 323 -31.34 28.56 6.86
N PRO D 324 -30.60 27.49 6.58
CA PRO D 324 -31.23 26.17 6.37
C PRO D 324 -32.05 25.75 7.58
N VAL D 325 -33.21 25.17 7.34
CA VAL D 325 -34.07 24.72 8.43
C VAL D 325 -33.21 23.99 9.47
N ALA D 326 -33.36 24.38 10.73
CA ALA D 326 -32.61 23.81 11.81
C ALA D 326 -32.70 22.29 11.91
N ALA D 327 -33.87 21.74 11.60
CA ALA D 327 -34.09 20.31 11.68
C ALA D 327 -33.19 19.45 10.77
N LEU D 328 -32.60 20.07 9.74
CA LEU D 328 -31.74 19.31 8.84
C LEU D 328 -30.68 18.54 9.63
N THR D 329 -30.32 19.09 10.78
CA THR D 329 -29.33 18.50 11.68
C THR D 329 -29.67 17.07 12.09
N ASN D 330 -30.96 16.78 12.22
CA ASN D 330 -31.39 15.44 12.63
C ASN D 330 -31.15 14.38 11.56
N TYR D 331 -30.67 14.77 10.39
CA TYR D 331 -30.42 13.82 9.32
C TYR D 331 -28.94 13.58 9.06
N VAL D 332 -28.07 14.30 9.76
CA VAL D 332 -26.63 14.14 9.61
C VAL D 332 -26.24 12.76 10.12
N THR D 333 -25.65 11.94 9.26
CA THR D 333 -25.24 10.60 9.64
C THR D 333 -23.77 10.49 10.04
N ALA D 334 -23.03 11.57 9.83
CA ALA D 334 -21.62 11.58 10.19
C ALA D 334 -21.04 12.99 10.09
N THR D 335 -20.14 13.33 11.01
CA THR D 335 -19.52 14.64 11.03
C THR D 335 -18.01 14.51 10.96
N THR D 336 -17.43 14.95 9.86
CA THR D 336 -15.99 14.86 9.65
C THR D 336 -15.31 16.23 9.65
N THR D 337 -14.37 16.41 10.55
CA THR D 337 -13.62 17.66 10.64
C THR D 337 -12.27 17.43 10.02
N LEU D 338 -11.80 18.40 9.25
CA LEU D 338 -10.50 18.31 8.60
C LEU D 338 -9.59 19.40 9.10
N PRO D 339 -8.31 19.08 9.26
CA PRO D 339 -7.28 20.01 9.74
C PRO D 339 -7.25 21.29 8.92
N ASP D 340 -7.05 22.40 9.60
CA ASP D 340 -6.95 23.69 8.92
C ASP D 340 -5.76 23.56 8.00
N ARG D 341 -5.75 24.33 6.92
CA ARG D 341 -4.65 24.25 6.00
C ARG D 341 -4.57 25.49 5.13
N THR D 342 -3.34 25.81 4.75
CA THR D 342 -3.09 26.95 3.90
C THR D 342 -2.79 26.40 2.53
N VAL D 343 -3.48 26.90 1.52
CA VAL D 343 -3.22 26.44 0.18
C VAL D 343 -2.84 27.63 -0.66
N ASP D 344 -1.90 27.42 -1.57
CA ASP D 344 -1.47 28.47 -2.47
C ASP D 344 -1.44 27.78 -3.81
N GLY D 345 -2.60 27.70 -4.44
CA GLY D 345 -2.70 27.04 -5.72
C GLY D 345 -3.88 26.09 -5.70
N SER D 346 -3.62 24.83 -5.39
CA SER D 346 -4.69 23.85 -5.36
C SER D 346 -4.38 22.70 -4.41
N ALA D 347 -5.41 22.06 -3.88
CA ALA D 347 -5.25 20.94 -2.98
C ALA D 347 -6.54 20.15 -2.84
N VAL D 348 -6.44 18.83 -2.97
CA VAL D 348 -7.61 17.96 -2.87
C VAL D 348 -7.84 17.50 -1.44
N LEU D 349 -9.10 17.49 -1.01
CA LEU D 349 -9.43 17.06 0.35
C LEU D 349 -9.68 15.56 0.37
N PRO D 350 -9.25 14.89 1.46
CA PRO D 350 -9.42 13.45 1.63
C PRO D 350 -10.86 13.08 1.98
N TRP D 351 -11.81 13.57 1.19
CA TRP D 351 -13.21 13.28 1.44
C TRP D 351 -14.01 13.19 0.13
N ASN D 352 -14.97 12.28 0.10
CA ASN D 352 -15.81 12.08 -1.08
C ASN D 352 -17.24 11.76 -0.64
N GLY D 353 -18.22 12.25 -1.39
CA GLY D 353 -19.61 11.99 -1.06
C GLY D 353 -20.55 12.68 -2.03
N ARG D 354 -21.83 12.31 -1.99
CA ARG D 354 -22.82 12.90 -2.89
C ARG D 354 -23.86 13.77 -2.19
N ALA D 355 -24.11 13.49 -0.91
CA ALA D 355 -25.08 14.27 -0.15
C ALA D 355 -24.51 14.70 1.18
N TYR D 356 -24.26 15.99 1.32
CA TYR D 356 -23.67 16.52 2.54
C TYR D 356 -23.73 18.04 2.64
N GLU D 357 -23.27 18.53 3.78
CA GLU D 357 -23.19 19.95 4.07
C GLU D 357 -21.74 20.22 4.49
N ILE D 358 -21.09 21.18 3.86
CA ILE D 358 -19.73 21.49 4.27
C ILE D 358 -19.61 22.95 4.65
N GLU D 359 -18.95 23.20 5.78
CA GLU D 359 -18.73 24.56 6.26
C GLU D 359 -17.24 24.80 6.34
N LEU D 360 -16.84 26.04 6.11
CA LEU D 360 -15.43 26.39 6.16
C LEU D 360 -15.27 27.89 6.18
N ASP D 361 -14.10 28.35 6.58
CA ASP D 361 -13.79 29.76 6.62
C ASP D 361 -12.57 29.97 5.75
N ILE D 362 -12.55 31.02 4.96
CA ILE D 362 -11.40 31.29 4.11
C ILE D 362 -10.87 32.67 4.46
N ALA D 363 -9.55 32.78 4.57
CA ALA D 363 -8.90 34.03 4.88
C ALA D 363 -7.73 34.19 3.95
N TRP D 364 -7.49 35.40 3.47
CA TRP D 364 -6.40 35.64 2.55
C TRP D 364 -5.94 37.08 2.58
N ASP D 365 -4.94 37.39 1.75
CA ASP D 365 -4.40 38.72 1.70
C ASP D 365 -4.31 39.25 0.28
N THR D 366 -3.29 38.84 -0.46
CA THR D 366 -3.11 39.31 -1.82
C THR D 366 -3.82 38.46 -2.88
N ALA D 367 -4.29 37.28 -2.49
CA ALA D 367 -4.97 36.41 -3.44
C ALA D 367 -6.13 37.16 -4.12
N THR D 368 -6.21 37.04 -5.44
CA THR D 368 -7.27 37.71 -6.19
C THR D 368 -8.44 36.78 -6.46
N ASN D 369 -8.28 35.50 -6.09
CA ASN D 369 -9.34 34.53 -6.26
C ASN D 369 -9.10 33.38 -5.28
N VAL D 370 -10.17 32.97 -4.60
CA VAL D 370 -10.11 31.88 -3.64
C VAL D 370 -11.44 31.16 -3.71
N GLY D 371 -11.43 29.85 -3.44
CA GLY D 371 -12.67 29.12 -3.49
C GLY D 371 -12.56 27.65 -3.15
N ILE D 372 -13.66 26.95 -3.37
CA ILE D 372 -13.74 25.51 -3.11
C ILE D 372 -14.47 24.85 -4.27
N SER D 373 -14.04 23.65 -4.64
CA SER D 373 -14.67 22.89 -5.71
C SER D 373 -15.38 21.67 -5.16
N VAL D 374 -16.64 21.49 -5.52
CA VAL D 374 -17.41 20.35 -5.07
C VAL D 374 -17.79 19.52 -6.31
N GLY D 375 -18.24 18.28 -6.06
CA GLY D 375 -18.62 17.39 -7.15
C GLY D 375 -17.45 17.15 -8.08
N ARG D 376 -16.24 17.12 -7.52
CA ARG D 376 -15.04 16.95 -8.33
C ARG D 376 -14.87 15.54 -8.88
N SER D 377 -14.57 15.45 -10.16
CA SER D 377 -14.36 14.16 -10.82
C SER D 377 -12.94 13.69 -10.52
N PRO D 378 -12.69 12.37 -10.59
CA PRO D 378 -11.36 11.82 -10.32
C PRO D 378 -10.25 12.56 -11.03
N ASP D 379 -10.42 12.78 -12.34
CA ASP D 379 -9.42 13.49 -13.14
C ASP D 379 -9.38 14.99 -12.85
N GLY D 380 -10.37 15.48 -12.09
CA GLY D 380 -10.40 16.88 -11.74
C GLY D 380 -10.93 17.89 -12.76
N THR D 381 -11.37 17.41 -13.92
CA THR D 381 -11.85 18.30 -14.97
C THR D 381 -13.31 18.73 -14.76
N ARG D 382 -14.05 17.98 -13.95
CA ARG D 382 -15.44 18.31 -13.68
C ARG D 382 -15.57 18.76 -12.24
N HIS D 383 -16.29 19.87 -12.05
CA HIS D 383 -16.52 20.45 -10.73
C HIS D 383 -17.29 21.75 -10.79
N THR D 384 -17.87 22.12 -9.66
CA THR D 384 -18.61 23.35 -9.50
C THR D 384 -17.81 24.20 -8.50
N ASN D 385 -17.43 25.40 -8.90
CA ASN D 385 -16.64 26.25 -8.01
C ASN D 385 -17.45 27.30 -7.24
N ILE D 386 -17.12 27.45 -5.97
CA ILE D 386 -17.76 28.44 -5.10
C ILE D 386 -16.60 29.27 -4.56
N GLY D 387 -16.56 30.54 -4.94
CA GLY D 387 -15.46 31.37 -4.46
C GLY D 387 -15.76 32.86 -4.38
N LYS D 388 -14.71 33.61 -4.05
CA LYS D 388 -14.78 35.05 -3.92
C LYS D 388 -13.79 35.64 -4.90
N TYR D 389 -14.29 36.52 -5.77
CA TYR D 389 -13.48 37.16 -6.78
C TYR D 389 -14.08 38.52 -7.04
N GLY D 390 -13.25 39.56 -6.96
CA GLY D 390 -13.74 40.91 -7.17
C GLY D 390 -14.82 41.25 -6.16
N ALA D 391 -16.00 41.62 -6.65
CA ALA D 391 -17.10 41.97 -5.80
C ALA D 391 -18.16 40.88 -5.85
N ASP D 392 -17.74 39.70 -6.31
CA ASP D 392 -18.64 38.58 -6.45
C ASP D 392 -18.36 37.39 -5.55
N LEU D 393 -19.42 36.83 -4.97
CA LEU D 393 -19.29 35.59 -4.21
C LEU D 393 -20.02 34.74 -5.24
N TYR D 394 -19.24 34.03 -6.05
CA TYR D 394 -19.78 33.23 -7.13
C TYR D 394 -19.91 31.73 -6.95
N VAL D 395 -20.74 31.14 -7.80
CA VAL D 395 -20.97 29.72 -7.84
C VAL D 395 -20.97 29.40 -9.32
N ASP D 396 -19.92 28.75 -9.80
CA ASP D 396 -19.80 28.42 -11.20
C ASP D 396 -20.00 26.93 -11.45
N ARG D 397 -21.15 26.59 -12.03
CA ARG D 397 -21.47 25.20 -12.33
C ARG D 397 -21.02 24.81 -13.74
N GLY D 398 -20.35 25.73 -14.42
CA GLY D 398 -19.89 25.45 -15.77
C GLY D 398 -19.09 24.17 -15.94
N PRO D 399 -18.01 23.98 -15.17
CA PRO D 399 -17.19 22.76 -15.29
C PRO D 399 -17.94 21.48 -14.95
N SER D 400 -19.17 21.62 -14.50
CA SER D 400 -20.02 20.47 -14.17
C SER D 400 -21.10 20.31 -15.23
N ASP D 401 -21.11 21.19 -16.23
CA ASP D 401 -22.10 21.11 -17.29
C ASP D 401 -22.08 19.72 -17.94
N LEU D 402 -23.27 19.14 -18.08
CA LEU D 402 -23.43 17.81 -18.66
C LEU D 402 -23.89 17.84 -20.12
N ALA D 403 -23.09 17.27 -21.01
CA ALA D 403 -23.41 17.21 -22.42
C ALA D 403 -24.75 16.55 -22.66
N GLY D 404 -25.59 17.17 -23.48
CA GLY D 404 -26.90 16.62 -23.76
C GLY D 404 -27.98 17.16 -22.85
N TYR D 405 -27.57 17.76 -21.74
CA TYR D 405 -28.49 18.35 -20.75
C TYR D 405 -27.85 19.65 -20.31
N SER D 406 -27.21 20.35 -21.24
CA SER D 406 -26.50 21.59 -20.93
C SER D 406 -27.36 22.72 -20.39
N LEU D 407 -26.80 23.44 -19.43
CA LEU D 407 -27.45 24.60 -18.81
C LEU D 407 -26.83 25.88 -19.32
N ALA D 408 -25.85 25.76 -20.21
CA ALA D 408 -25.20 26.95 -20.77
C ALA D 408 -26.22 27.83 -21.49
N PRO D 409 -26.01 29.16 -21.49
CA PRO D 409 -24.90 29.91 -20.89
C PRO D 409 -25.08 30.30 -19.42
N TYR D 410 -26.06 29.71 -18.74
CA TYR D 410 -26.28 30.06 -17.35
C TYR D 410 -25.38 29.21 -16.44
N SER D 411 -24.11 29.56 -16.42
CA SER D 411 -23.11 28.84 -15.65
C SER D 411 -22.57 29.51 -14.40
N ARG D 412 -22.20 30.78 -14.50
CA ARG D 412 -21.63 31.50 -13.38
C ARG D 412 -22.60 32.41 -12.62
N ALA D 413 -23.16 31.92 -11.53
CA ALA D 413 -24.07 32.71 -10.71
C ALA D 413 -23.19 33.54 -9.79
N ALA D 414 -23.70 34.70 -9.37
CA ALA D 414 -22.92 35.55 -8.49
C ALA D 414 -23.73 36.46 -7.57
N ALA D 415 -23.33 36.52 -6.30
CA ALA D 415 -23.97 37.37 -5.31
C ALA D 415 -22.99 38.49 -5.01
N PRO D 416 -23.50 39.68 -4.70
CA PRO D 416 -22.58 40.77 -4.40
C PRO D 416 -21.94 40.59 -3.03
N ILE D 417 -20.66 40.91 -2.94
CA ILE D 417 -19.94 40.83 -1.69
C ILE D 417 -18.97 41.99 -1.63
N ASP D 418 -18.68 42.50 -0.44
CA ASP D 418 -17.75 43.61 -0.29
C ASP D 418 -16.43 43.21 -0.95
N PRO D 419 -16.01 43.92 -2.00
CA PRO D 419 -14.75 43.58 -2.66
C PRO D 419 -13.56 43.71 -1.72
N GLY D 420 -13.71 44.53 -0.69
CA GLY D 420 -12.66 44.72 0.28
C GLY D 420 -12.58 43.56 1.26
N ALA D 421 -13.55 42.66 1.20
CA ALA D 421 -13.56 41.52 2.09
C ALA D 421 -12.34 40.64 1.88
N ARG D 422 -11.74 40.18 2.97
CA ARG D 422 -10.57 39.34 2.90
C ARG D 422 -10.80 38.06 3.68
N SER D 423 -12.07 37.79 3.92
CA SER D 423 -12.48 36.61 4.67
C SER D 423 -13.94 36.33 4.35
N VAL D 424 -14.36 35.08 4.53
CA VAL D 424 -15.75 34.71 4.28
C VAL D 424 -16.07 33.34 4.85
N HIS D 425 -17.31 33.16 5.26
CA HIS D 425 -17.76 31.89 5.80
C HIS D 425 -18.76 31.28 4.84
N LEU D 426 -18.58 30.01 4.51
CA LEU D 426 -19.47 29.35 3.58
C LEU D 426 -20.11 28.10 4.17
N ARG D 427 -21.39 27.92 3.88
CA ARG D 427 -22.12 26.74 4.32
C ARG D 427 -22.68 26.22 3.01
N ILE D 428 -22.22 25.06 2.58
CA ILE D 428 -22.64 24.53 1.30
C ILE D 428 -23.39 23.21 1.35
N LEU D 429 -24.62 23.24 0.83
CA LEU D 429 -25.46 22.05 0.79
C LEU D 429 -25.34 21.41 -0.59
N VAL D 430 -24.82 20.19 -0.61
CA VAL D 430 -24.65 19.44 -1.84
C VAL D 430 -25.52 18.19 -1.85
N ASP D 431 -26.28 18.02 -2.92
CA ASP D 431 -27.11 16.84 -3.07
C ASP D 431 -26.82 16.32 -4.47
N THR D 432 -27.43 15.20 -4.84
CA THR D 432 -27.17 14.58 -6.14
C THR D 432 -27.40 15.44 -7.38
N GLN D 433 -28.33 16.39 -7.31
CA GLN D 433 -28.59 17.24 -8.46
C GLN D 433 -28.62 18.72 -8.11
N SER D 434 -27.95 19.11 -7.02
CA SER D 434 -27.96 20.52 -6.63
C SER D 434 -26.85 20.96 -5.69
N VAL D 435 -26.70 22.28 -5.61
CA VAL D 435 -25.72 22.94 -4.76
C VAL D 435 -26.39 24.22 -4.25
N GLU D 436 -26.45 24.39 -2.93
CA GLU D 436 -27.05 25.56 -2.32
C GLU D 436 -26.01 26.20 -1.39
N VAL D 437 -25.67 27.45 -1.66
CA VAL D 437 -24.67 28.16 -0.88
C VAL D 437 -25.17 29.28 0.03
N PHE D 438 -24.97 29.11 1.34
CA PHE D 438 -25.36 30.12 2.32
C PHE D 438 -24.08 30.82 2.76
N VAL D 439 -23.98 32.11 2.44
CA VAL D 439 -22.80 32.88 2.76
C VAL D 439 -22.91 33.68 4.06
N ASN D 440 -21.84 33.66 4.84
CA ASN D 440 -21.79 34.39 6.11
C ASN D 440 -23.03 34.28 6.98
N ALA D 441 -23.64 35.40 7.32
CA ALA D 441 -24.81 35.40 8.18
C ALA D 441 -26.13 35.16 7.45
N GLY D 442 -26.05 34.88 6.16
CA GLY D 442 -27.26 34.62 5.40
C GLY D 442 -27.87 35.76 4.62
N HIS D 443 -27.13 36.84 4.40
CA HIS D 443 -27.65 37.96 3.61
C HIS D 443 -27.80 37.52 2.16
N THR D 444 -26.85 36.69 1.71
CA THR D 444 -26.86 36.19 0.35
C THR D 444 -26.81 34.67 0.31
N VAL D 445 -27.59 34.10 -0.59
CA VAL D 445 -27.66 32.66 -0.79
C VAL D 445 -27.67 32.43 -2.29
N LEU D 446 -27.14 31.30 -2.74
CA LEU D 446 -27.13 30.97 -4.15
C LEU D 446 -27.51 29.51 -4.30
N SER D 447 -28.64 29.29 -4.97
CA SER D 447 -29.17 27.95 -5.20
C SER D 447 -29.13 27.62 -6.69
N GLN D 448 -28.70 26.40 -7.00
CA GLN D 448 -28.59 25.96 -8.39
C GLN D 448 -28.69 24.46 -8.51
N GLN D 449 -29.30 23.98 -9.57
CA GLN D 449 -29.32 22.55 -9.78
C GLN D 449 -28.02 22.29 -10.57
N VAL D 450 -27.44 21.13 -10.39
CA VAL D 450 -26.21 20.79 -11.09
C VAL D 450 -26.36 19.32 -11.43
N HIS D 451 -26.02 18.97 -12.68
CA HIS D 451 -26.13 17.59 -13.08
C HIS D 451 -24.84 16.83 -12.83
N PHE D 452 -24.60 16.50 -11.56
CA PHE D 452 -23.42 15.76 -11.15
C PHE D 452 -23.40 14.38 -11.78
N ALA D 453 -22.25 14.01 -12.32
CA ALA D 453 -22.08 12.70 -12.94
C ALA D 453 -21.78 11.69 -11.85
N GLU D 454 -21.87 10.41 -12.20
CA GLU D 454 -21.64 9.31 -11.26
C GLU D 454 -20.42 9.49 -10.35
N GLY D 455 -19.27 9.76 -10.94
CA GLY D 455 -18.07 9.91 -10.12
C GLY D 455 -17.73 11.31 -9.63
N ASP D 456 -18.65 12.26 -9.75
CA ASP D 456 -18.37 13.62 -9.29
C ASP D 456 -18.63 13.67 -7.79
N THR D 457 -17.64 13.28 -7.00
CA THR D 457 -17.78 13.21 -5.56
C THR D 457 -16.72 13.93 -4.73
N GLY D 458 -15.64 14.36 -5.37
CA GLY D 458 -14.56 15.02 -4.65
C GLY D 458 -14.73 16.47 -4.26
N ILE D 459 -13.79 16.96 -3.46
CA ILE D 459 -13.77 18.34 -2.99
C ILE D 459 -12.34 18.88 -2.98
N SER D 460 -12.12 20.04 -3.59
CA SER D 460 -10.78 20.63 -3.61
C SER D 460 -10.83 22.10 -3.24
N LEU D 461 -9.70 22.65 -2.85
CA LEU D 461 -9.62 24.06 -2.48
C LEU D 461 -8.67 24.74 -3.45
N TYR D 462 -8.87 26.04 -3.70
CA TYR D 462 -7.99 26.71 -4.63
C TYR D 462 -7.83 28.22 -4.39
N THR D 463 -6.73 28.76 -4.88
CA THR D 463 -6.44 30.19 -4.75
C THR D 463 -5.63 30.61 -5.97
N ASP D 464 -5.70 31.91 -6.28
CA ASP D 464 -4.97 32.46 -7.41
C ASP D 464 -4.32 33.76 -6.95
N GLY D 465 -3.02 33.89 -7.19
CA GLY D 465 -2.31 35.09 -6.81
C GLY D 465 -1.95 35.21 -5.35
N GLY D 466 -1.97 34.10 -4.62
CA GLY D 466 -1.61 34.17 -3.22
C GLY D 466 -2.19 33.06 -2.35
N PRO D 467 -1.61 32.85 -1.17
CA PRO D 467 -2.06 31.81 -0.23
C PRO D 467 -3.35 32.18 0.45
N ALA D 468 -4.04 31.17 0.97
CA ALA D 468 -5.29 31.37 1.67
C ALA D 468 -5.38 30.36 2.81
N HIS D 469 -5.85 30.82 3.95
CA HIS D 469 -5.97 29.96 5.12
C HIS D 469 -7.39 29.40 5.21
N PHE D 470 -7.51 28.09 4.99
CA PHE D 470 -8.80 27.39 5.06
C PHE D 470 -8.94 26.72 6.42
N THR D 471 -9.87 27.22 7.23
CA THR D 471 -10.08 26.70 8.57
C THR D 471 -11.53 26.34 8.88
N GLY D 472 -11.75 25.70 10.03
CA GLY D 472 -13.09 25.33 10.43
C GLY D 472 -13.80 24.43 9.43
N ILE D 473 -13.02 23.61 8.73
CA ILE D 473 -13.54 22.69 7.72
C ILE D 473 -14.26 21.51 8.36
N VAL D 474 -15.56 21.43 8.13
CA VAL D 474 -16.33 20.34 8.68
C VAL D 474 -17.34 19.86 7.64
N VAL D 475 -17.36 18.55 7.41
CA VAL D 475 -18.27 17.96 6.45
C VAL D 475 -19.28 17.08 7.16
N ARG D 476 -20.56 17.39 7.02
CA ARG D 476 -21.60 16.61 7.66
C ARG D 476 -22.38 15.86 6.59
N GLU D 477 -22.24 14.55 6.57
CA GLU D 477 -22.92 13.71 5.59
C GLU D 477 -24.40 13.60 5.96
N ILE D 478 -25.26 13.70 4.97
CA ILE D 478 -26.70 13.64 5.23
C ILE D 478 -27.35 12.39 4.68
N GLY D 479 -28.15 11.76 5.53
CA GLY D 479 -28.85 10.54 5.16
C GLY D 479 -30.27 10.80 4.68
N GLN D 480 -30.83 9.82 3.99
CA GLN D 480 -32.18 9.92 3.43
C GLN D 480 -33.23 10.57 4.34
N ALA D 481 -33.97 11.52 3.77
CA ALA D 481 -35.02 12.22 4.49
C ALA D 481 -36.32 11.47 4.32
#